data_9BNP
#
_entry.id   9BNP
#
_cell.length_a   1.00
_cell.length_b   1.00
_cell.length_c   1.00
_cell.angle_alpha   90.00
_cell.angle_beta   90.00
_cell.angle_gamma   90.00
#
_symmetry.space_group_name_H-M   'P 1'
#
loop_
_entity.id
_entity.type
_entity.pdbx_description
1 polymer 'Envelope glycoprotein Gp120'
2 polymer 'Envelope glycoprotein Gp41'
3 polymer 'V033-a.01 heavy chain'
4 polymer 'V033-a.01 light chain'
5 branched 2-acetamido-2-deoxy-beta-D-glucopyranose-(1-4)-2-acetamido-2-deoxy-beta-D-glucopyranose
6 branched alpha-D-mannopyranose-(1-3)-beta-D-mannopyranose-(1-4)-2-acetamido-2-deoxy-beta-D-glucopyranose-(1-4)-2-acetamido-2-deoxy-beta-D-glucopyranose
7 branched alpha-D-mannopyranose-(1-2)-alpha-D-mannopyranose-(1-3)-[alpha-D-mannopyranose-(1-6)]beta-D-mannopyranose-(1-4)-2-acetamido-2-deoxy-beta-D-glucopyranose-(1-4)-2-acetamido-2-deoxy-beta-D-glucopyranose
8 branched alpha-D-mannopyranose-(1-2)-alpha-D-mannopyranose-(1-3)-[alpha-D-mannopyranose-(1-6)-alpha-D-mannopyranose-(1-6)]beta-D-mannopyranose-(1-4)-2-acetamido-2-deoxy-beta-D-glucopyranose-(1-4)-2-acetamido-2-deoxy-beta-D-glucopyranose
9 branched beta-D-mannopyranose-(1-4)-2-acetamido-2-deoxy-beta-D-glucopyranose-(1-4)-2-acetamido-2-deoxy-beta-D-glucopyranose
10 branched alpha-D-mannopyranose-(1-6)-beta-D-mannopyranose-(1-4)-2-acetamido-2-deoxy-beta-D-glucopyranose-(1-4)-2-acetamido-2-deoxy-beta-D-glucopyranose
11 non-polymer 2-acetamido-2-deoxy-beta-D-glucopyranose
#
loop_
_entity_poly.entity_id
_entity_poly.type
_entity_poly.pdbx_seq_one_letter_code
_entity_poly.pdbx_strand_id
1 'polypeptide(L)'
;NLWVTVYYGVPVWKDAETTLFCASDAKAYETEKHNVWATHACVPTDPNPQEIHLENVTEEFNMWKNNMVEQMHTDIISLW
DQSLKPCVKLTPLCVTLQCTNVTNNITDGELKNCSFNMTTELRDKKQKVYSLFYRLDVVQINENQGNRSNNSNKEYRLIN
CNTSACTQACPKVSFEPIPIHYCAPAGFAILKCKDKKFNGTGPCPSVSTVQCTHGIKPVVSTQLLLNGSLAEEEVMIRSE
NITNNAKNILVQFNTPVQINCTRPNNNTRKSIRIGPGQAFYATGDIIGDIRQAHCNVSKATWNETLGKVVKQLRKHFGNN
TIIRFANSSGGDLEVTTHSFNCGGEFFYCNTSGLFNSTWISNTSVQGSNSTGSNDSITLPCRIKQIINMWQRIGQCMYAP
PIQGVIRCVSNITGLILTRDGGSTNSTTETFRPGGGDMRDNWRSELYKYKVVKIEPLGVAPTRCKRRV
;
A,E,I
2 'polypeptide(L)'
;LGFLGAAGSTMGAASMTLTVQARNLLSGIVQQQSNLLRAIEAQQHLLKLTVWGIKQLQARVLAVERYLRDQQLLGIWGCS
GKLICCTNVPWNSSWSNRNLSEIWDNMTWLQWDKEISNYTQIIYGLLEESQNQQEKNEQDLLALD
;
B,F,J
3 'polypeptide(L)'
;EVQLVESGGGLAKPGGSLRLSCAASGFTFSDFWMNWVRQTPGKGLEWISGINSGGGYTFYADSVKGRFTISRDNSKNTLS
LQMNSLRAEDTAVYFCARVDGDDYGYFDTVPGDSKKYYFKHWGPGVLVTVSS
;
H
4 'polypeptide(L)'
;DIQMTQSPSSLSASVGDKVTITCQASQSINTWLAWFQRKPGKAPKSLIYKASSLESGVPSRFSGSGSGTDFTLTINSLQP
EDFATYFCQQYYSAPYSFGQGTKLEIN
;
L
#
loop_
_chem_comp.id
_chem_comp.type
_chem_comp.name
_chem_comp.formula
BMA D-saccharide, beta linking beta-D-mannopyranose 'C6 H12 O6'
MAN D-saccharide, alpha linking alpha-D-mannopyranose 'C6 H12 O6'
NAG D-saccharide, beta linking 2-acetamido-2-deoxy-beta-D-glucopyranose 'C8 H15 N O6'
#
# COMPACT_ATOMS: atom_id res chain seq x y z
N ASN A 1 8.31 -55.38 30.40
CA ASN A 1 7.92 -54.53 31.51
C ASN A 1 8.52 -53.20 30.99
N LEU A 2 7.99 -52.73 29.87
CA LEU A 2 8.46 -51.49 29.28
C LEU A 2 7.29 -50.56 29.01
N TRP A 3 7.51 -49.26 29.28
CA TRP A 3 6.49 -48.24 29.08
C TRP A 3 7.11 -47.08 28.31
N VAL A 4 6.32 -46.46 27.42
CA VAL A 4 6.85 -45.34 26.64
C VAL A 4 7.04 -44.14 27.57
N THR A 5 8.08 -43.37 27.30
CA THR A 5 8.44 -42.17 28.05
C THR A 5 8.59 -41.02 27.07
N VAL A 6 7.91 -39.92 27.38
CA VAL A 6 7.92 -38.70 26.57
C VAL A 6 9.08 -37.81 27.00
N TYR A 7 9.90 -37.41 26.04
CA TYR A 7 11.04 -36.55 26.27
C TYR A 7 10.85 -35.28 25.45
N TYR A 8 11.00 -34.13 26.09
CA TYR A 8 10.85 -32.84 25.43
C TYR A 8 12.22 -32.20 25.30
N GLY A 9 12.40 -31.40 24.26
CA GLY A 9 13.68 -30.77 24.04
C GLY A 9 14.76 -31.71 23.55
N VAL A 10 14.36 -32.81 22.91
CA VAL A 10 15.31 -33.79 22.39
C VAL A 10 16.15 -33.16 21.29
N PRO A 11 17.48 -33.36 21.28
CA PRO A 11 18.31 -32.75 20.22
C PRO A 11 18.27 -33.57 18.92
N VAL A 12 17.16 -33.44 18.20
CA VAL A 12 16.92 -34.13 16.94
C VAL A 12 16.39 -33.11 15.94
N TRP A 13 16.81 -33.23 14.68
CA TRP A 13 16.38 -32.32 13.64
C TRP A 13 16.09 -33.12 12.38
N LYS A 14 15.66 -32.41 11.34
CA LYS A 14 15.36 -33.02 10.05
C LYS A 14 15.29 -31.91 9.01
N ASP A 15 15.48 -32.28 7.75
CA ASP A 15 15.42 -31.30 6.67
C ASP A 15 14.01 -30.73 6.56
N ALA A 16 13.92 -29.43 6.30
CA ALA A 16 12.64 -28.74 6.18
C ALA A 16 12.90 -27.40 5.50
N GLU A 17 11.82 -26.63 5.31
CA GLU A 17 11.91 -25.34 4.65
C GLU A 17 11.49 -24.23 5.60
N THR A 18 12.18 -23.09 5.50
CA THR A 18 11.88 -21.93 6.34
C THR A 18 12.39 -20.67 5.65
N THR A 19 11.90 -19.54 6.14
CA THR A 19 12.27 -18.22 5.62
C THR A 19 13.33 -17.62 6.54
N LEU A 20 14.60 -17.73 6.15
CA LEU A 20 15.68 -17.19 6.96
C LEU A 20 15.66 -15.66 6.95
N PHE A 21 16.09 -15.07 8.07
CA PHE A 21 16.13 -13.63 8.22
C PHE A 21 17.56 -13.09 8.13
N CYS A 22 17.70 -12.00 7.39
CA CYS A 22 18.98 -11.34 7.15
C CYS A 22 19.51 -10.68 8.42
N ALA A 23 20.81 -10.40 8.40
CA ALA A 23 21.52 -9.75 9.50
C ALA A 23 22.77 -9.12 8.92
N SER A 24 23.19 -7.99 9.50
CA SER A 24 24.37 -7.31 9.00
C SER A 24 25.04 -6.56 10.15
N ASP A 25 26.14 -5.90 9.84
CA ASP A 25 26.90 -5.13 10.82
C ASP A 25 26.08 -3.91 11.26
N HIS A 34 21.97 3.24 2.60
CA HIS A 34 22.51 3.64 1.31
C HIS A 34 23.29 2.50 0.65
N ASN A 35 22.69 1.32 0.61
CA ASN A 35 23.33 0.15 0.01
C ASN A 35 22.24 -0.74 -0.57
N VAL A 36 22.28 -0.95 -1.88
CA VAL A 36 21.29 -1.78 -2.57
C VAL A 36 21.36 -3.24 -2.12
N TRP A 37 22.57 -3.77 -1.95
CA TRP A 37 22.75 -5.16 -1.56
C TRP A 37 22.28 -5.49 -0.16
N ALA A 38 22.16 -4.49 0.72
CA ALA A 38 21.70 -4.69 2.09
C ALA A 38 21.34 -3.36 2.71
N THR A 39 20.08 -3.22 3.13
CA THR A 39 19.58 -2.00 3.75
C THR A 39 19.64 -2.13 5.27
N HIS A 40 19.17 -1.07 5.94
CA HIS A 40 19.15 -1.04 7.40
C HIS A 40 18.09 -1.96 8.00
N ALA A 41 17.21 -2.53 7.17
CA ALA A 41 16.14 -3.41 7.65
C ALA A 41 16.71 -4.63 8.38
N CYS A 42 17.84 -5.16 7.92
CA CYS A 42 18.46 -6.32 8.55
C CYS A 42 18.88 -5.98 9.99
N VAL A 43 18.56 -6.90 10.91
CA VAL A 43 18.87 -6.74 12.33
C VAL A 43 20.39 -6.80 12.51
N PRO A 44 20.95 -6.21 13.58
CA PRO A 44 22.42 -6.28 13.75
C PRO A 44 22.91 -7.71 13.92
N THR A 45 24.12 -7.95 13.41
CA THR A 45 24.71 -9.28 13.50
C THR A 45 25.16 -9.59 14.92
N ASP A 46 25.40 -10.87 15.17
CA ASP A 46 25.85 -11.32 16.47
C ASP A 46 27.34 -11.07 16.59
N PRO A 47 27.80 -10.26 17.55
CA PRO A 47 29.25 -10.01 17.67
C PRO A 47 30.06 -11.26 18.02
N ASN A 48 29.44 -12.22 18.68
CA ASN A 48 30.10 -13.46 19.09
C ASN A 48 29.22 -14.62 18.62
N PRO A 49 29.41 -15.10 17.38
CA PRO A 49 28.61 -16.22 16.87
C PRO A 49 28.81 -17.48 17.69
N GLN A 50 27.72 -18.24 17.87
CA GLN A 50 27.76 -19.47 18.65
C GLN A 50 28.11 -20.64 17.73
N GLU A 51 29.41 -20.80 17.51
CA GLU A 51 29.95 -21.86 16.67
C GLU A 51 30.06 -23.09 17.56
N ILE A 52 28.98 -23.85 17.65
CA ILE A 52 28.96 -25.05 18.50
C ILE A 52 29.31 -26.26 17.65
N HIS A 53 30.40 -26.95 18.00
CA HIS A 53 30.79 -28.12 17.25
C HIS A 53 29.99 -29.33 17.72
N LEU A 54 29.70 -30.25 16.80
CA LEU A 54 28.92 -31.44 17.11
C LEU A 54 29.78 -32.67 16.85
N GLU A 55 30.26 -33.30 17.92
CA GLU A 55 31.07 -34.50 17.76
C GLU A 55 30.18 -35.70 17.53
N ASN A 56 30.72 -36.69 16.80
CA ASN A 56 30.05 -37.94 16.43
C ASN A 56 28.77 -37.71 15.63
N VAL A 57 28.66 -36.58 14.93
CA VAL A 57 27.48 -36.23 14.14
C VAL A 57 27.85 -36.28 12.67
N THR A 58 27.01 -36.95 11.88
CA THR A 58 27.19 -37.09 10.44
C THR A 58 25.88 -36.75 9.76
N GLU A 59 25.90 -35.78 8.86
CA GLU A 59 24.71 -35.34 8.15
C GLU A 59 24.97 -35.37 6.64
N GLU A 60 23.96 -35.72 5.87
CA GLU A 60 24.07 -35.81 4.41
C GLU A 60 23.79 -34.43 3.80
N PHE A 61 24.86 -33.72 3.44
CA PHE A 61 24.70 -32.40 2.85
C PHE A 61 24.47 -32.52 1.35
N ASN A 62 23.91 -31.43 0.78
CA ASN A 62 23.62 -31.34 -0.65
C ASN A 62 23.46 -29.88 -1.00
N MET A 63 24.33 -29.35 -1.87
CA MET A 63 24.25 -27.94 -2.26
C MET A 63 23.38 -27.68 -3.47
N TRP A 64 23.02 -28.71 -4.23
CA TRP A 64 22.18 -28.55 -5.42
C TRP A 64 20.70 -28.52 -5.09
N LYS A 65 20.26 -29.33 -4.14
CA LYS A 65 18.85 -29.31 -3.77
C LYS A 65 18.59 -28.33 -2.63
N ASN A 66 19.63 -27.62 -2.18
CA ASN A 66 19.48 -26.66 -1.10
C ASN A 66 18.57 -25.51 -1.52
N ASN A 67 17.67 -25.13 -0.63
CA ASN A 67 16.73 -24.05 -0.89
C ASN A 67 17.25 -22.68 -0.47
N MET A 68 18.39 -22.63 0.22
CA MET A 68 18.94 -21.34 0.65
C MET A 68 19.34 -20.49 -0.55
N VAL A 69 19.85 -21.12 -1.61
CA VAL A 69 20.25 -20.36 -2.79
C VAL A 69 19.03 -19.71 -3.46
N GLU A 70 17.93 -20.46 -3.63
CA GLU A 70 16.73 -19.90 -4.26
C GLU A 70 16.12 -18.79 -3.41
N GLN A 71 16.04 -19.02 -2.10
CA GLN A 71 15.47 -18.02 -1.19
C GLN A 71 16.30 -16.75 -1.16
N MET A 72 17.64 -16.88 -1.09
CA MET A 72 18.48 -15.69 -1.07
C MET A 72 18.42 -14.98 -2.42
N HIS A 73 18.25 -15.76 -3.51
CA HIS A 73 18.14 -15.18 -4.83
C HIS A 73 16.88 -14.32 -4.92
N THR A 74 15.76 -14.84 -4.38
CA THR A 74 14.51 -14.10 -4.35
C THR A 74 14.65 -12.84 -3.51
N ASP A 75 15.37 -12.96 -2.39
CA ASP A 75 15.61 -11.80 -1.52
C ASP A 75 16.39 -10.72 -2.26
N ILE A 76 17.47 -11.12 -2.95
CA ILE A 76 18.29 -10.17 -3.71
C ILE A 76 17.45 -9.49 -4.79
N ILE A 77 16.56 -10.26 -5.43
CA ILE A 77 15.67 -9.71 -6.44
C ILE A 77 14.78 -8.64 -5.81
N SER A 78 14.24 -8.93 -4.62
CA SER A 78 13.38 -7.96 -3.92
C SER A 78 14.13 -6.68 -3.57
N LEU A 79 15.35 -6.80 -3.03
CA LEU A 79 16.14 -5.61 -2.70
C LEU A 79 16.46 -4.78 -3.94
N TRP A 80 16.87 -5.45 -5.02
CA TRP A 80 17.21 -4.74 -6.25
C TRP A 80 15.98 -4.04 -6.83
N ASP A 81 14.82 -4.68 -6.77
CA ASP A 81 13.60 -4.07 -7.30
C ASP A 81 13.18 -2.87 -6.45
N GLN A 82 13.20 -3.02 -5.13
CA GLN A 82 12.78 -1.94 -4.23
C GLN A 82 13.75 -0.77 -4.21
N SER A 83 15.05 -1.02 -4.44
CA SER A 83 16.05 0.05 -4.42
C SER A 83 15.86 1.06 -5.54
N LEU A 84 15.26 0.67 -6.66
CA LEU A 84 15.09 1.61 -7.77
C LEU A 84 13.80 2.40 -7.67
N LYS A 85 12.84 1.93 -6.88
CA LYS A 85 11.56 2.62 -6.74
C LYS A 85 11.63 4.05 -6.19
N PRO A 86 12.45 4.42 -5.15
CA PRO A 86 12.39 5.81 -4.67
C PRO A 86 13.14 6.86 -5.48
N CYS A 87 13.55 6.57 -6.72
CA CYS A 87 14.25 7.56 -7.52
C CYS A 87 13.68 7.58 -8.94
N VAL A 88 14.08 8.64 -9.65
CA VAL A 88 13.67 9.00 -11.01
C VAL A 88 13.64 7.85 -12.02
N LYS A 89 12.65 7.89 -12.90
CA LYS A 89 12.47 6.93 -13.98
C LYS A 89 12.82 7.64 -15.28
N LEU A 90 13.44 6.92 -16.20
CA LEU A 90 13.86 7.50 -17.47
C LEU A 90 12.87 7.25 -18.60
N THR A 91 11.58 7.27 -18.32
CA THR A 91 10.59 7.06 -19.38
C THR A 91 10.51 8.15 -20.46
N PRO A 92 10.76 9.45 -20.24
CA PRO A 92 10.65 10.37 -21.38
C PRO A 92 11.92 10.44 -22.21
N LEU A 93 12.97 9.71 -21.83
CA LEU A 93 14.23 9.73 -22.55
C LEU A 93 14.21 8.91 -23.83
N CYS A 94 13.23 8.03 -24.00
CA CYS A 94 13.17 7.23 -25.22
C CYS A 94 12.70 8.12 -26.36
N VAL A 95 13.64 8.71 -27.09
CA VAL A 95 13.38 9.61 -28.22
C VAL A 95 14.46 9.40 -29.27
N THR A 96 14.25 10.01 -30.43
CA THR A 96 15.20 9.94 -31.54
C THR A 96 16.52 10.58 -31.12
N LEU A 97 17.63 9.90 -31.43
CA LEU A 97 18.96 10.38 -31.07
C LEU A 97 19.79 10.62 -32.31
N GLN A 98 20.34 11.82 -32.45
CA GLN A 98 21.21 12.17 -33.57
C GLN A 98 22.64 11.95 -33.08
N CYS A 99 23.12 10.73 -33.22
CA CYS A 99 24.46 10.36 -32.76
C CYS A 99 25.51 10.48 -33.85
N THR A 100 26.72 10.88 -33.44
CA THR A 100 27.87 11.02 -34.33
C THR A 100 29.08 10.45 -33.63
N ASN A 101 29.92 9.71 -34.38
CA ASN A 101 31.09 9.06 -33.82
C ASN A 101 32.03 10.07 -33.18
N VAL A 102 32.57 9.71 -32.02
CA VAL A 102 33.57 10.54 -31.37
C VAL A 102 34.93 10.25 -31.98
N THR A 103 35.64 11.30 -32.42
CA THR A 103 36.94 11.07 -33.03
C THR A 103 37.99 11.97 -32.40
N ASN A 104 37.72 12.47 -31.20
CA ASN A 104 38.65 13.33 -30.48
C ASN A 104 39.59 12.43 -29.69
N ASN A 105 40.65 11.96 -30.36
CA ASN A 105 41.65 11.03 -29.79
C ASN A 105 41.00 9.67 -29.54
N ILE A 106 41.01 8.76 -30.52
CA ILE A 106 40.33 7.48 -30.37
C ILE A 106 41.07 6.37 -31.12
N THR A 107 40.87 5.13 -30.65
CA THR A 107 41.37 3.88 -31.18
C THR A 107 40.23 2.92 -31.47
N ASP A 108 39.43 2.64 -30.44
CA ASP A 108 38.06 2.27 -30.14
C ASP A 108 37.05 3.38 -30.39
N GLY A 109 36.32 3.26 -31.49
CA GLY A 109 35.26 4.19 -31.86
C GLY A 109 33.89 3.81 -31.32
N GLU A 110 33.85 2.95 -30.29
CA GLU A 110 32.60 2.42 -29.75
C GLU A 110 31.69 3.48 -29.13
N LEU A 111 32.19 4.68 -28.81
CA LEU A 111 31.36 5.67 -28.15
C LEU A 111 30.62 6.50 -29.19
N LYS A 112 29.40 6.94 -28.84
CA LYS A 112 28.55 7.73 -29.71
C LYS A 112 28.15 9.03 -29.03
N ASN A 113 28.34 10.15 -29.72
CA ASN A 113 27.98 11.48 -29.20
C ASN A 113 26.57 11.75 -29.71
N CYS A 114 25.56 11.57 -28.85
CA CYS A 114 24.18 11.75 -29.24
C CYS A 114 23.62 13.06 -28.71
N SER A 115 22.64 13.60 -29.43
CA SER A 115 21.97 14.84 -29.07
C SER A 115 20.48 14.61 -29.19
N PHE A 116 19.69 15.31 -28.38
CA PHE A 116 18.25 15.13 -28.41
C PHE A 116 17.55 16.27 -27.67
N ASN A 117 16.22 16.31 -27.88
CA ASN A 117 15.36 17.29 -27.24
C ASN A 117 14.77 16.65 -25.98
N MET A 118 15.18 17.16 -24.82
CA MET A 118 14.74 16.68 -23.53
C MET A 118 13.82 17.71 -22.90
N THR A 119 12.80 17.25 -22.19
CA THR A 119 11.88 18.18 -21.56
C THR A 119 12.54 18.79 -20.33
N THR A 120 12.34 20.08 -20.13
CA THR A 120 12.92 20.76 -18.98
C THR A 120 11.91 20.71 -17.84
N GLU A 121 12.14 21.53 -16.79
CA GLU A 121 11.25 21.57 -15.64
C GLU A 121 9.83 21.95 -16.06
N LEU A 122 9.70 22.88 -16.99
CA LEU A 122 8.40 23.30 -17.49
C LEU A 122 7.97 22.33 -18.58
N ARG A 123 6.69 21.94 -18.56
CA ARG A 123 6.19 20.99 -19.55
C ARG A 123 6.14 21.60 -20.94
N ASP A 124 5.80 22.89 -21.04
CA ASP A 124 5.67 23.57 -22.32
C ASP A 124 7.00 24.07 -22.90
N LYS A 125 8.15 23.67 -22.36
CA LYS A 125 9.44 24.12 -22.87
C LYS A 125 10.39 22.94 -23.04
N LYS A 126 11.13 22.94 -24.15
CA LYS A 126 12.09 21.89 -24.47
C LYS A 126 13.49 22.32 -24.07
N GLN A 127 14.46 21.44 -24.34
CA GLN A 127 15.87 21.69 -24.01
C GLN A 127 16.74 20.80 -24.88
N LYS A 128 17.65 21.38 -25.66
CA LYS A 128 18.52 20.59 -26.51
C LYS A 128 19.76 20.23 -25.70
N VAL A 129 20.01 18.93 -25.52
CA VAL A 129 21.14 18.44 -24.75
C VAL A 129 21.85 17.32 -25.50
N TYR A 130 23.06 17.02 -25.06
CA TYR A 130 23.89 15.98 -25.66
C TYR A 130 24.45 15.08 -24.56
N SER A 131 24.64 13.81 -24.92
CA SER A 131 25.18 12.82 -23.98
C SER A 131 25.94 11.76 -24.76
N LEU A 132 26.97 11.22 -24.13
CA LEU A 132 27.78 10.16 -24.73
C LEU A 132 27.19 8.81 -24.33
N PHE A 133 26.91 7.96 -25.30
CA PHE A 133 26.36 6.64 -25.05
C PHE A 133 27.19 5.61 -25.79
N TYR A 134 27.38 4.45 -25.17
CA TYR A 134 28.13 3.41 -25.83
C TYR A 134 27.27 2.81 -26.93
N ARG A 135 27.91 2.25 -27.97
CA ARG A 135 27.17 1.68 -29.08
C ARG A 135 26.30 0.50 -28.68
N LEU A 136 26.58 -0.10 -27.51
CA LEU A 136 25.76 -1.23 -27.05
C LEU A 136 24.40 -0.74 -26.56
N ASP A 137 24.31 0.51 -26.11
CA ASP A 137 23.08 1.08 -25.61
C ASP A 137 22.24 1.78 -26.67
N VAL A 138 22.71 1.88 -27.92
CA VAL A 138 21.95 2.54 -28.96
C VAL A 138 21.84 1.64 -30.17
N VAL A 139 20.77 1.82 -30.94
CA VAL A 139 20.50 1.05 -32.14
C VAL A 139 19.88 1.99 -33.18
N GLN A 140 20.28 1.82 -34.44
CA GLN A 140 19.77 2.66 -35.52
C GLN A 140 18.27 2.42 -35.74
N ILE A 141 17.58 3.48 -36.12
CA ILE A 141 16.15 3.41 -36.38
C ILE A 141 15.91 3.03 -37.83
N SER A 152 17.36 6.05 -41.03
CA SER A 152 18.51 6.90 -41.33
C SER A 152 19.71 6.56 -40.45
N ASN A 153 20.90 6.59 -41.04
CA ASN A 153 22.14 6.29 -40.32
C ASN A 153 22.45 7.32 -39.24
N LYS A 154 21.89 8.53 -39.34
CA LYS A 154 22.14 9.57 -38.36
C LYS A 154 21.23 9.45 -37.14
N GLU A 155 20.04 8.89 -37.31
CA GLU A 155 19.09 8.73 -36.22
C GLU A 155 19.31 7.43 -35.45
N TYR A 156 19.26 7.53 -34.12
CA TYR A 156 19.44 6.37 -33.24
C TYR A 156 18.35 6.38 -32.18
N ARG A 157 18.26 5.27 -31.46
CA ARG A 157 17.29 5.08 -30.39
C ARG A 157 17.97 4.30 -29.28
N LEU A 158 17.66 4.64 -28.03
CA LEU A 158 18.27 3.94 -26.91
C LEU A 158 17.79 2.49 -26.87
N ILE A 159 18.69 1.58 -26.49
CA ILE A 159 18.34 0.17 -26.40
C ILE A 159 17.33 -0.04 -25.28
N ASN A 160 16.52 -1.09 -25.41
CA ASN A 160 15.46 -1.54 -24.53
C ASN A 160 14.24 -0.62 -24.54
N CYS A 161 14.23 0.43 -25.38
CA CYS A 161 13.08 1.34 -25.47
C CYS A 161 11.83 0.65 -25.99
N ASN A 162 11.99 -0.46 -26.71
CA ASN A 162 10.87 -1.21 -27.25
C ASN A 162 10.45 -2.33 -26.32
N THR A 163 11.05 -2.43 -25.14
CA THR A 163 10.74 -3.46 -24.16
C THR A 163 10.25 -2.91 -22.84
N SER A 164 10.78 -1.78 -22.35
CA SER A 164 10.39 -1.15 -21.09
C SER A 164 11.15 0.16 -20.91
N ALA A 165 10.71 0.94 -19.93
CA ALA A 165 11.31 2.22 -19.59
C ALA A 165 12.27 1.98 -18.43
N CYS A 166 13.57 2.12 -18.70
CA CYS A 166 14.58 1.90 -17.67
C CYS A 166 14.49 2.95 -16.57
N THR A 167 14.89 2.55 -15.36
CA THR A 167 14.89 3.41 -14.20
C THR A 167 16.32 3.75 -13.82
N GLN A 168 16.65 5.05 -13.78
CA GLN A 168 17.99 5.47 -13.42
C GLN A 168 18.30 5.08 -11.98
N ALA A 169 19.50 4.53 -11.77
CA ALA A 169 19.92 4.11 -10.44
C ALA A 169 20.04 5.29 -9.49
N CYS A 170 19.59 5.08 -8.25
CA CYS A 170 19.62 6.11 -7.22
C CYS A 170 21.08 6.41 -6.89
N PRO A 171 21.57 7.64 -7.09
CA PRO A 171 22.97 7.95 -6.76
C PRO A 171 23.29 7.86 -5.27
N LYS A 172 22.29 8.02 -4.41
CA LYS A 172 22.51 7.96 -2.97
C LYS A 172 22.97 6.57 -2.53
N VAL A 173 22.36 5.52 -3.09
CA VAL A 173 22.71 4.15 -2.75
C VAL A 173 23.84 3.65 -3.64
N SER A 174 24.78 2.95 -3.03
CA SER A 174 25.94 2.40 -3.71
C SER A 174 25.77 0.92 -3.96
N PHE A 175 26.55 0.40 -4.91
CA PHE A 175 26.51 -1.01 -5.28
C PHE A 175 27.55 -1.84 -4.55
N GLU A 176 28.13 -1.32 -3.48
CA GLU A 176 29.14 -2.04 -2.71
C GLU A 176 28.54 -3.27 -2.03
N PRO A 177 29.04 -4.48 -2.29
CA PRO A 177 28.48 -5.68 -1.64
C PRO A 177 28.89 -5.85 -0.19
N ILE A 178 28.18 -5.22 0.75
CA ILE A 178 28.52 -5.37 2.16
C ILE A 178 28.13 -6.80 2.56
N PRO A 179 28.83 -7.43 3.51
CA PRO A 179 28.50 -8.82 3.88
C PRO A 179 27.08 -8.97 4.43
N ILE A 180 26.49 -10.12 4.18
CA ILE A 180 25.15 -10.45 4.62
C ILE A 180 25.22 -11.75 5.42
N HIS A 181 24.71 -11.72 6.64
CA HIS A 181 24.68 -12.87 7.55
C HIS A 181 23.26 -13.43 7.58
N TYR A 182 23.09 -14.62 7.05
CA TYR A 182 21.78 -15.27 7.03
C TYR A 182 21.61 -16.08 8.30
N CYS A 183 20.51 -15.84 9.02
CA CYS A 183 20.24 -16.54 10.26
C CYS A 183 18.88 -17.20 10.20
N ALA A 184 18.78 -18.37 10.83
CA ALA A 184 17.52 -19.09 10.84
C ALA A 184 16.63 -18.57 11.97
N PRO A 185 15.31 -18.66 11.84
CA PRO A 185 14.43 -18.18 12.91
C PRO A 185 14.40 -19.16 14.07
N ALA A 186 13.62 -18.81 15.09
CA ALA A 186 13.50 -19.67 16.27
C ALA A 186 12.89 -21.02 15.90
N GLY A 187 13.42 -22.08 16.51
CA GLY A 187 12.96 -23.41 16.24
C GLY A 187 13.75 -24.14 15.18
N PHE A 188 14.54 -23.42 14.40
CA PHE A 188 15.36 -23.99 13.34
C PHE A 188 16.83 -23.82 13.69
N ALA A 189 17.69 -24.43 12.88
CA ALA A 189 19.13 -24.35 13.10
C ALA A 189 19.84 -24.47 11.77
N ILE A 190 21.08 -24.00 11.72
CA ILE A 190 21.89 -24.06 10.50
C ILE A 190 23.11 -24.92 10.78
N LEU A 191 23.29 -25.96 9.95
CA LEU A 191 24.41 -26.87 10.09
C LEU A 191 25.50 -26.49 9.09
N LYS A 192 26.69 -26.22 9.61
CA LYS A 192 27.87 -25.85 8.86
C LYS A 192 28.78 -27.06 8.74
N CYS A 193 29.13 -27.43 7.50
CA CYS A 193 30.01 -28.57 7.24
C CYS A 193 31.45 -28.12 7.39
N LYS A 194 32.07 -28.45 8.52
CA LYS A 194 33.45 -28.07 8.80
C LYS A 194 34.48 -28.97 8.13
N ASP A 195 34.08 -30.13 7.62
CA ASP A 195 35.01 -31.05 6.98
C ASP A 195 35.63 -30.45 5.73
N LYS A 196 36.95 -30.62 5.60
CA LYS A 196 37.67 -30.13 4.45
C LYS A 196 37.52 -31.14 3.31
N LYS A 197 37.89 -30.71 2.09
CA LYS A 197 37.82 -31.51 0.87
C LYS A 197 36.39 -31.98 0.58
N PHE A 198 35.40 -31.19 1.00
CA PHE A 198 34.00 -31.51 0.79
C PHE A 198 33.62 -31.16 -0.64
N ASN A 199 33.11 -32.14 -1.37
CA ASN A 199 32.72 -31.95 -2.77
C ASN A 199 31.29 -31.43 -2.95
N GLY A 200 30.64 -30.97 -1.87
CA GLY A 200 29.30 -30.43 -1.96
C GLY A 200 28.14 -31.40 -1.92
N THR A 201 28.39 -32.70 -1.74
CA THR A 201 27.31 -33.68 -1.70
C THR A 201 27.79 -34.87 -0.88
N GLY A 202 26.89 -35.46 -0.10
CA GLY A 202 27.28 -36.62 0.70
C GLY A 202 27.44 -36.30 2.17
N PRO A 203 27.70 -37.35 2.98
CA PRO A 203 27.86 -37.13 4.42
C PRO A 203 29.07 -36.27 4.77
N CYS A 204 28.88 -35.47 5.81
CA CYS A 204 29.89 -34.54 6.34
C CYS A 204 30.34 -35.04 7.71
N PRO A 205 31.54 -35.59 7.87
CA PRO A 205 31.97 -36.09 9.19
C PRO A 205 32.07 -35.02 10.28
N SER A 206 32.49 -33.79 9.97
CA SER A 206 32.64 -32.73 10.95
C SER A 206 31.57 -31.67 10.71
N VAL A 207 30.56 -31.63 11.58
CA VAL A 207 29.45 -30.69 11.46
C VAL A 207 29.35 -29.85 12.73
N SER A 208 29.06 -28.57 12.56
CA SER A 208 28.91 -27.66 13.68
C SER A 208 27.69 -26.79 13.43
N THR A 209 26.92 -26.52 14.47
CA THR A 209 25.72 -25.72 14.34
C THR A 209 26.03 -24.26 14.68
N VAL A 210 25.42 -23.37 13.93
CA VAL A 210 25.59 -21.94 14.12
C VAL A 210 24.27 -21.24 13.83
N GLN A 211 23.96 -20.20 14.61
CA GLN A 211 22.70 -19.49 14.40
C GLN A 211 22.76 -18.59 13.17
N CYS A 212 23.91 -18.04 12.83
CA CYS A 212 24.06 -17.16 11.68
C CYS A 212 25.22 -17.61 10.81
N THR A 213 25.02 -17.56 9.49
CA THR A 213 26.07 -17.94 8.56
C THR A 213 27.13 -16.85 8.50
N HIS A 214 28.29 -17.20 7.93
CA HIS A 214 29.39 -16.25 7.79
C HIS A 214 29.00 -15.14 6.80
N GLY A 215 29.80 -14.07 6.81
CA GLY A 215 29.54 -12.96 5.92
C GLY A 215 29.63 -13.33 4.46
N ILE A 216 28.47 -13.42 3.81
CA ILE A 216 28.40 -13.77 2.40
C ILE A 216 28.38 -12.49 1.59
N LYS A 217 29.37 -12.30 0.74
CA LYS A 217 29.43 -11.10 -0.08
C LYS A 217 28.49 -11.28 -1.26
N PRO A 218 27.47 -10.44 -1.42
CA PRO A 218 26.51 -10.58 -2.54
C PRO A 218 27.08 -9.99 -3.83
N VAL A 219 28.06 -10.67 -4.38
CA VAL A 219 28.72 -10.24 -5.61
C VAL A 219 28.00 -10.83 -6.82
N VAL A 220 27.97 -10.05 -7.89
CA VAL A 220 27.36 -10.46 -9.15
C VAL A 220 28.46 -10.53 -10.18
N SER A 221 28.66 -11.72 -10.75
CA SER A 221 29.69 -11.92 -11.74
C SER A 221 29.27 -13.08 -12.62
N THR A 222 29.92 -13.19 -13.77
CA THR A 222 29.64 -14.24 -14.74
C THR A 222 30.97 -14.76 -15.28
N GLN A 223 31.11 -16.08 -15.35
CA GLN A 223 32.23 -16.88 -15.83
C GLN A 223 33.41 -16.93 -14.85
N LEU A 224 33.43 -16.11 -13.81
CA LEU A 224 34.50 -16.08 -12.82
C LEU A 224 33.89 -15.58 -11.52
N LEU A 225 34.36 -16.12 -10.40
CA LEU A 225 33.87 -15.73 -9.09
C LEU A 225 34.86 -14.75 -8.46
N LEU A 226 34.35 -13.63 -7.96
CA LEU A 226 35.18 -12.60 -7.36
C LEU A 226 34.79 -12.35 -5.91
N ASN A 227 35.80 -12.02 -5.10
CA ASN A 227 35.66 -11.71 -3.67
C ASN A 227 34.92 -12.80 -2.89
N GLY A 228 35.17 -14.06 -3.27
CA GLY A 228 34.53 -15.17 -2.61
C GLY A 228 35.39 -15.78 -1.50
N SER A 229 34.89 -16.87 -0.95
CA SER A 229 35.57 -17.59 0.12
C SER A 229 36.49 -18.62 -0.50
N LEU A 230 37.77 -18.56 -0.12
CA LEU A 230 38.74 -19.49 -0.68
C LEU A 230 38.59 -20.88 -0.05
N ALA A 231 39.17 -21.87 -0.73
CA ALA A 231 39.13 -23.24 -0.28
C ALA A 231 39.98 -23.43 0.99
N GLU A 232 39.98 -24.65 1.52
CA GLU A 232 40.76 -24.91 2.73
C GLU A 232 42.19 -25.34 2.46
N GLU A 233 42.39 -26.32 1.57
CA GLU A 233 43.75 -26.79 1.31
C GLU A 233 44.11 -26.92 -0.16
N GLU A 234 43.12 -27.12 -1.04
CA GLU A 234 43.40 -27.27 -2.46
C GLU A 234 42.16 -26.90 -3.26
N VAL A 235 42.36 -26.79 -4.58
CA VAL A 235 41.28 -26.44 -5.49
C VAL A 235 40.22 -27.54 -5.46
N MET A 236 38.95 -27.15 -5.48
CA MET A 236 37.85 -28.09 -5.43
C MET A 236 36.97 -27.97 -6.67
N ILE A 237 36.64 -29.12 -7.26
CA ILE A 237 35.78 -29.22 -8.43
C ILE A 237 34.45 -29.79 -7.96
N ARG A 238 33.37 -29.09 -8.25
CA ARG A 238 32.04 -29.49 -7.85
C ARG A 238 31.09 -29.45 -9.04
N SER A 239 30.20 -30.42 -9.10
CA SER A 239 29.20 -30.56 -10.15
C SER A 239 28.22 -31.63 -9.70
N GLU A 240 27.04 -31.63 -10.30
CA GLU A 240 26.03 -32.64 -9.96
C GLU A 240 26.60 -34.03 -10.20
N ASN A 241 27.11 -34.24 -11.41
CA ASN A 241 27.77 -35.46 -11.85
C ASN A 241 28.51 -35.13 -13.14
N ILE A 242 29.84 -35.29 -13.11
CA ILE A 242 30.77 -34.95 -14.20
C ILE A 242 30.39 -35.53 -15.57
N THR A 243 29.73 -36.68 -15.60
CA THR A 243 29.35 -37.30 -16.87
C THR A 243 28.26 -36.55 -17.62
N ASN A 244 27.62 -35.55 -17.01
CA ASN A 244 26.57 -34.78 -17.66
C ASN A 244 27.11 -33.40 -18.00
N ASN A 245 26.96 -33.01 -19.26
CA ASN A 245 27.44 -31.71 -19.74
C ASN A 245 26.44 -30.59 -19.51
N ALA A 246 25.15 -30.91 -19.42
CA ALA A 246 24.12 -29.90 -19.23
C ALA A 246 24.25 -29.15 -17.89
N LYS A 247 24.91 -29.74 -16.91
CA LYS A 247 25.09 -29.11 -15.60
C LYS A 247 26.45 -28.45 -15.54
N ASN A 248 26.48 -27.20 -15.06
CA ASN A 248 27.73 -26.47 -14.95
C ASN A 248 28.64 -27.08 -13.88
N ILE A 249 29.90 -26.65 -13.92
CA ILE A 249 30.93 -27.09 -12.99
C ILE A 249 31.45 -25.88 -12.23
N LEU A 250 31.36 -25.93 -10.91
CA LEU A 250 31.83 -24.85 -10.04
C LEU A 250 33.22 -25.22 -9.56
N VAL A 251 34.16 -24.29 -9.71
CA VAL A 251 35.53 -24.51 -9.31
C VAL A 251 35.85 -23.49 -8.22
N GLN A 252 36.57 -23.94 -7.18
CA GLN A 252 36.96 -23.07 -6.07
C GLN A 252 38.46 -23.15 -5.91
N PHE A 253 39.10 -21.99 -5.94
CA PHE A 253 40.56 -21.90 -5.82
C PHE A 253 41.01 -21.95 -4.38
N ASN A 254 42.26 -22.40 -4.19
CA ASN A 254 42.85 -22.46 -2.87
C ASN A 254 43.56 -21.17 -2.52
N THR A 255 43.98 -20.40 -3.52
CA THR A 255 44.66 -19.11 -3.41
C THR A 255 43.96 -18.12 -4.32
N PRO A 256 43.97 -16.83 -3.99
CA PRO A 256 43.31 -15.85 -4.84
C PRO A 256 44.16 -15.44 -6.03
N VAL A 257 43.49 -15.14 -7.13
CA VAL A 257 44.16 -14.71 -8.36
C VAL A 257 43.83 -13.24 -8.55
N GLN A 258 44.76 -12.36 -8.18
CA GLN A 258 44.56 -10.92 -8.29
C GLN A 258 44.26 -10.48 -9.72
N ILE A 259 43.22 -9.66 -9.86
CA ILE A 259 42.78 -9.09 -11.13
C ILE A 259 42.54 -7.60 -10.93
N ASN A 260 43.19 -6.80 -11.77
CA ASN A 260 43.08 -5.34 -11.71
C ASN A 260 42.28 -4.88 -12.92
N CYS A 261 41.24 -4.08 -12.71
CA CYS A 261 40.43 -3.63 -13.83
C CYS A 261 40.21 -2.13 -13.72
N THR A 262 40.24 -1.44 -14.87
CA THR A 262 40.04 0.01 -14.84
C THR A 262 39.90 0.58 -16.23
N ARG A 263 39.20 1.71 -16.29
CA ARG A 263 38.99 2.45 -17.52
C ARG A 263 39.77 3.75 -17.40
N PRO A 264 40.72 4.00 -18.30
CA PRO A 264 41.51 5.24 -18.22
C PRO A 264 40.69 6.52 -18.35
N ASN A 265 39.50 6.43 -18.93
CA ASN A 265 38.65 7.58 -19.15
C ASN A 265 37.85 7.96 -17.91
N ASN A 266 37.92 9.23 -17.52
CA ASN A 266 37.17 9.73 -16.37
C ASN A 266 36.03 10.59 -16.92
N ASN A 267 34.85 9.97 -17.02
CA ASN A 267 33.68 10.64 -17.56
C ASN A 267 33.23 11.81 -16.68
N THR A 268 32.62 12.80 -17.32
CA THR A 268 32.09 13.97 -16.63
C THR A 268 30.58 13.83 -16.53
N ARG A 269 30.03 14.07 -15.34
CA ARG A 269 28.60 13.94 -15.11
C ARG A 269 27.88 15.27 -15.37
N LYS A 270 26.81 15.22 -16.17
CA LYS A 270 26.02 16.40 -16.50
C LYS A 270 24.63 16.21 -15.92
N SER A 271 24.19 17.15 -15.10
CA SER A 271 22.86 17.08 -14.48
C SER A 271 21.86 17.80 -15.37
N ILE A 272 20.95 17.05 -15.97
CA ILE A 272 19.92 17.61 -16.86
C ILE A 272 18.58 17.42 -16.15
N ARG A 273 17.91 18.52 -15.83
CA ARG A 273 16.63 18.47 -15.14
C ARG A 273 15.53 18.11 -16.11
N ILE A 274 15.17 16.82 -16.15
CA ILE A 274 14.13 16.35 -17.06
C ILE A 274 12.75 16.81 -16.60
N GLY A 275 12.55 17.01 -15.30
CA GLY A 275 11.27 17.45 -14.81
C GLY A 275 11.36 18.01 -13.40
N PRO A 276 10.20 18.30 -12.80
CA PRO A 276 10.19 18.84 -11.43
C PRO A 276 10.69 17.81 -10.43
N GLY A 277 11.82 18.12 -9.80
CA GLY A 277 12.37 17.20 -8.83
C GLY A 277 12.99 15.95 -9.42
N GLN A 278 13.31 15.96 -10.71
CA GLN A 278 13.91 14.81 -11.37
C GLN A 278 15.10 15.26 -12.20
N ALA A 279 16.18 14.49 -12.15
CA ALA A 279 17.39 14.82 -12.89
C ALA A 279 17.97 13.58 -13.55
N PHE A 280 18.51 13.77 -14.75
CA PHE A 280 19.15 12.72 -15.54
C PHE A 280 20.63 13.02 -15.60
N TYR A 281 21.44 12.09 -15.12
CA TYR A 281 22.89 12.25 -15.10
C TYR A 281 23.46 11.74 -16.42
N ALA A 282 23.62 12.66 -17.37
CA ALA A 282 24.16 12.33 -18.67
C ALA A 282 25.69 12.28 -18.62
N THR A 283 26.29 11.68 -19.65
CA THR A 283 27.74 11.57 -19.73
C THR A 283 28.27 12.74 -20.55
N GLY A 284 29.09 13.58 -19.92
CA GLY A 284 29.66 14.73 -20.57
C GLY A 284 30.91 14.39 -21.36
N ASP A 285 31.61 15.45 -21.78
CA ASP A 285 32.84 15.31 -22.55
C ASP A 285 33.94 14.65 -21.71
N ILE A 286 34.78 13.87 -22.39
CA ILE A 286 35.88 13.16 -21.76
C ILE A 286 37.11 14.06 -21.72
N ILE A 287 37.66 14.27 -20.53
CA ILE A 287 38.84 15.12 -20.38
C ILE A 287 40.06 14.33 -20.83
N GLY A 288 40.85 14.91 -21.74
CA GLY A 288 42.04 14.26 -22.24
C GLY A 288 41.71 13.24 -23.32
N ASP A 289 42.66 12.34 -23.57
CA ASP A 289 42.44 11.33 -24.58
C ASP A 289 41.48 10.27 -24.06
N ILE A 290 40.89 9.54 -25.00
CA ILE A 290 39.93 8.48 -24.71
C ILE A 290 40.57 7.13 -24.98
N ARG A 291 40.51 6.23 -24.01
CA ARG A 291 41.09 4.89 -24.12
C ARG A 291 40.09 3.84 -23.66
N GLN A 292 40.25 2.64 -24.21
CA GLN A 292 39.37 1.50 -23.91
C GLN A 292 39.69 0.92 -22.53
N ALA A 293 38.65 0.44 -21.86
CA ALA A 293 38.81 -0.18 -20.55
C ALA A 293 39.40 -1.57 -20.71
N HIS A 294 40.07 -2.04 -19.66
CA HIS A 294 40.69 -3.36 -19.72
C HIS A 294 40.88 -3.91 -18.31
N CYS A 295 41.35 -5.16 -18.29
CA CYS A 295 41.63 -5.88 -17.06
C CYS A 295 43.00 -6.55 -17.20
N ASN A 296 43.63 -6.82 -16.07
CA ASN A 296 44.93 -7.46 -16.04
C ASN A 296 44.91 -8.61 -15.05
N VAL A 297 45.67 -9.65 -15.37
CA VAL A 297 45.79 -10.85 -14.53
C VAL A 297 47.20 -11.37 -14.75
N SER A 298 47.95 -11.63 -13.67
CA SER A 298 49.31 -12.13 -13.79
C SER A 298 49.35 -13.47 -14.52
N LYS A 299 50.25 -13.58 -15.50
CA LYS A 299 50.37 -14.80 -16.28
C LYS A 299 50.85 -15.98 -15.45
N ALA A 300 51.81 -15.75 -14.55
CA ALA A 300 52.34 -16.84 -13.73
C ALA A 300 51.28 -17.38 -12.77
N THR A 301 50.54 -16.48 -12.10
CA THR A 301 49.50 -16.90 -11.17
C THR A 301 48.40 -17.65 -11.90
N TRP A 302 47.97 -17.14 -13.06
CA TRP A 302 46.92 -17.80 -13.82
C TRP A 302 47.40 -19.15 -14.34
N ASN A 303 48.66 -19.24 -14.75
CA ASN A 303 49.20 -20.50 -15.26
C ASN A 303 49.23 -21.55 -14.16
N GLU A 304 49.74 -21.20 -12.98
CA GLU A 304 49.78 -22.16 -11.87
C GLU A 304 48.37 -22.52 -11.42
N THR A 305 47.44 -21.55 -11.43
CA THR A 305 46.07 -21.81 -11.04
C THR A 305 45.41 -22.79 -12.02
N LEU A 306 45.63 -22.59 -13.32
CA LEU A 306 45.09 -23.49 -14.31
C LEU A 306 45.71 -24.88 -14.17
N GLY A 307 46.99 -24.93 -13.80
CA GLY A 307 47.65 -26.20 -13.58
C GLY A 307 47.01 -26.96 -12.44
N LYS A 308 46.70 -26.24 -11.36
CA LYS A 308 46.03 -26.86 -10.21
C LYS A 308 44.65 -27.35 -10.59
N VAL A 309 43.91 -26.54 -11.37
CA VAL A 309 42.57 -26.91 -11.82
C VAL A 309 42.63 -28.17 -12.68
N VAL A 310 43.62 -28.24 -13.58
CA VAL A 310 43.77 -29.41 -14.44
C VAL A 310 44.13 -30.63 -13.60
N LYS A 311 44.97 -30.44 -12.58
CA LYS A 311 45.35 -31.53 -11.68
C LYS A 311 44.13 -32.09 -10.97
N GLN A 312 43.25 -31.21 -10.49
CA GLN A 312 42.05 -31.67 -9.81
C GLN A 312 41.07 -32.32 -10.78
N LEU A 313 40.97 -31.79 -12.00
CA LEU A 313 40.07 -32.36 -13.00
C LEU A 313 40.52 -33.74 -13.45
N ARG A 314 41.84 -33.98 -13.46
CA ARG A 314 42.38 -35.28 -13.86
C ARG A 314 41.90 -36.39 -12.94
N LYS A 315 41.69 -36.10 -11.66
CA LYS A 315 41.20 -37.13 -10.73
C LYS A 315 39.81 -37.61 -11.14
N HIS A 316 38.96 -36.67 -11.54
CA HIS A 316 37.59 -36.99 -11.94
C HIS A 316 37.52 -37.63 -13.33
N PHE A 317 38.32 -37.14 -14.29
CA PHE A 317 38.29 -37.66 -15.65
C PHE A 317 39.39 -38.67 -15.96
N GLY A 318 40.15 -39.11 -14.98
CA GLY A 318 41.21 -40.08 -15.21
C GLY A 318 42.47 -39.39 -15.73
N ASN A 319 43.56 -40.14 -15.70
CA ASN A 319 44.84 -39.61 -16.17
C ASN A 319 44.90 -39.64 -17.69
N ASN A 320 46.08 -39.32 -18.24
CA ASN A 320 46.40 -39.27 -19.67
C ASN A 320 45.30 -38.75 -20.61
N THR A 321 44.63 -37.69 -20.17
CA THR A 321 43.56 -37.04 -20.90
C THR A 321 43.96 -35.61 -21.21
N ILE A 322 43.69 -35.16 -22.43
CA ILE A 322 44.04 -33.81 -22.87
C ILE A 322 42.94 -32.85 -22.42
N ILE A 323 43.26 -31.99 -21.45
CA ILE A 323 42.30 -31.00 -20.97
C ILE A 323 42.60 -29.70 -21.70
N ARG A 324 41.60 -29.18 -22.41
CA ARG A 324 41.73 -27.97 -23.19
C ARG A 324 40.76 -26.92 -22.67
N PHE A 325 41.12 -25.66 -22.86
CA PHE A 325 40.31 -24.52 -22.44
C PHE A 325 40.04 -23.65 -23.66
N ALA A 326 38.78 -23.30 -23.87
CA ALA A 326 38.38 -22.48 -24.99
C ALA A 326 37.40 -21.43 -24.49
N ASN A 327 37.29 -20.33 -25.22
CA ASN A 327 36.39 -19.25 -24.83
C ASN A 327 34.93 -19.68 -24.98
N SER A 328 34.02 -18.79 -24.60
CA SER A 328 32.59 -19.05 -24.67
C SER A 328 32.12 -19.34 -26.09
N SER A 329 31.16 -20.26 -26.22
CA SER A 329 30.62 -20.63 -27.51
C SER A 329 29.95 -19.45 -28.22
N GLY A 330 28.88 -18.94 -27.62
CA GLY A 330 28.18 -17.82 -28.22
C GLY A 330 26.89 -17.54 -27.48
N GLY A 331 26.26 -16.43 -27.88
CA GLY A 331 25.01 -15.97 -27.32
C GLY A 331 25.09 -14.48 -27.03
N ASP A 332 24.23 -14.03 -26.12
CA ASP A 332 24.20 -12.62 -25.74
C ASP A 332 25.45 -12.24 -24.95
N LEU A 333 25.71 -10.94 -24.89
CA LEU A 333 26.88 -10.40 -24.19
C LEU A 333 26.85 -10.67 -22.69
N GLU A 334 25.69 -10.97 -22.11
CA GLU A 334 25.60 -11.22 -20.67
C GLU A 334 26.29 -12.52 -20.28
N VAL A 335 26.25 -13.55 -21.13
CA VAL A 335 26.86 -14.83 -20.80
C VAL A 335 28.20 -15.02 -21.50
N THR A 336 28.39 -14.38 -22.66
CA THR A 336 29.64 -14.54 -23.40
C THR A 336 30.77 -13.67 -22.88
N THR A 337 30.51 -12.80 -21.91
CA THR A 337 31.53 -11.92 -21.35
C THR A 337 31.42 -11.93 -19.84
N HIS A 338 32.54 -11.62 -19.19
CA HIS A 338 32.61 -11.58 -17.73
C HIS A 338 32.18 -10.20 -17.28
N SER A 339 31.26 -10.16 -16.31
CA SER A 339 30.73 -8.90 -15.80
C SER A 339 31.11 -8.63 -14.36
N PHE A 340 31.24 -7.35 -14.03
CA PHE A 340 31.55 -6.88 -12.69
C PHE A 340 30.50 -5.90 -12.22
N ASN A 341 30.60 -5.56 -10.95
CA ASN A 341 29.72 -4.59 -10.31
C ASN A 341 30.58 -3.94 -9.22
N CYS A 342 31.24 -2.85 -9.58
CA CYS A 342 32.12 -2.16 -8.64
C CYS A 342 32.36 -0.75 -9.14
N GLY A 343 32.21 0.22 -8.24
CA GLY A 343 32.39 1.62 -8.54
C GLY A 343 31.13 2.29 -9.04
N GLY A 344 30.37 1.58 -9.87
CA GLY A 344 29.15 2.10 -10.43
C GLY A 344 28.97 1.73 -11.89
N GLU A 345 30.08 1.48 -12.59
CA GLU A 345 30.04 1.10 -13.99
C GLU A 345 29.95 -0.40 -14.14
N PHE A 346 29.14 -0.85 -15.11
CA PHE A 346 28.95 -2.27 -15.37
C PHE A 346 29.81 -2.70 -16.57
N PHE A 347 30.87 -3.44 -16.26
CA PHE A 347 31.82 -3.94 -17.24
C PHE A 347 31.30 -5.22 -17.88
N TYR A 348 31.88 -5.54 -19.03
CA TYR A 348 31.61 -6.74 -19.83
C TYR A 348 32.96 -7.00 -20.51
N CYS A 349 33.76 -7.85 -19.89
CA CYS A 349 35.10 -8.12 -20.40
C CYS A 349 35.18 -9.43 -21.17
N ASN A 350 35.95 -9.41 -22.26
CA ASN A 350 36.16 -10.57 -23.12
C ASN A 350 37.30 -11.36 -22.48
N THR A 351 36.97 -12.46 -21.81
CA THR A 351 37.92 -13.32 -21.11
C THR A 351 38.56 -14.40 -22.00
N SER A 352 38.56 -14.23 -23.33
CA SER A 352 39.15 -15.22 -24.22
C SER A 352 40.66 -15.38 -24.04
N GLY A 353 41.33 -14.39 -23.47
CA GLY A 353 42.77 -14.48 -23.27
C GLY A 353 43.19 -15.40 -22.15
N LEU A 354 42.28 -15.74 -21.24
CA LEU A 354 42.60 -16.61 -20.12
C LEU A 354 42.41 -18.08 -20.47
N PHE A 355 41.28 -18.42 -21.08
CA PHE A 355 40.96 -19.80 -21.46
C PHE A 355 41.36 -20.05 -22.91
N ASN A 356 42.67 -19.97 -23.15
CA ASN A 356 43.25 -20.17 -24.47
C ASN A 356 44.50 -21.04 -24.35
N SER A 357 44.38 -22.17 -23.64
CA SER A 357 45.52 -23.05 -23.45
C SER A 357 45.07 -24.51 -23.47
N THR A 358 46.05 -25.38 -23.71
CA THR A 358 45.85 -26.82 -23.75
C THR A 358 46.91 -27.47 -22.88
N TRP A 359 46.57 -28.59 -22.24
CA TRP A 359 47.48 -29.30 -21.38
C TRP A 359 47.66 -30.74 -21.85
N ILE A 360 48.91 -31.19 -21.83
CA ILE A 360 49.28 -32.54 -22.26
C ILE A 360 49.82 -33.30 -21.06
N SER A 361 49.27 -34.50 -20.83
CA SER A 361 49.65 -35.41 -19.73
C SER A 361 49.56 -34.76 -18.36
N ASP A 375 54.17 -10.28 -19.24
CA ASP A 375 54.16 -10.56 -17.82
C ASP A 375 52.74 -10.69 -17.29
N SER A 376 51.81 -9.94 -17.88
CA SER A 376 50.42 -9.97 -17.47
C SER A 376 49.53 -10.11 -18.68
N ILE A 377 48.40 -10.78 -18.48
CA ILE A 377 47.40 -11.01 -19.53
C ILE A 377 46.38 -9.89 -19.44
N THR A 378 46.33 -9.07 -20.49
CA THR A 378 45.40 -7.95 -20.60
C THR A 378 44.13 -8.43 -21.32
N LEU A 379 43.00 -8.25 -20.66
CA LEU A 379 41.71 -8.65 -21.20
C LEU A 379 40.95 -7.42 -21.67
N PRO A 380 40.66 -7.31 -22.97
CA PRO A 380 39.88 -6.17 -23.48
C PRO A 380 38.51 -6.17 -22.84
N CYS A 381 37.97 -4.98 -22.60
CA CYS A 381 36.69 -4.95 -21.92
C CYS A 381 35.86 -3.80 -22.44
N ARG A 382 34.54 -3.90 -22.24
CA ARG A 382 33.57 -2.90 -22.69
C ARG A 382 32.71 -2.49 -21.51
N ILE A 383 32.18 -1.27 -21.58
CA ILE A 383 31.33 -0.74 -20.53
C ILE A 383 29.91 -0.65 -21.07
N LYS A 384 28.91 -0.73 -20.18
CA LYS A 384 27.54 -0.63 -20.65
C LYS A 384 26.70 -0.02 -19.55
N GLN A 385 25.79 0.88 -19.95
CA GLN A 385 24.91 1.55 -19.00
C GLN A 385 23.55 0.86 -18.89
N ILE A 386 22.84 0.71 -20.00
CA ILE A 386 21.56 0.03 -19.96
C ILE A 386 21.84 -1.46 -19.76
N ILE A 387 21.31 -2.04 -18.69
CA ILE A 387 21.56 -3.44 -18.37
C ILE A 387 20.30 -4.14 -17.88
N ASN A 388 20.36 -5.48 -17.93
CA ASN A 388 19.32 -6.38 -17.45
C ASN A 388 20.16 -7.37 -16.66
N MET A 389 20.39 -7.04 -15.39
CA MET A 389 21.27 -7.87 -14.52
C MET A 389 20.70 -9.27 -14.34
N TRP A 390 19.45 -9.37 -13.91
CA TRP A 390 18.89 -10.68 -13.60
C TRP A 390 18.29 -11.40 -14.81
N GLN A 391 18.69 -11.00 -16.03
CA GLN A 391 18.23 -11.58 -17.30
C GLN A 391 16.72 -11.48 -17.49
N ARG A 392 16.06 -10.58 -16.76
CA ARG A 392 14.62 -10.42 -16.84
C ARG A 392 14.25 -9.57 -18.06
N ILE A 393 12.99 -9.65 -18.44
CA ILE A 393 12.45 -8.91 -19.57
C ILE A 393 11.54 -7.82 -19.03
N GLY A 394 11.84 -6.57 -19.38
CA GLY A 394 11.05 -5.45 -18.92
C GLY A 394 11.46 -4.82 -17.61
N GLN A 395 12.70 -5.07 -17.15
CA GLN A 395 13.21 -4.51 -15.89
C GLN A 395 14.61 -3.93 -16.11
N CYS A 396 14.77 -3.16 -17.19
CA CYS A 396 16.06 -2.57 -17.49
C CYS A 396 16.38 -1.43 -16.53
N MET A 397 17.68 -1.15 -16.40
CA MET A 397 18.21 -0.11 -15.53
C MET A 397 19.29 0.67 -16.26
N TYR A 398 19.39 1.97 -15.97
CA TYR A 398 20.39 2.85 -16.55
C TYR A 398 21.42 3.16 -15.47
N ALA A 399 22.67 2.81 -15.74
CA ALA A 399 23.74 3.08 -14.78
C ALA A 399 24.30 4.47 -15.05
N PRO A 400 24.15 5.43 -14.14
CA PRO A 400 24.68 6.77 -14.41
C PRO A 400 26.19 6.78 -14.37
N PRO A 401 26.83 7.72 -15.08
CA PRO A 401 28.29 7.79 -15.06
C PRO A 401 28.80 8.27 -13.71
N ILE A 402 30.06 7.94 -13.45
CA ILE A 402 30.74 8.29 -12.21
C ILE A 402 32.02 9.04 -12.49
N GLN A 403 32.30 10.07 -11.69
CA GLN A 403 33.48 10.91 -11.86
C GLN A 403 34.76 10.18 -11.51
N GLY A 404 35.86 10.70 -12.05
CA GLY A 404 37.21 10.19 -11.81
C GLY A 404 37.53 8.81 -12.34
N VAL A 405 38.83 8.52 -12.47
CA VAL A 405 39.26 7.21 -12.93
C VAL A 405 38.97 6.20 -11.84
N ILE A 406 38.29 5.12 -12.18
CA ILE A 406 37.90 4.09 -11.22
C ILE A 406 38.83 2.88 -11.34
N ARG A 407 39.30 2.40 -10.20
CA ARG A 407 40.18 1.25 -10.11
C ARG A 407 39.43 0.17 -9.33
N CYS A 408 39.29 -1.01 -9.91
CA CYS A 408 38.59 -2.12 -9.29
C CYS A 408 39.60 -3.26 -9.13
N VAL A 409 40.22 -3.31 -7.96
CA VAL A 409 41.21 -4.33 -7.62
C VAL A 409 40.46 -5.41 -6.85
N SER A 410 40.45 -6.62 -7.39
CA SER A 410 39.75 -7.72 -6.74
C SER A 410 40.52 -9.00 -7.06
N ASN A 411 40.05 -10.12 -6.52
CA ASN A 411 40.74 -11.36 -6.81
C ASN A 411 39.74 -12.46 -7.12
N ILE A 412 40.12 -13.33 -8.06
CA ILE A 412 39.29 -14.43 -8.47
C ILE A 412 39.45 -15.55 -7.45
N THR A 413 38.32 -16.17 -7.10
CA THR A 413 38.27 -17.27 -6.14
C THR A 413 37.48 -18.47 -6.68
N GLY A 414 37.13 -18.48 -7.96
CA GLY A 414 36.38 -19.60 -8.50
C GLY A 414 36.04 -19.38 -9.95
N LEU A 415 35.52 -20.44 -10.57
CA LEU A 415 35.14 -20.43 -11.97
C LEU A 415 33.86 -21.21 -12.18
N ILE A 416 33.21 -20.95 -13.31
CA ILE A 416 31.98 -21.62 -13.71
C ILE A 416 32.28 -22.15 -15.11
N LEU A 417 32.65 -23.42 -15.20
CA LEU A 417 32.99 -24.05 -16.46
C LEU A 417 31.88 -24.97 -16.95
N THR A 418 31.91 -25.23 -18.26
CA THR A 418 30.98 -26.10 -18.96
C THR A 418 31.82 -27.03 -19.82
N ARG A 419 31.53 -28.32 -19.77
CA ARG A 419 32.27 -29.31 -20.54
C ARG A 419 31.56 -29.62 -21.84
N ASP A 420 32.33 -29.84 -22.91
CA ASP A 420 31.79 -30.16 -24.23
C ASP A 420 32.50 -31.41 -24.71
N GLY A 421 31.71 -32.36 -25.21
CA GLY A 421 32.28 -33.61 -25.70
C GLY A 421 31.21 -34.46 -26.33
N GLY A 422 31.58 -35.72 -26.59
CA GLY A 422 30.66 -36.66 -27.21
C GLY A 422 30.75 -38.04 -26.61
N SER A 423 30.65 -39.08 -27.44
CA SER A 423 30.72 -40.46 -26.99
C SER A 423 32.15 -40.99 -26.96
N THR A 424 33.04 -40.25 -26.28
CA THR A 424 34.47 -40.55 -26.11
C THR A 424 35.15 -40.79 -27.46
N ASN A 425 34.87 -39.88 -28.41
CA ASN A 425 35.46 -39.99 -29.75
C ASN A 425 36.98 -39.86 -29.69
N SER A 426 37.48 -38.96 -28.85
CA SER A 426 38.91 -38.74 -28.69
C SER A 426 39.19 -38.40 -27.23
N THR A 427 40.42 -38.69 -26.79
CA THR A 427 40.82 -38.43 -25.42
C THR A 427 41.21 -36.95 -25.25
N THR A 428 40.20 -36.09 -25.42
CA THR A 428 40.39 -34.65 -25.29
C THR A 428 39.08 -34.03 -24.82
N GLU A 429 39.11 -33.38 -23.67
CA GLU A 429 37.95 -32.73 -23.09
C GLU A 429 38.15 -31.22 -23.12
N THR A 430 37.19 -30.50 -23.68
CA THR A 430 37.25 -29.05 -23.79
C THR A 430 36.27 -28.39 -22.81
N PHE A 431 36.78 -27.42 -22.07
CA PHE A 431 36.00 -26.66 -21.09
C PHE A 431 35.90 -25.22 -21.53
N ARG A 432 34.70 -24.67 -21.48
CA ARG A 432 34.42 -23.30 -21.85
C ARG A 432 33.71 -22.65 -20.67
N PRO A 433 33.91 -21.35 -20.43
CA PRO A 433 33.22 -20.72 -19.31
C PRO A 433 31.71 -20.67 -19.53
N GLY A 434 30.97 -20.70 -18.44
CA GLY A 434 29.52 -20.69 -18.53
C GLY A 434 28.78 -19.71 -17.65
N GLY A 435 27.46 -19.85 -17.64
CA GLY A 435 26.59 -19.01 -16.85
C GLY A 435 25.14 -19.34 -17.10
N GLY A 436 24.32 -18.32 -17.27
CA GLY A 436 22.90 -18.49 -17.52
C GLY A 436 22.07 -18.71 -16.29
N ASP A 437 22.70 -18.97 -15.14
CA ASP A 437 21.98 -19.18 -13.88
C ASP A 437 22.78 -18.40 -12.84
N MET A 438 22.24 -17.25 -12.44
CA MET A 438 22.90 -16.39 -11.47
C MET A 438 23.01 -17.03 -10.09
N ARG A 439 22.21 -18.06 -9.79
CA ARG A 439 22.26 -18.69 -8.49
C ARG A 439 23.52 -19.49 -8.26
N ASP A 440 24.22 -19.88 -9.34
CA ASP A 440 25.45 -20.65 -9.17
C ASP A 440 26.49 -19.80 -8.45
N ASN A 441 26.37 -18.47 -8.60
CA ASN A 441 27.30 -17.55 -7.95
C ASN A 441 27.18 -17.70 -6.45
N TRP A 442 25.94 -17.72 -5.94
CA TRP A 442 25.81 -17.86 -4.50
C TRP A 442 25.95 -19.31 -4.08
N ARG A 443 25.79 -20.25 -5.02
CA ARG A 443 25.88 -21.67 -4.70
C ARG A 443 27.27 -22.04 -4.20
N SER A 444 28.29 -21.32 -4.66
CA SER A 444 29.66 -21.57 -4.23
C SER A 444 29.93 -21.04 -2.82
N GLU A 445 29.01 -20.25 -2.25
CA GLU A 445 29.20 -19.72 -0.90
C GLU A 445 28.30 -20.37 0.15
N LEU A 446 27.13 -20.86 -0.25
CA LEU A 446 26.18 -21.49 0.66
C LEU A 446 26.32 -23.01 0.74
N TYR A 447 27.32 -23.59 0.08
CA TYR A 447 27.48 -25.05 0.11
C TYR A 447 27.84 -25.58 1.48
N LYS A 448 28.39 -24.76 2.37
CA LYS A 448 28.75 -25.24 3.70
C LYS A 448 27.59 -25.30 4.66
N TYR A 449 26.47 -24.64 4.37
CA TYR A 449 25.34 -24.60 5.27
C TYR A 449 24.13 -25.37 4.79
N LYS A 450 23.28 -25.71 5.75
CA LYS A 450 22.03 -26.44 5.47
C LYS A 450 21.10 -26.22 6.66
N VAL A 451 19.97 -25.57 6.41
CA VAL A 451 18.99 -25.29 7.46
C VAL A 451 18.19 -26.56 7.77
N VAL A 452 17.94 -26.78 9.06
CA VAL A 452 17.19 -27.93 9.55
C VAL A 452 16.18 -27.46 10.59
N LYS A 453 15.14 -28.27 10.77
CA LYS A 453 14.07 -28.01 11.73
C LYS A 453 14.26 -28.92 12.93
N ILE A 454 14.17 -28.35 14.13
CA ILE A 454 14.33 -29.09 15.36
C ILE A 454 13.03 -29.82 15.68
N GLU A 455 13.15 -31.03 16.25
CA GLU A 455 12.03 -31.87 16.64
C GLU A 455 12.20 -32.19 18.13
N PRO A 456 11.84 -31.27 19.01
CA PRO A 456 12.02 -31.49 20.46
C PRO A 456 11.28 -32.69 21.02
N LEU A 457 10.09 -33.02 20.52
CA LEU A 457 9.36 -34.16 21.05
C LEU A 457 10.06 -35.48 20.71
N GLY A 458 9.93 -36.43 21.63
CA GLY A 458 10.54 -37.74 21.44
C GLY A 458 9.91 -38.74 22.38
N VAL A 459 10.04 -40.02 22.01
CA VAL A 459 9.49 -41.13 22.80
C VAL A 459 10.52 -42.25 22.85
N ALA A 460 10.64 -42.90 24.01
CA ALA A 460 11.59 -44.00 24.16
C ALA A 460 11.11 -44.90 25.28
N PRO A 461 11.49 -46.19 25.29
CA PRO A 461 11.02 -47.06 26.38
C PRO A 461 11.84 -46.85 27.65
N THR A 462 11.17 -47.08 28.79
CA THR A 462 11.77 -46.93 30.11
C THR A 462 10.95 -47.80 31.06
N ARG A 463 11.48 -48.01 32.27
CA ARG A 463 10.88 -48.78 33.34
C ARG A 463 10.04 -47.93 34.29
N CYS A 464 9.41 -46.88 33.76
CA CYS A 464 8.59 -45.93 34.51
C CYS A 464 7.10 -46.12 34.29
N LYS A 465 6.33 -45.79 35.33
CA LYS A 465 4.86 -45.90 35.27
C LYS A 465 4.23 -44.92 36.24
N ARG A 466 3.31 -44.09 35.74
CA ARG A 466 2.63 -43.13 36.59
C ARG A 466 1.79 -43.81 37.67
N ARG A 467 1.80 -43.24 38.86
CA ARG A 467 1.04 -43.78 39.98
C ARG A 467 -0.36 -43.15 39.96
N VAL A 468 -1.38 -43.98 40.13
CA VAL A 468 -2.75 -43.48 40.12
C VAL A 468 -3.10 -42.89 41.48
N LEU B 1 28.15 -27.71 27.18
CA LEU B 1 28.08 -28.33 25.87
C LEU B 1 27.47 -27.38 24.84
N GLY B 2 26.61 -26.48 25.30
CA GLY B 2 25.97 -25.53 24.43
C GLY B 2 24.71 -26.08 23.80
N PHE B 3 24.05 -25.20 23.04
CA PHE B 3 22.81 -25.56 22.37
C PHE B 3 23.07 -26.61 21.29
N LEU B 4 22.29 -27.70 21.34
CA LEU B 4 22.35 -28.83 20.41
C LEU B 4 23.71 -29.53 20.42
N GLY B 5 24.50 -29.32 21.48
CA GLY B 5 25.82 -29.91 21.59
C GLY B 5 25.84 -31.38 21.92
N ALA B 6 24.76 -31.91 22.50
CA ALA B 6 24.68 -33.31 22.87
C ALA B 6 24.01 -34.17 21.81
N ALA B 7 23.99 -33.70 20.56
CA ALA B 7 23.37 -34.44 19.47
C ALA B 7 24.08 -35.77 19.21
N GLY B 8 25.41 -35.76 19.21
CA GLY B 8 26.18 -36.97 18.98
C GLY B 8 26.38 -37.84 20.19
N SER B 9 26.09 -37.31 21.38
CA SER B 9 26.23 -38.04 22.62
C SER B 9 25.09 -39.05 22.78
N THR B 10 25.28 -39.97 23.72
CA THR B 10 24.29 -40.99 24.01
C THR B 10 23.06 -40.35 24.66
N MET B 11 21.98 -41.14 24.73
CA MET B 11 20.73 -40.64 25.32
C MET B 11 20.90 -40.25 26.78
N GLY B 12 21.66 -41.07 27.53
CA GLY B 12 21.90 -40.79 28.94
C GLY B 12 22.55 -39.42 29.14
N ALA B 13 23.47 -39.05 28.27
CA ALA B 13 24.14 -37.76 28.34
C ALA B 13 23.36 -36.67 27.62
N ALA B 14 22.59 -37.03 26.58
CA ALA B 14 21.83 -36.01 25.86
C ALA B 14 20.63 -35.53 26.67
N SER B 15 20.12 -36.35 27.59
CA SER B 15 18.98 -35.95 28.41
C SER B 15 19.32 -34.81 29.37
N MET B 16 20.60 -34.51 29.58
CA MET B 16 21.03 -33.46 30.47
C MET B 16 20.96 -32.05 29.86
N THR B 17 20.69 -31.93 28.56
CA THR B 17 20.63 -30.63 27.90
C THR B 17 19.26 -30.38 27.28
N LEU B 18 18.23 -30.99 27.85
CA LEU B 18 16.90 -30.77 27.33
C LEU B 18 16.44 -29.37 27.66
N THR B 19 16.90 -28.81 28.79
CA THR B 19 16.52 -27.47 29.17
C THR B 19 17.01 -26.44 28.16
N VAL B 20 18.28 -26.56 27.74
CA VAL B 20 18.82 -25.60 26.77
C VAL B 20 18.14 -25.76 25.41
N GLN B 21 17.89 -27.01 24.98
CA GLN B 21 17.23 -27.19 23.69
C GLN B 21 15.80 -26.67 23.73
N ALA B 22 15.11 -26.81 24.87
CA ALA B 22 13.74 -26.34 24.96
C ALA B 22 13.70 -24.83 25.10
N ARG B 23 14.69 -24.23 25.76
CA ARG B 23 14.68 -22.78 25.93
C ARG B 23 15.04 -22.06 24.64
N ASN B 24 15.78 -22.71 23.73
CA ASN B 24 16.12 -22.02 22.48
C ASN B 24 15.05 -22.16 21.40
N LEU B 25 13.92 -22.82 21.69
CA LEU B 25 12.87 -22.97 20.69
C LEU B 25 12.12 -21.67 20.41
N LEU B 26 12.33 -20.63 21.20
CA LEU B 26 11.65 -19.35 21.00
C LEU B 26 12.65 -18.20 20.89
N LEU B 49 11.03 -2.71 4.89
CA LEU B 49 9.85 -2.51 4.03
C LEU B 49 8.69 -3.36 4.51
N THR B 50 7.50 -3.10 3.94
CA THR B 50 6.30 -3.84 4.31
C THR B 50 6.41 -5.34 4.02
N VAL B 51 7.02 -5.71 2.88
CA VAL B 51 7.18 -7.12 2.53
C VAL B 51 8.08 -7.83 3.54
N TRP B 52 9.20 -7.19 3.89
CA TRP B 52 10.11 -7.77 4.88
C TRP B 52 9.45 -7.85 6.25
N GLY B 53 8.65 -6.84 6.59
CA GLY B 53 7.94 -6.88 7.86
C GLY B 53 6.97 -8.05 7.93
N ILE B 54 6.22 -8.28 6.84
CA ILE B 54 5.30 -9.40 6.78
C ILE B 54 6.06 -10.72 6.86
N LYS B 55 7.23 -10.78 6.20
CA LYS B 55 8.05 -11.99 6.24
C LYS B 55 8.54 -12.29 7.65
N GLN B 56 9.02 -11.26 8.36
CA GLN B 56 9.50 -11.44 9.73
C GLN B 56 8.36 -11.87 10.64
N LEU B 57 7.18 -11.25 10.47
CA LEU B 57 6.02 -11.63 11.28
C LEU B 57 5.60 -13.06 11.00
N GLN B 58 5.66 -13.49 9.72
CA GLN B 58 5.30 -14.85 9.36
C GLN B 58 6.26 -15.85 10.00
N ALA B 59 7.56 -15.54 9.98
CA ALA B 59 8.54 -16.44 10.59
C ALA B 59 8.34 -16.53 12.11
N ARG B 60 8.10 -15.38 12.75
CA ARG B 60 7.90 -15.34 14.19
C ARG B 60 6.64 -16.11 14.59
N VAL B 61 5.52 -15.86 13.89
CA VAL B 61 4.28 -16.56 14.20
C VAL B 61 4.41 -18.05 13.89
N LEU B 62 5.22 -18.42 12.89
CA LEU B 62 5.42 -19.82 12.58
C LEU B 62 6.14 -20.52 13.73
N ALA B 63 7.18 -19.88 14.26
CA ALA B 63 7.92 -20.45 15.39
C ALA B 63 7.01 -20.56 16.61
N VAL B 64 6.20 -19.52 16.84
CA VAL B 64 5.26 -19.50 17.97
C VAL B 64 4.23 -20.62 17.82
N GLU B 65 3.71 -20.80 16.59
CA GLU B 65 2.73 -21.85 16.33
C GLU B 65 3.32 -23.23 16.56
N ARG B 66 4.56 -23.45 16.12
CA ARG B 66 5.20 -24.75 16.32
C ARG B 66 5.38 -25.04 17.81
N TYR B 67 5.88 -24.05 18.56
CA TYR B 67 6.07 -24.23 20.00
C TYR B 67 4.73 -24.48 20.69
N LEU B 68 3.69 -23.73 20.33
CA LEU B 68 2.39 -23.92 20.96
C LEU B 68 1.77 -25.25 20.59
N ARG B 69 2.01 -25.75 19.37
CA ARG B 69 1.47 -27.06 19.00
C ARG B 69 2.15 -28.14 19.82
N ASP B 70 3.47 -28.04 19.99
CA ASP B 70 4.18 -29.02 20.81
C ASP B 70 3.70 -28.96 22.26
N GLN B 71 3.52 -27.74 22.79
CA GLN B 71 3.03 -27.56 24.15
C GLN B 71 1.60 -28.09 24.30
N GLN B 72 0.77 -27.91 23.27
CA GLN B 72 -0.60 -28.40 23.30
C GLN B 72 -0.61 -29.92 23.29
N LEU B 73 0.30 -30.53 22.51
CA LEU B 73 0.40 -31.98 22.47
C LEU B 73 0.81 -32.50 23.85
N LEU B 74 1.77 -31.85 24.48
CA LEU B 74 2.18 -32.25 25.83
C LEU B 74 1.06 -32.00 26.83
N GLY B 75 0.28 -30.94 26.62
CA GLY B 75 -0.83 -30.60 27.50
C GLY B 75 -1.93 -31.64 27.48
N ILE B 76 -2.34 -32.06 26.29
CA ILE B 76 -3.38 -33.10 26.18
C ILE B 76 -2.86 -34.39 26.79
N TRP B 77 -1.56 -34.65 26.68
CA TRP B 77 -0.96 -35.81 27.32
C TRP B 77 -0.79 -35.51 28.81
N GLY B 78 -0.41 -36.52 29.59
CA GLY B 78 -0.22 -36.27 31.01
C GLY B 78 1.20 -35.87 31.32
N CYS B 79 1.77 -34.96 30.51
CA CYS B 79 3.14 -34.50 30.67
C CYS B 79 3.25 -33.00 30.45
N SER B 80 2.29 -32.23 30.96
CA SER B 80 2.33 -30.79 30.79
C SER B 80 3.27 -30.17 31.81
N GLY B 81 4.21 -29.35 31.32
CA GLY B 81 5.15 -28.69 32.21
C GLY B 81 6.31 -29.55 32.67
N LYS B 82 6.51 -30.72 32.09
CA LYS B 82 7.60 -31.62 32.48
C LYS B 82 8.40 -32.00 31.25
N LEU B 83 9.71 -31.79 31.30
CA LEU B 83 10.56 -32.16 30.17
C LEU B 83 10.68 -33.67 30.04
N ILE B 84 10.95 -34.34 31.15
CA ILE B 84 11.07 -35.79 31.18
C ILE B 84 9.80 -36.31 31.82
N CYS B 85 9.02 -37.07 31.07
CA CYS B 85 7.77 -37.60 31.59
C CYS B 85 7.50 -39.00 31.08
N CYS B 86 7.12 -39.88 31.99
CA CYS B 86 6.81 -41.26 31.68
C CYS B 86 5.31 -41.46 31.84
N THR B 87 4.72 -42.26 30.95
CA THR B 87 3.30 -42.55 30.95
C THR B 87 3.08 -44.04 31.28
N ASN B 88 1.81 -44.45 31.32
CA ASN B 88 1.39 -45.80 31.61
C ASN B 88 1.09 -46.63 30.36
N VAL B 89 1.44 -46.13 29.18
CA VAL B 89 1.19 -46.86 27.94
C VAL B 89 2.28 -47.91 27.80
N PRO B 90 1.95 -49.20 27.68
CA PRO B 90 3.00 -50.22 27.54
C PRO B 90 3.70 -50.10 26.20
N TRP B 91 4.98 -50.49 26.20
CA TRP B 91 5.79 -50.45 24.99
C TRP B 91 5.69 -51.80 24.29
N ASN B 92 5.04 -51.82 23.13
CA ASN B 92 4.88 -53.04 22.36
C ASN B 92 6.21 -53.43 21.73
N SER B 93 6.48 -54.74 21.72
CA SER B 93 7.72 -55.25 21.12
C SER B 93 7.81 -55.01 19.63
N SER B 94 6.67 -54.79 18.96
CA SER B 94 6.67 -54.55 17.51
C SER B 94 7.43 -53.28 17.17
N TRP B 95 7.26 -52.24 17.99
CA TRP B 95 7.94 -50.96 17.77
C TRP B 95 9.45 -51.14 17.86
N SER B 96 9.92 -51.84 18.91
CA SER B 96 11.34 -52.10 19.13
C SER B 96 11.56 -53.16 20.21
N ASN B 97 12.35 -54.18 19.91
CA ASN B 97 12.66 -55.24 20.87
C ASN B 97 14.08 -55.13 21.37
N ARG B 98 14.71 -53.98 21.09
CA ARG B 98 16.12 -53.77 21.50
C ARG B 98 16.20 -53.61 23.02
N ASN B 99 17.37 -53.92 23.58
CA ASN B 99 17.58 -53.77 25.02
C ASN B 99 17.80 -52.31 25.43
N LEU B 100 17.48 -52.02 26.71
CA LEU B 100 17.65 -50.67 27.25
C LEU B 100 19.11 -50.23 27.32
N SER B 101 20.03 -51.15 27.60
CA SER B 101 21.44 -50.79 27.71
C SER B 101 22.00 -50.31 26.38
N GLU B 102 21.62 -50.98 25.31
CA GLU B 102 22.04 -50.69 23.96
C GLU B 102 21.18 -49.61 23.27
N ILE B 103 20.33 -48.91 24.05
CA ILE B 103 19.46 -47.84 23.57
C ILE B 103 19.91 -46.55 24.24
N TRP B 104 19.91 -46.51 25.57
CA TRP B 104 20.30 -45.32 26.30
C TRP B 104 21.81 -45.10 26.36
N ASP B 105 22.60 -46.16 26.43
CA ASP B 105 24.05 -46.03 26.53
C ASP B 105 24.79 -46.38 25.25
N ASN B 106 24.11 -46.66 24.14
CA ASN B 106 24.82 -47.00 22.91
C ASN B 106 24.34 -46.28 21.67
N MET B 107 23.07 -45.91 21.62
CA MET B 107 22.47 -45.24 20.48
C MET B 107 22.10 -43.80 20.82
N THR B 108 22.22 -42.92 19.83
CA THR B 108 21.90 -41.50 19.99
C THR B 108 20.43 -41.27 19.64
N TRP B 109 19.95 -40.09 20.02
CA TRP B 109 18.55 -39.72 19.77
C TRP B 109 18.24 -39.63 18.28
N LEU B 110 19.21 -39.20 17.46
CA LEU B 110 18.99 -39.08 16.02
C LEU B 110 18.66 -40.42 15.37
N GLN B 111 19.50 -41.43 15.61
CA GLN B 111 19.28 -42.76 15.05
C GLN B 111 17.96 -43.34 15.55
N TRP B 112 17.63 -43.05 16.82
CA TRP B 112 16.38 -43.52 17.39
C TRP B 112 15.20 -42.90 16.65
N ASP B 113 15.28 -41.61 16.31
CA ASP B 113 14.20 -40.96 15.58
C ASP B 113 14.05 -41.59 14.20
N LYS B 114 15.16 -41.80 13.49
CA LYS B 114 15.08 -42.45 12.18
C LYS B 114 14.62 -43.90 12.25
N GLU B 115 14.71 -44.54 13.43
CA GLU B 115 14.28 -45.93 13.50
C GLU B 115 12.77 -46.07 13.73
N ILE B 116 12.18 -45.22 14.57
CA ILE B 116 10.75 -45.29 14.87
C ILE B 116 10.00 -44.06 14.35
N SER B 117 10.46 -43.48 13.24
CA SER B 117 9.83 -42.29 12.67
C SER B 117 8.39 -42.52 12.25
N ASN B 118 8.10 -43.67 11.67
CA ASN B 118 6.74 -43.97 11.23
C ASN B 118 5.81 -44.40 12.36
N TYR B 119 6.34 -44.95 13.46
CA TYR B 119 5.53 -45.42 14.58
C TYR B 119 5.14 -44.34 15.59
N THR B 120 5.55 -43.08 15.41
CA THR B 120 5.21 -42.03 16.40
C THR B 120 3.71 -41.71 16.46
N GLN B 121 2.97 -41.81 15.34
CA GLN B 121 1.54 -41.47 15.35
C GLN B 121 0.75 -42.38 16.28
N ILE B 122 1.05 -43.68 16.27
CA ILE B 122 0.35 -44.63 17.13
C ILE B 122 0.61 -44.30 18.59
N ILE B 123 1.87 -43.95 18.91
CA ILE B 123 2.23 -43.61 20.28
C ILE B 123 1.47 -42.37 20.73
N TYR B 124 1.36 -41.38 19.84
CA TYR B 124 0.65 -40.13 20.13
C TYR B 124 -0.81 -40.42 20.46
N GLY B 125 -1.43 -41.30 19.65
CA GLY B 125 -2.82 -41.64 19.90
C GLY B 125 -3.03 -42.43 21.18
N LEU B 126 -2.12 -43.35 21.49
CA LEU B 126 -2.26 -44.13 22.72
C LEU B 126 -2.12 -43.24 23.95
N LEU B 127 -1.22 -42.24 23.88
CA LEU B 127 -1.02 -41.35 25.02
C LEU B 127 -2.25 -40.47 25.19
N GLU B 128 -2.93 -40.15 24.09
CA GLU B 128 -4.09 -39.29 24.15
C GLU B 128 -5.23 -39.94 24.95
N GLU B 129 -5.58 -41.19 24.59
CA GLU B 129 -6.66 -41.89 25.28
C GLU B 129 -6.27 -42.19 26.72
N SER B 130 -4.99 -42.50 26.95
CA SER B 130 -4.53 -42.81 28.29
C SER B 130 -4.71 -41.61 29.22
N GLN B 131 -4.31 -40.41 28.79
CA GLN B 131 -4.48 -39.24 29.66
C GLN B 131 -5.96 -38.96 29.87
N ASN B 132 -6.80 -39.15 28.84
CA ASN B 132 -8.24 -38.91 29.00
C ASN B 132 -8.83 -39.86 30.05
N GLN B 133 -8.43 -41.13 30.00
CA GLN B 133 -8.92 -42.12 30.96
C GLN B 133 -8.45 -41.76 32.37
N GLN B 134 -7.18 -41.34 32.50
CA GLN B 134 -6.66 -40.95 33.81
C GLN B 134 -7.43 -39.75 34.36
N GLU B 135 -7.81 -38.84 33.47
CA GLU B 135 -8.55 -37.63 33.89
C GLU B 135 -9.90 -38.08 34.49
N LYS B 136 -10.67 -38.86 33.74
CA LYS B 136 -11.99 -39.25 34.24
C LYS B 136 -11.86 -40.06 35.53
N ASN B 137 -10.82 -40.91 35.64
CA ASN B 137 -10.61 -41.69 36.86
C ASN B 137 -10.35 -40.77 38.06
N GLU B 138 -9.49 -39.76 37.86
CA GLU B 138 -9.18 -38.82 38.93
C GLU B 138 -10.43 -38.03 39.34
N GLN B 139 -11.24 -37.62 38.36
CA GLN B 139 -12.46 -36.88 38.66
C GLN B 139 -13.43 -37.73 39.48
N ASP B 140 -13.58 -39.00 39.11
CA ASP B 140 -14.46 -39.91 39.85
C ASP B 140 -13.95 -40.14 41.27
N LEU B 141 -12.63 -40.35 41.41
CA LEU B 141 -12.03 -40.59 42.73
C LEU B 141 -12.19 -39.37 43.63
N LEU B 142 -12.04 -38.16 43.06
CA LEU B 142 -12.18 -36.95 43.86
C LEU B 142 -13.65 -36.69 44.20
N ALA B 143 -14.56 -37.12 43.32
CA ALA B 143 -15.98 -36.92 43.55
C ALA B 143 -16.52 -37.86 44.63
N LEU B 144 -16.07 -39.11 44.64
CA LEU B 144 -16.54 -40.07 45.63
C LEU B 144 -16.06 -39.76 47.06
N ASP B 145 -15.10 -38.84 47.21
CA ASP B 145 -14.56 -38.46 48.51
C ASP B 145 -15.64 -37.82 49.39
N ASN C 1 17.44 -21.26 57.50
CA ASN C 1 17.88 -21.12 56.11
C ASN C 1 16.81 -20.48 55.24
N LEU C 2 17.24 -19.87 54.14
CA LEU C 2 16.34 -19.20 53.21
C LEU C 2 16.43 -19.86 51.85
N TRP C 3 15.31 -19.87 51.13
CA TRP C 3 15.23 -20.48 49.81
C TRP C 3 14.62 -19.48 48.83
N VAL C 4 15.07 -19.51 47.59
CA VAL C 4 14.54 -18.60 46.58
C VAL C 4 13.16 -19.09 46.14
N THR C 5 12.27 -18.16 45.85
CA THR C 5 10.90 -18.45 45.42
C THR C 5 10.55 -17.56 44.24
N VAL C 6 9.97 -18.17 43.21
CA VAL C 6 9.59 -17.47 41.99
C VAL C 6 8.17 -16.93 42.14
N TYR C 7 8.01 -15.63 41.94
CA TYR C 7 6.72 -14.95 42.01
C TYR C 7 6.39 -14.45 40.60
N TYR C 8 5.23 -14.85 40.10
CA TYR C 8 4.75 -14.46 38.78
C TYR C 8 3.66 -13.43 38.91
N GLY C 9 3.74 -12.35 38.11
CA GLY C 9 2.75 -11.31 38.16
C GLY C 9 3.02 -10.18 39.13
N VAL C 10 4.26 -10.00 39.56
CA VAL C 10 4.62 -8.94 40.50
C VAL C 10 4.43 -7.57 39.85
N PRO C 11 4.04 -6.54 40.60
CA PRO C 11 3.87 -5.22 39.97
C PRO C 11 5.22 -4.51 39.85
N VAL C 12 5.98 -4.93 38.85
CA VAL C 12 7.30 -4.40 38.56
C VAL C 12 7.37 -3.97 37.09
N TRP C 13 7.99 -2.81 36.84
CA TRP C 13 8.12 -2.30 35.48
C TRP C 13 9.53 -1.77 35.27
N LYS C 14 9.91 -1.68 34.00
CA LYS C 14 11.21 -1.18 33.58
C LYS C 14 11.00 -0.33 32.34
N ASP C 15 11.77 0.75 32.20
CA ASP C 15 11.64 1.62 31.04
C ASP C 15 12.01 0.88 29.76
N ALA C 16 11.20 1.06 28.72
CA ALA C 16 11.42 0.41 27.43
C ALA C 16 10.64 1.16 26.37
N GLU C 17 10.89 0.80 25.12
CA GLU C 17 10.24 1.41 23.97
C GLU C 17 9.37 0.39 23.24
N THR C 18 8.17 0.82 22.85
CA THR C 18 7.25 -0.06 22.14
C THR C 18 6.37 0.78 21.22
N THR C 19 5.69 0.10 20.31
CA THR C 19 4.81 0.75 19.34
C THR C 19 3.37 0.80 19.87
N LEU C 20 2.98 1.94 20.41
CA LEU C 20 1.62 2.11 20.92
C LEU C 20 0.66 2.29 19.75
N PHE C 21 -0.52 1.70 19.88
CA PHE C 21 -1.55 1.78 18.85
C PHE C 21 -2.55 2.89 19.12
N CYS C 22 -3.08 3.46 18.05
CA CYS C 22 -4.05 4.55 18.12
C CYS C 22 -5.41 4.06 18.59
N ALA C 23 -6.23 5.02 19.01
CA ALA C 23 -7.59 4.76 19.49
C ALA C 23 -8.39 6.04 19.36
N SER C 24 -9.61 5.94 18.85
CA SER C 24 -10.44 7.13 18.68
C SER C 24 -11.91 6.76 18.87
N ASP C 25 -12.72 7.78 19.09
CA ASP C 25 -14.15 7.61 19.30
C ASP C 25 -14.86 7.14 18.03
N HIS C 34 -12.70 10.63 6.07
CA HIS C 34 -13.20 11.99 5.93
C HIS C 34 -12.41 12.92 6.84
N ASN C 35 -11.14 12.59 7.03
CA ASN C 35 -10.20 13.33 7.85
C ASN C 35 -8.83 12.76 7.47
N VAL C 36 -7.79 13.60 7.51
CA VAL C 36 -6.43 13.18 7.15
C VAL C 36 -5.92 12.05 8.03
N TRP C 37 -6.17 12.09 9.33
CA TRP C 37 -5.70 11.01 10.19
C TRP C 37 -6.70 9.86 10.10
N ALA C 38 -6.17 8.65 9.84
CA ALA C 38 -7.00 7.46 9.68
C ALA C 38 -7.90 7.21 10.89
N THR C 39 -9.21 7.35 10.68
CA THR C 39 -10.21 7.15 11.72
C THR C 39 -10.72 5.71 11.73
N HIS C 40 -10.96 5.15 10.54
CA HIS C 40 -11.45 3.77 10.46
C HIS C 40 -10.40 2.77 10.91
N ALA C 41 -9.11 3.09 10.71
CA ALA C 41 -8.05 2.17 11.12
C ALA C 41 -7.91 2.11 12.63
N CYS C 42 -8.00 3.25 13.32
CA CYS C 42 -7.87 3.29 14.77
C CYS C 42 -8.99 2.48 15.43
N VAL C 43 -8.61 1.64 16.38
CA VAL C 43 -9.54 0.79 17.11
C VAL C 43 -10.45 1.70 17.95
N PRO C 44 -11.73 1.36 18.14
CA PRO C 44 -12.60 2.23 18.96
C PRO C 44 -12.10 2.30 20.40
N THR C 45 -11.97 3.53 20.91
CA THR C 45 -11.50 3.73 22.27
C THR C 45 -12.54 3.27 23.28
N ASP C 46 -12.03 2.84 24.44
CA ASP C 46 -12.88 2.39 25.52
C ASP C 46 -13.71 3.56 26.04
N PRO C 47 -15.05 3.42 26.12
CA PRO C 47 -15.87 4.54 26.63
C PRO C 47 -15.60 4.88 28.09
N ASN C 48 -14.95 3.99 28.83
CA ASN C 48 -14.64 4.18 30.25
C ASN C 48 -13.15 3.97 30.56
N PRO C 49 -12.25 4.90 30.03
CA PRO C 49 -10.79 4.79 30.25
C PRO C 49 -10.38 4.67 31.71
N GLN C 50 -9.86 3.50 32.07
CA GLN C 50 -9.46 3.25 33.45
C GLN C 50 -8.18 4.01 33.80
N GLU C 51 -8.16 4.52 35.03
CA GLU C 51 -7.01 5.25 35.56
C GLU C 51 -6.84 4.81 36.99
N ILE C 52 -5.80 4.03 37.25
CA ILE C 52 -5.52 3.52 38.59
C ILE C 52 -4.48 4.43 39.22
N HIS C 53 -4.81 5.04 40.35
CA HIS C 53 -3.86 5.92 41.01
C HIS C 53 -2.96 5.09 41.91
N LEU C 54 -1.65 5.24 41.73
CA LEU C 54 -0.68 4.49 42.50
C LEU C 54 -0.19 5.34 43.66
N GLU C 55 -0.19 4.76 44.86
CA GLU C 55 0.23 5.45 46.07
C GLU C 55 1.57 4.90 46.55
N ASN C 56 2.32 5.78 47.23
CA ASN C 56 3.64 5.53 47.83
C ASN C 56 4.71 5.23 46.79
N VAL C 57 4.50 5.60 45.54
CA VAL C 57 5.46 5.35 44.48
C VAL C 57 5.75 6.66 43.74
N THR C 58 7.02 6.87 43.43
CA THR C 58 7.50 8.06 42.73
C THR C 58 8.28 7.55 41.53
N GLU C 59 7.95 8.03 40.34
CA GLU C 59 8.63 7.57 39.14
C GLU C 59 9.38 8.74 38.49
N GLU C 60 10.51 8.47 37.87
CA GLU C 60 11.30 9.51 37.24
C GLU C 60 10.91 9.65 35.77
N PHE C 61 10.40 10.82 35.40
CA PHE C 61 9.98 11.10 34.04
C PHE C 61 11.04 11.92 33.33
N ASN C 62 10.92 11.98 31.99
CA ASN C 62 11.85 12.74 31.15
C ASN C 62 11.13 13.10 29.85
N MET C 63 10.69 14.36 29.75
CA MET C 63 9.98 14.80 28.54
C MET C 63 10.87 14.87 27.31
N TRP C 64 12.16 15.21 27.46
CA TRP C 64 13.05 15.31 26.33
C TRP C 64 13.51 13.96 25.80
N LYS C 65 13.65 12.96 26.66
CA LYS C 65 14.08 11.64 26.24
C LYS C 65 12.90 10.70 26.05
N ASN C 66 11.68 11.23 25.97
CA ASN C 66 10.49 10.40 25.79
C ASN C 66 10.39 9.97 24.33
N ASN C 67 10.30 8.65 24.10
CA ASN C 67 10.19 8.10 22.76
C ASN C 67 8.78 8.23 22.17
N MET C 68 7.76 8.51 23.00
CA MET C 68 6.39 8.66 22.48
C MET C 68 6.30 9.80 21.50
N VAL C 69 7.03 10.88 21.75
CA VAL C 69 7.03 12.04 20.86
C VAL C 69 7.59 11.65 19.49
N GLU C 70 8.72 10.92 19.49
CA GLU C 70 9.33 10.49 18.23
C GLU C 70 8.42 9.54 17.47
N GLN C 71 7.78 8.60 18.18
CA GLN C 71 6.87 7.67 17.52
C GLN C 71 5.69 8.43 16.92
N MET C 72 5.16 9.41 17.67
CA MET C 72 4.04 10.21 17.19
C MET C 72 4.45 10.99 15.96
N HIS C 73 5.70 11.47 15.94
CA HIS C 73 6.25 12.20 14.81
C HIS C 73 6.27 11.33 13.56
N THR C 74 6.76 10.10 13.71
CA THR C 74 6.80 9.16 12.60
C THR C 74 5.40 8.81 12.11
N ASP C 75 4.47 8.57 13.05
CA ASP C 75 3.10 8.21 12.67
C ASP C 75 2.38 9.34 11.96
N ILE C 76 2.54 10.58 12.44
CA ILE C 76 1.88 11.72 11.81
C ILE C 76 2.44 11.95 10.41
N ILE C 77 3.77 11.83 10.25
CA ILE C 77 4.36 12.00 8.92
C ILE C 77 3.89 10.90 7.98
N SER C 78 3.82 9.67 8.48
CA SER C 78 3.36 8.54 7.66
C SER C 78 1.90 8.72 7.23
N LEU C 79 1.03 9.15 8.16
CA LEU C 79 -0.37 9.38 7.83
C LEU C 79 -0.52 10.50 6.82
N TRP C 80 0.25 11.57 6.99
CA TRP C 80 0.19 12.70 6.07
C TRP C 80 0.62 12.28 4.67
N ASP C 81 1.68 11.47 4.59
CA ASP C 81 2.16 11.00 3.29
C ASP C 81 1.15 10.07 2.62
N GLN C 82 0.58 9.12 3.37
CA GLN C 82 -0.37 8.19 2.80
C GLN C 82 -1.71 8.85 2.49
N SER C 83 -2.04 9.96 3.13
CA SER C 83 -3.31 10.65 2.89
C SER C 83 -3.33 11.37 1.54
N LEU C 84 -2.17 11.63 0.96
CA LEU C 84 -2.09 12.34 -0.32
C LEU C 84 -2.01 11.39 -1.51
N LYS C 85 -1.54 10.17 -1.30
CA LYS C 85 -1.43 9.20 -2.40
C LYS C 85 -2.72 8.86 -3.15
N PRO C 86 -3.90 8.66 -2.55
CA PRO C 86 -5.08 8.29 -3.33
C PRO C 86 -5.72 9.42 -4.14
N CYS C 87 -5.09 10.58 -4.32
CA CYS C 87 -5.73 11.63 -5.11
C CYS C 87 -4.70 12.31 -6.01
N VAL C 88 -5.22 13.22 -6.83
CA VAL C 88 -4.57 13.99 -7.89
C VAL C 88 -3.17 14.51 -7.58
N LYS C 89 -2.28 14.39 -8.56
CA LYS C 89 -0.90 14.86 -8.52
C LYS C 89 -0.78 16.03 -9.50
N LEU C 90 -0.04 17.06 -9.12
CA LEU C 90 0.09 18.24 -9.98
C LEU C 90 1.39 18.25 -10.78
N THR C 91 1.87 17.09 -11.23
CA THR C 91 3.10 17.07 -12.02
C THR C 91 3.01 17.80 -13.37
N PRO C 92 1.92 17.78 -14.16
CA PRO C 92 1.98 18.53 -15.43
C PRO C 92 1.72 20.01 -15.25
N LEU C 93 1.28 20.44 -14.06
CA LEU C 93 0.95 21.83 -13.79
C LEU C 93 2.13 22.78 -13.97
N CYS C 94 3.38 22.30 -13.85
CA CYS C 94 4.53 23.18 -14.05
C CYS C 94 4.59 23.60 -15.51
N VAL C 95 4.24 24.86 -15.76
CA VAL C 95 4.22 25.46 -17.09
C VAL C 95 4.45 26.95 -16.91
N THR C 96 4.83 27.61 -18.01
CA THR C 96 5.06 29.04 -18.00
C THR C 96 3.76 29.78 -17.70
N LEU C 97 3.74 30.51 -16.59
CA LEU C 97 2.55 31.23 -16.14
C LEU C 97 2.64 32.72 -16.42
N GLN C 98 1.85 33.20 -17.37
CA GLN C 98 1.76 34.63 -17.67
C GLN C 98 0.94 35.25 -16.55
N CYS C 99 1.53 36.11 -15.73
CA CYS C 99 0.78 36.63 -14.60
C CYS C 99 0.91 38.13 -14.46
N THR C 100 -0.13 38.74 -13.90
CA THR C 100 -0.19 40.18 -13.67
C THR C 100 -0.76 40.40 -12.28
N ASN C 101 -0.79 41.66 -11.85
CA ASN C 101 -1.32 41.99 -10.54
C ASN C 101 -2.84 41.96 -10.54
N VAL C 102 -3.43 41.88 -9.36
CA VAL C 102 -4.87 41.91 -9.18
C VAL C 102 -5.17 43.24 -8.50
N THR C 103 -5.80 44.17 -9.23
CA THR C 103 -6.07 45.49 -8.67
C THR C 103 -7.55 45.81 -8.61
N ASN C 104 -8.41 44.79 -8.55
CA ASN C 104 -9.84 45.01 -8.45
C ASN C 104 -10.22 45.06 -6.97
N ASN C 105 -10.49 46.28 -6.47
CA ASN C 105 -10.87 46.56 -5.08
C ASN C 105 -9.90 45.89 -4.09
N ILE C 106 -8.66 46.39 -4.09
CA ILE C 106 -7.62 45.80 -3.26
C ILE C 106 -6.92 46.85 -2.41
N THR C 107 -6.39 46.38 -1.29
CA THR C 107 -5.58 47.15 -0.37
C THR C 107 -4.20 46.54 -0.19
N ASP C 108 -4.02 45.29 -0.59
CA ASP C 108 -2.75 44.57 -0.56
C ASP C 108 -2.40 44.13 -1.97
N GLY C 109 -1.16 44.37 -2.38
CA GLY C 109 -0.70 44.10 -3.72
C GLY C 109 -0.13 42.71 -3.96
N GLU C 110 -0.29 41.78 -3.02
CA GLU C 110 0.29 40.45 -3.11
C GLU C 110 -0.29 39.58 -4.23
N LEU C 111 -1.58 39.22 -4.11
CA LEU C 111 -2.33 38.35 -5.03
C LEU C 111 -2.06 38.65 -6.51
N LYS C 112 -1.95 37.59 -7.32
CA LYS C 112 -1.69 37.72 -8.75
C LYS C 112 -2.63 36.87 -9.58
N ASN C 113 -2.95 37.38 -10.77
CA ASN C 113 -3.83 36.74 -11.74
C ASN C 113 -2.97 36.08 -12.82
N CYS C 114 -2.87 34.76 -12.80
CA CYS C 114 -2.04 34.02 -13.76
C CYS C 114 -2.87 33.21 -14.76
N SER C 115 -2.48 33.31 -16.02
CA SER C 115 -3.11 32.57 -17.11
C SER C 115 -2.04 31.64 -17.64
N PHE C 116 -2.47 30.47 -18.11
CA PHE C 116 -1.54 29.46 -18.61
C PHE C 116 -2.29 28.38 -19.37
N ASN C 117 -1.53 27.60 -20.13
CA ASN C 117 -2.04 26.49 -20.90
C ASN C 117 -2.05 25.24 -20.03
N MET C 118 -3.01 24.36 -20.28
CA MET C 118 -3.16 23.13 -19.51
C MET C 118 -3.75 22.01 -20.36
N THR C 119 -3.50 20.78 -19.94
CA THR C 119 -4.07 19.67 -20.67
C THR C 119 -5.55 19.53 -20.32
N THR C 120 -6.27 18.74 -21.12
CA THR C 120 -7.69 18.50 -20.92
C THR C 120 -7.91 17.00 -20.85
N GLU C 121 -9.18 16.58 -20.89
CA GLU C 121 -9.53 15.16 -20.84
C GLU C 121 -8.90 14.42 -22.02
N LEU C 122 -8.72 15.08 -23.16
CA LEU C 122 -8.12 14.48 -24.34
C LEU C 122 -6.64 14.85 -24.41
N ARG C 123 -5.81 13.88 -24.80
CA ARG C 123 -4.36 14.10 -24.88
C ARG C 123 -3.96 15.04 -26.02
N ASP C 124 -4.75 15.13 -27.08
CA ASP C 124 -4.44 15.95 -28.24
C ASP C 124 -5.04 17.35 -28.19
N LYS C 125 -5.67 17.73 -27.09
CA LYS C 125 -6.31 19.04 -26.93
C LYS C 125 -5.83 19.71 -25.66
N LYS C 126 -5.58 21.01 -25.75
CA LYS C 126 -5.15 21.79 -24.60
C LYS C 126 -6.26 22.79 -24.26
N GLN C 127 -5.98 23.65 -23.28
CA GLN C 127 -6.92 24.69 -22.88
C GLN C 127 -6.18 25.82 -22.21
N LYS C 128 -6.63 27.05 -22.43
CA LYS C 128 -6.01 28.22 -21.82
C LYS C 128 -6.91 28.66 -20.67
N VAL C 129 -6.45 28.49 -19.43
CA VAL C 129 -7.22 28.84 -18.26
C VAL C 129 -6.46 29.85 -17.41
N TYR C 130 -7.12 30.34 -16.36
CA TYR C 130 -6.55 31.31 -15.44
C TYR C 130 -6.86 30.91 -14.01
N SER C 131 -5.99 31.35 -13.09
CA SER C 131 -6.12 31.07 -11.68
C SER C 131 -5.41 32.16 -10.88
N LEU C 132 -5.98 32.49 -9.73
CA LEU C 132 -5.40 33.51 -8.85
C LEU C 132 -4.45 32.82 -7.89
N PHE C 133 -3.18 33.19 -7.93
CA PHE C 133 -2.14 32.63 -7.08
C PHE C 133 -1.49 33.73 -6.26
N TYR C 134 -1.14 33.41 -5.02
CA TYR C 134 -0.49 34.38 -4.15
C TYR C 134 0.98 34.58 -4.57
N ARG C 135 1.57 35.68 -4.10
CA ARG C 135 2.95 35.96 -4.45
C ARG C 135 3.94 35.05 -3.70
N LEU C 136 3.50 34.42 -2.60
CA LEU C 136 4.40 33.55 -1.84
C LEU C 136 4.74 32.26 -2.58
N ASP C 137 3.77 31.66 -3.28
CA ASP C 137 4.02 30.42 -4.00
C ASP C 137 4.25 30.62 -5.49
N VAL C 138 4.67 31.82 -5.89
CA VAL C 138 4.94 32.17 -7.28
C VAL C 138 6.23 32.97 -7.34
N VAL C 139 7.14 32.60 -8.24
CA VAL C 139 8.43 33.26 -8.40
C VAL C 139 8.61 33.61 -9.87
N GLN C 140 9.19 34.78 -10.12
CA GLN C 140 9.43 35.23 -11.48
C GLN C 140 10.54 34.41 -12.12
N ILE C 141 10.30 33.94 -13.36
CA ILE C 141 11.30 33.15 -14.06
C ILE C 141 12.33 34.03 -14.74
N ASN C 142 11.92 35.19 -15.26
CA ASN C 142 12.85 36.08 -15.93
C ASN C 142 13.68 36.88 -14.92
N LYS C 154 6.79 39.81 -16.42
CA LYS C 154 5.41 39.43 -16.71
C LYS C 154 5.33 37.93 -16.95
N GLU C 155 6.40 37.23 -16.61
CA GLU C 155 6.48 35.78 -16.78
C GLU C 155 6.85 35.19 -15.43
N TYR C 156 6.05 34.24 -14.96
CA TYR C 156 6.27 33.62 -13.66
C TYR C 156 6.12 32.12 -13.74
N ARG C 157 6.48 31.46 -12.63
CA ARG C 157 6.38 30.01 -12.50
C ARG C 157 6.23 29.70 -11.01
N LEU C 158 5.86 28.46 -10.72
CA LEU C 158 5.68 28.04 -9.34
C LEU C 158 7.03 27.77 -8.68
N ILE C 159 7.10 28.05 -7.39
CA ILE C 159 8.33 27.85 -6.60
C ILE C 159 8.70 26.38 -6.53
N ASN C 160 7.72 25.48 -6.58
CA ASN C 160 7.97 24.05 -6.48
C ASN C 160 8.46 23.38 -7.76
N CYS C 161 8.42 24.07 -8.90
CA CYS C 161 8.83 23.45 -10.16
C CYS C 161 10.30 23.05 -10.14
N ASN C 162 11.14 23.85 -9.48
CA ASN C 162 12.56 23.50 -9.42
C ASN C 162 12.90 22.65 -8.20
N THR C 163 11.91 22.24 -7.41
CA THR C 163 12.13 21.42 -6.24
C THR C 163 11.48 20.05 -6.34
N SER C 164 10.16 20.00 -6.58
CA SER C 164 9.38 18.76 -6.71
C SER C 164 7.94 19.01 -7.10
N ALA C 165 7.31 18.03 -7.75
CA ALA C 165 5.92 18.18 -8.15
C ALA C 165 5.02 17.96 -6.94
N CYS C 166 4.26 18.98 -6.56
CA CYS C 166 3.36 18.84 -5.42
C CYS C 166 2.18 17.96 -5.74
N THR C 167 1.65 17.33 -4.70
CA THR C 167 0.49 16.46 -4.82
C THR C 167 -0.70 17.23 -4.30
N GLN C 168 -1.69 17.48 -5.16
CA GLN C 168 -2.88 18.21 -4.76
C GLN C 168 -3.61 17.49 -3.64
N ALA C 169 -3.84 18.22 -2.55
CA ALA C 169 -4.53 17.66 -1.39
C ALA C 169 -5.94 17.23 -1.76
N CYS C 170 -6.34 16.07 -1.24
CA CYS C 170 -7.66 15.51 -1.51
C CYS C 170 -8.72 16.49 -1.00
N PRO C 171 -9.73 16.80 -1.79
CA PRO C 171 -10.75 17.76 -1.34
C PRO C 171 -11.79 17.15 -0.41
N LYS C 172 -12.01 15.83 -0.52
CA LYS C 172 -13.00 15.16 0.29
C LYS C 172 -12.54 14.92 1.72
N VAL C 173 -11.23 14.99 2.00
CA VAL C 173 -10.72 14.79 3.34
C VAL C 173 -10.57 16.15 4.04
N SER C 174 -10.79 16.16 5.35
CA SER C 174 -10.69 17.36 6.14
C SER C 174 -9.40 17.35 6.97
N PHE C 175 -8.88 18.54 7.26
CA PHE C 175 -7.68 18.67 8.05
C PHE C 175 -7.95 18.91 9.53
N GLU C 176 -9.15 18.61 10.01
CA GLU C 176 -9.52 18.80 11.41
C GLU C 176 -8.69 17.91 12.32
N PRO C 177 -7.94 18.47 13.28
CA PRO C 177 -7.16 17.63 14.17
C PRO C 177 -8.00 16.93 15.22
N ILE C 178 -8.60 15.79 14.86
CA ILE C 178 -9.42 15.03 15.81
C ILE C 178 -8.52 14.46 16.90
N PRO C 179 -8.97 14.35 18.14
CA PRO C 179 -8.10 13.80 19.19
C PRO C 179 -7.88 12.31 19.00
N ILE C 180 -6.63 11.89 19.24
CA ILE C 180 -6.23 10.50 19.12
C ILE C 180 -5.58 10.05 20.43
N HIS C 181 -6.00 8.90 20.92
CA HIS C 181 -5.51 8.35 22.17
C HIS C 181 -4.47 7.28 21.87
N TYR C 182 -3.27 7.42 22.45
CA TYR C 182 -2.21 6.46 22.25
C TYR C 182 -2.30 5.42 23.37
N CYS C 183 -2.48 4.16 23.01
CA CYS C 183 -2.60 3.08 23.98
C CYS C 183 -1.46 2.10 23.82
N ALA C 184 -0.85 1.73 24.93
CA ALA C 184 0.24 0.77 24.89
C ALA C 184 -0.32 -0.64 24.71
N PRO C 185 0.42 -1.56 24.10
CA PRO C 185 -0.08 -2.91 23.90
C PRO C 185 0.00 -3.73 25.19
N ALA C 186 -0.41 -4.98 25.09
CA ALA C 186 -0.39 -5.90 26.23
C ALA C 186 1.04 -6.08 26.73
N GLY C 187 1.20 -6.16 28.04
CA GLY C 187 2.50 -6.30 28.64
C GLY C 187 3.20 -4.98 28.91
N PHE C 188 2.60 -3.87 28.49
CA PHE C 188 3.15 -2.54 28.69
C PHE C 188 2.08 -1.68 29.36
N ALA C 189 2.52 -0.63 30.04
CA ALA C 189 1.61 0.27 30.72
C ALA C 189 2.09 1.70 30.55
N ILE C 190 1.16 2.65 30.66
CA ILE C 190 1.49 4.06 30.53
C ILE C 190 1.32 4.72 31.88
N LEU C 191 2.36 5.40 32.34
CA LEU C 191 2.36 6.10 33.60
C LEU C 191 2.09 7.57 33.34
N LYS C 192 1.06 8.09 34.00
CA LYS C 192 0.60 9.46 33.94
C LYS C 192 0.96 10.17 35.23
N CYS C 193 1.82 11.18 35.14
CA CYS C 193 2.25 11.95 36.31
C CYS C 193 1.15 12.96 36.62
N LYS C 194 0.44 12.77 37.73
CA LYS C 194 -0.64 13.68 38.11
C LYS C 194 -0.20 14.83 38.99
N ASP C 195 1.09 14.95 39.29
CA ASP C 195 1.66 16.08 40.04
C ASP C 195 1.33 17.37 39.30
N LYS C 196 0.51 18.23 39.91
CA LYS C 196 0.05 19.47 39.23
C LYS C 196 1.23 20.41 38.96
N LYS C 197 2.33 20.24 39.67
CA LYS C 197 3.48 21.17 39.52
C LYS C 197 4.60 20.48 38.75
N PHE C 198 4.24 19.60 37.82
CA PHE C 198 5.30 18.82 37.10
C PHE C 198 6.30 19.82 36.50
N ASN C 199 7.59 19.51 36.66
CA ASN C 199 8.65 20.43 36.19
C ASN C 199 9.11 19.98 34.80
N GLY C 200 8.60 18.84 34.32
CA GLY C 200 8.98 18.32 33.00
C GLY C 200 9.83 17.07 33.10
N THR C 201 10.80 17.07 34.02
CA THR C 201 11.71 15.91 34.19
C THR C 201 11.85 15.62 35.66
N GLY C 202 12.52 14.51 36.01
CA GLY C 202 12.76 14.22 37.40
C GLY C 202 11.69 13.37 38.05
N PRO C 203 11.88 13.07 39.34
CA PRO C 203 10.90 12.24 40.05
C PRO C 203 9.54 12.91 40.17
N CYS C 204 8.49 12.10 40.03
CA CYS C 204 7.09 12.48 40.12
C CYS C 204 6.51 11.76 41.32
N PRO C 205 6.10 12.49 42.37
CA PRO C 205 5.54 11.86 43.57
C PRO C 205 4.10 11.37 43.46
N SER C 206 3.46 11.41 42.30
CA SER C 206 2.08 10.95 42.17
C SER C 206 1.86 10.50 40.73
N VAL C 207 1.81 9.19 40.52
CA VAL C 207 1.64 8.61 39.20
C VAL C 207 0.39 7.72 39.18
N SER C 208 -0.05 7.43 37.96
CA SER C 208 -1.22 6.60 37.77
C SER C 208 -1.07 5.82 36.47
N THR C 209 -1.60 4.61 36.47
CA THR C 209 -1.54 3.74 35.31
C THR C 209 -2.78 3.96 34.47
N VAL C 210 -2.59 4.18 33.17
CA VAL C 210 -3.69 4.41 32.24
C VAL C 210 -3.45 3.56 31.00
N GLN C 211 -4.50 2.90 30.52
CA GLN C 211 -4.36 2.08 29.33
C GLN C 211 -4.21 2.94 28.08
N CYS C 212 -4.82 4.12 28.08
CA CYS C 212 -4.76 5.03 26.95
C CYS C 212 -4.59 6.46 27.45
N THR C 213 -3.87 7.26 26.67
CA THR C 213 -3.65 8.65 27.03
C THR C 213 -4.89 9.47 26.68
N HIS C 214 -4.95 10.69 27.20
CA HIS C 214 -6.09 11.57 26.93
C HIS C 214 -6.08 12.01 25.46
N GLY C 215 -7.10 12.77 25.06
CA GLY C 215 -7.19 13.23 23.69
C GLY C 215 -6.08 14.17 23.26
N ILE C 216 -5.17 13.67 22.42
CA ILE C 216 -4.05 14.46 21.93
C ILE C 216 -4.43 14.95 20.54
N LYS C 217 -4.79 16.22 20.44
CA LYS C 217 -5.15 16.78 19.14
C LYS C 217 -3.86 17.09 18.38
N PRO C 218 -3.63 16.48 17.22
CA PRO C 218 -2.38 16.77 16.47
C PRO C 218 -2.42 18.11 15.76
N VAL C 219 -2.47 19.18 16.54
CA VAL C 219 -2.50 20.51 15.97
C VAL C 219 -1.11 20.86 15.48
N VAL C 220 -1.01 21.35 14.25
CA VAL C 220 0.26 21.71 13.65
C VAL C 220 0.37 23.22 13.71
N SER C 221 1.37 23.71 14.44
CA SER C 221 1.58 25.14 14.57
C SER C 221 2.99 25.40 15.05
N THR C 222 3.43 26.63 14.85
CA THR C 222 4.76 27.11 15.23
C THR C 222 4.61 28.47 15.90
N GLN C 223 5.39 28.69 16.97
CA GLN C 223 5.48 29.89 17.80
C GLN C 223 4.29 30.08 18.74
N LEU C 224 3.26 29.25 18.61
CA LEU C 224 2.06 29.35 19.45
C LEU C 224 1.39 27.98 19.45
N LEU C 225 1.19 27.41 20.63
CA LEU C 225 0.54 26.11 20.77
C LEU C 225 -0.96 26.33 20.81
N LEU C 226 -1.64 26.01 19.73
CA LEU C 226 -3.08 26.19 19.62
C LEU C 226 -3.85 24.91 19.97
N ASN C 227 -5.00 25.10 20.63
CA ASN C 227 -5.92 24.03 21.04
C ASN C 227 -5.23 22.94 21.86
N GLY C 228 -4.37 23.34 22.78
CA GLY C 228 -3.66 22.40 23.62
C GLY C 228 -4.29 22.26 25.00
N SER C 229 -3.56 21.57 25.87
CA SER C 229 -4.01 21.32 27.24
C SER C 229 -3.48 22.41 28.16
N LEU C 230 -4.37 22.99 28.95
CA LEU C 230 -4.00 24.05 29.86
C LEU C 230 -3.39 23.49 31.14
N ALA C 231 -2.67 24.36 31.85
CA ALA C 231 -2.05 23.97 33.11
C ALA C 231 -3.11 23.79 34.19
N GLU C 232 -2.69 23.19 35.31
CA GLU C 232 -3.61 22.94 36.41
C GLU C 232 -3.69 24.08 37.41
N GLU C 233 -2.55 24.64 37.83
CA GLU C 233 -2.55 25.72 38.82
C GLU C 233 -2.07 27.05 38.27
N GLU C 234 -0.87 27.11 37.69
CA GLU C 234 -0.35 28.37 37.17
C GLU C 234 0.47 28.07 35.92
N VAL C 235 0.98 29.14 35.28
CA VAL C 235 1.78 29.01 34.07
C VAL C 235 3.02 28.21 34.36
N MET C 236 3.30 27.21 33.53
CA MET C 236 4.45 26.35 33.71
C MET C 236 5.46 26.55 32.59
N ILE C 237 6.74 26.68 32.97
CA ILE C 237 7.84 26.85 32.03
C ILE C 237 8.71 25.61 32.13
N ARG C 238 9.00 25.00 30.99
CA ARG C 238 9.81 23.80 30.93
C ARG C 238 10.91 23.99 29.89
N SER C 239 12.07 23.41 30.17
CA SER C 239 13.22 23.49 29.28
C SER C 239 14.25 22.46 29.70
N GLU C 240 14.94 21.89 28.72
CA GLU C 240 15.96 20.89 29.00
C GLU C 240 17.11 21.49 29.79
N ASN C 241 17.47 22.74 29.48
CA ASN C 241 18.55 23.43 30.16
C ASN C 241 18.20 24.92 30.09
N ILE C 242 17.85 25.50 31.24
CA ILE C 242 17.50 26.92 31.30
C ILE C 242 18.70 27.79 30.92
N THR C 243 19.90 27.36 31.29
CA THR C 243 21.10 28.13 30.98
C THR C 243 21.61 27.93 29.56
N ASN C 244 21.01 27.05 28.78
CA ASN C 244 21.44 26.81 27.41
C ASN C 244 20.52 27.60 26.47
N ASN C 245 21.12 28.43 25.62
CA ASN C 245 20.36 29.25 24.69
C ASN C 245 19.88 28.48 23.47
N ALA C 246 20.49 27.33 23.18
CA ALA C 246 20.11 26.53 22.02
C ALA C 246 18.91 25.64 22.27
N LYS C 247 18.41 25.56 23.50
CA LYS C 247 17.27 24.71 23.82
C LYS C 247 16.01 25.55 23.93
N ASN C 248 14.98 25.16 23.19
CA ASN C 248 13.72 25.89 23.20
C ASN C 248 13.03 25.78 24.56
N ILE C 249 12.41 26.88 24.97
CA ILE C 249 11.70 26.99 26.24
C ILE C 249 10.20 26.84 25.96
N LEU C 250 9.61 25.75 26.43
CA LEU C 250 8.18 25.52 26.26
C LEU C 250 7.43 26.18 27.40
N VAL C 251 6.32 26.83 27.08
CA VAL C 251 5.51 27.51 28.09
C VAL C 251 4.09 26.99 27.94
N GLN C 252 3.41 26.80 29.08
CA GLN C 252 2.04 26.31 29.14
C GLN C 252 1.23 27.28 30.00
N PHE C 253 0.14 27.78 29.44
CA PHE C 253 -0.72 28.73 30.12
C PHE C 253 -1.78 28.03 30.96
N ASN C 254 -2.10 28.65 32.11
CA ASN C 254 -3.12 28.13 33.00
C ASN C 254 -4.52 28.57 32.58
N THR C 255 -4.62 29.59 31.74
CA THR C 255 -5.83 30.16 31.18
C THR C 255 -5.65 30.31 29.69
N PRO C 256 -6.71 30.15 28.89
CA PRO C 256 -6.53 30.29 27.44
C PRO C 256 -6.69 31.70 26.91
N VAL C 257 -5.87 31.99 25.91
CA VAL C 257 -5.87 33.29 25.24
C VAL C 257 -6.57 33.06 23.90
N GLN C 258 -7.83 33.46 23.84
CA GLN C 258 -8.63 33.28 22.63
C GLN C 258 -8.06 34.08 21.47
N ILE C 259 -8.02 33.45 20.29
CA ILE C 259 -7.52 34.07 19.06
C ILE C 259 -8.56 33.85 17.97
N ASN C 260 -8.93 34.93 17.27
CA ASN C 260 -9.91 34.85 16.19
C ASN C 260 -9.20 35.15 14.87
N CYS C 261 -9.11 34.15 14.02
CA CYS C 261 -8.45 34.32 12.73
C CYS C 261 -9.46 34.23 11.60
N THR C 262 -9.23 35.01 10.53
CA THR C 262 -10.20 34.95 9.44
C THR C 262 -9.60 35.36 8.10
N ARG C 263 -10.34 35.01 7.06
CA ARG C 263 -10.03 35.29 5.66
C ARG C 263 -11.36 35.75 5.05
N PRO C 264 -11.62 37.06 5.06
CA PRO C 264 -12.89 37.57 4.52
C PRO C 264 -12.92 37.73 3.01
N ASN C 265 -11.98 37.11 2.29
CA ASN C 265 -11.95 37.24 0.84
C ASN C 265 -13.13 36.58 0.13
N ASN C 266 -13.65 35.46 0.65
CA ASN C 266 -14.77 34.71 0.04
C ASN C 266 -14.39 34.22 -1.36
N ASN C 267 -13.35 33.39 -1.39
CA ASN C 267 -12.82 32.83 -2.64
C ASN C 267 -13.84 31.95 -3.35
N THR C 268 -13.64 31.81 -4.66
CA THR C 268 -14.48 30.99 -5.52
C THR C 268 -13.62 29.89 -6.13
N ARG C 269 -14.06 28.65 -6.01
CA ARG C 269 -13.33 27.51 -6.52
C ARG C 269 -13.85 27.11 -7.91
N LYS C 270 -12.92 26.79 -8.80
CA LYS C 270 -13.24 26.36 -10.15
C LYS C 270 -12.48 25.07 -10.46
N SER C 271 -13.18 24.07 -10.98
CA SER C 271 -12.57 22.79 -11.30
C SER C 271 -12.07 22.80 -12.73
N ILE C 272 -10.76 22.66 -12.92
CA ILE C 272 -10.14 22.63 -14.23
C ILE C 272 -9.78 21.18 -14.52
N ARG C 273 -10.28 20.64 -15.63
CA ARG C 273 -9.99 19.26 -15.98
C ARG C 273 -8.54 19.12 -16.45
N ILE C 274 -7.61 18.96 -15.51
CA ILE C 274 -6.20 18.83 -15.82
C ILE C 274 -5.90 17.58 -16.63
N GLY C 275 -6.65 16.50 -16.41
CA GLY C 275 -6.45 15.28 -17.14
C GLY C 275 -7.67 14.39 -17.06
N PRO C 276 -7.59 13.19 -17.66
CA PRO C 276 -8.72 12.26 -17.63
C PRO C 276 -9.03 11.75 -16.23
N GLY C 277 -10.17 12.16 -15.68
CA GLY C 277 -10.58 11.74 -14.36
C GLY C 277 -9.97 12.49 -13.21
N GLN C 278 -9.06 13.43 -13.45
CA GLN C 278 -8.43 14.21 -12.41
C GLN C 278 -8.68 15.69 -12.68
N ALA C 279 -8.97 16.43 -11.60
CA ALA C 279 -9.26 17.85 -11.72
C ALA C 279 -8.41 18.65 -10.75
N PHE C 280 -8.08 19.87 -11.17
CA PHE C 280 -7.28 20.82 -10.41
C PHE C 280 -8.18 21.95 -9.94
N TYR C 281 -8.30 22.11 -8.63
CA TYR C 281 -9.15 23.15 -8.06
C TYR C 281 -8.36 24.46 -8.02
N ALA C 282 -8.84 25.46 -8.74
CA ALA C 282 -8.19 26.76 -8.81
C ALA C 282 -9.07 27.84 -8.21
N THR C 283 -8.44 28.97 -7.88
CA THR C 283 -9.13 30.12 -7.31
C THR C 283 -9.68 30.94 -8.47
N GLY C 284 -10.98 30.82 -8.71
CA GLY C 284 -11.65 31.54 -9.79
C GLY C 284 -11.59 33.05 -9.74
N ASP C 285 -12.29 33.64 -8.78
CA ASP C 285 -12.33 35.09 -8.62
C ASP C 285 -12.70 35.40 -7.18
N ILE C 286 -12.29 36.58 -6.74
CA ILE C 286 -12.55 37.05 -5.37
C ILE C 286 -13.68 38.06 -5.48
N ILE C 287 -14.90 37.64 -5.14
CA ILE C 287 -16.05 38.55 -5.20
C ILE C 287 -16.06 39.41 -3.96
N GLY C 288 -16.27 40.71 -4.14
CA GLY C 288 -16.28 41.63 -3.03
C GLY C 288 -14.91 42.25 -2.81
N ASP C 289 -14.87 43.16 -1.84
CA ASP C 289 -13.63 43.85 -1.49
C ASP C 289 -12.60 42.86 -0.97
N ILE C 290 -11.37 42.96 -1.46
CA ILE C 290 -10.28 42.08 -1.04
C ILE C 290 -9.60 42.68 0.18
N ARG C 291 -9.51 41.90 1.24
CA ARG C 291 -8.87 42.32 2.48
C ARG C 291 -7.87 41.28 2.93
N GLN C 292 -6.80 41.74 3.57
CA GLN C 292 -5.76 40.85 4.04
C GLN C 292 -6.24 40.04 5.23
N ALA C 293 -5.82 38.78 5.30
CA ALA C 293 -6.20 37.92 6.42
C ALA C 293 -5.52 38.41 7.69
N HIS C 294 -6.17 38.18 8.82
CA HIS C 294 -5.61 38.64 10.09
C HIS C 294 -6.18 37.84 11.25
N CYS C 295 -5.52 38.00 12.40
CA CYS C 295 -5.93 37.35 13.65
C CYS C 295 -6.02 38.40 14.74
N ASN C 296 -7.06 38.30 15.56
CA ASN C 296 -7.30 39.24 16.63
C ASN C 296 -7.09 38.56 17.98
N VAL C 297 -6.38 39.25 18.87
CA VAL C 297 -6.10 38.74 20.22
C VAL C 297 -6.34 39.89 21.18
N SER C 298 -7.14 39.67 22.22
CA SER C 298 -7.41 40.70 23.22
C SER C 298 -6.13 41.14 23.92
N LYS C 299 -5.85 42.44 23.89
CA LYS C 299 -4.62 42.94 24.51
C LYS C 299 -4.65 42.84 26.03
N ALA C 300 -5.83 42.87 26.66
CA ALA C 300 -5.87 42.76 28.11
C ALA C 300 -5.49 41.35 28.57
N THR C 301 -6.09 40.34 27.93
CA THR C 301 -5.78 38.95 28.27
C THR C 301 -4.33 38.63 27.93
N TRP C 302 -3.85 39.12 26.78
CA TRP C 302 -2.46 38.89 26.41
C TRP C 302 -1.51 39.59 27.38
N ASN C 303 -1.89 40.79 27.84
CA ASN C 303 -1.07 41.53 28.80
C ASN C 303 -0.94 40.78 30.11
N GLU C 304 -2.07 40.32 30.65
CA GLU C 304 -2.02 39.58 31.92
C GLU C 304 -1.30 38.24 31.74
N THR C 305 -1.48 37.60 30.59
CA THR C 305 -0.80 36.34 30.31
C THR C 305 0.70 36.53 30.25
N LEU C 306 1.16 37.59 29.58
CA LEU C 306 2.59 37.88 29.52
C LEU C 306 3.11 38.25 30.89
N GLY C 307 2.29 38.90 31.71
CA GLY C 307 2.69 39.23 33.07
C GLY C 307 2.94 37.97 33.87
N LYS C 308 2.04 36.98 33.72
CA LYS C 308 2.22 35.71 34.42
C LYS C 308 3.45 34.98 33.91
N VAL C 309 3.68 35.03 32.59
CA VAL C 309 4.84 34.37 31.99
C VAL C 309 6.14 34.98 32.49
N VAL C 310 6.23 36.31 32.52
CA VAL C 310 7.45 36.95 33.00
C VAL C 310 7.63 36.70 34.49
N LYS C 311 6.53 36.65 35.26
CA LYS C 311 6.62 36.37 36.68
C LYS C 311 7.19 34.98 36.92
N GLN C 312 6.75 34.00 36.11
CA GLN C 312 7.27 32.65 36.23
C GLN C 312 8.71 32.56 35.74
N LEU C 313 9.05 33.33 34.70
CA LEU C 313 10.42 33.34 34.17
C LEU C 313 11.40 33.87 35.22
N ARG C 314 10.99 34.91 35.95
CA ARG C 314 11.84 35.48 36.99
C ARG C 314 12.16 34.49 38.09
N LYS C 315 11.33 33.46 38.28
CA LYS C 315 11.60 32.45 39.30
C LYS C 315 12.89 31.71 38.97
N HIS C 316 13.12 31.43 37.69
CA HIS C 316 14.32 30.74 37.22
C HIS C 316 15.48 31.68 36.97
N PHE C 317 15.21 32.89 36.46
CA PHE C 317 16.26 33.86 36.16
C PHE C 317 16.52 34.87 37.27
N GLY C 318 15.88 34.73 38.42
CA GLY C 318 16.08 35.64 39.53
C GLY C 318 15.25 36.89 39.40
N ASN C 319 15.25 37.68 40.46
CA ASN C 319 14.50 38.93 40.52
C ASN C 319 15.38 40.10 40.08
N ASN C 320 14.73 41.28 39.97
CA ASN C 320 15.38 42.54 39.58
C ASN C 320 16.11 42.45 38.25
N THR C 321 15.49 41.78 37.28
CA THR C 321 16.06 41.63 35.94
C THR C 321 14.98 41.95 34.92
N ILE C 322 15.32 42.84 33.99
CA ILE C 322 14.37 43.25 32.96
C ILE C 322 14.30 42.16 31.90
N ILE C 323 13.08 41.77 31.53
CA ILE C 323 12.86 40.73 30.53
C ILE C 323 12.14 41.35 29.33
N ARG C 324 12.74 41.23 28.16
CA ARG C 324 12.18 41.80 26.95
C ARG C 324 11.66 40.70 26.02
N PHE C 325 10.58 41.04 25.30
CA PHE C 325 9.94 40.17 24.33
C PHE C 325 10.07 40.87 22.99
N ALA C 326 10.86 40.27 22.09
CA ALA C 326 11.13 40.75 20.75
C ALA C 326 10.66 39.71 19.74
N ASN C 327 10.44 40.14 18.50
CA ASN C 327 9.99 39.23 17.46
C ASN C 327 11.12 38.28 17.03
N SER C 328 10.79 37.39 16.08
CA SER C 328 11.75 36.41 15.57
C SER C 328 12.94 37.09 14.91
N SER C 329 14.13 36.52 15.13
CA SER C 329 15.36 37.07 14.56
C SER C 329 15.36 37.00 13.03
N GLY C 330 15.01 35.85 12.47
CA GLY C 330 15.00 35.71 11.03
C GLY C 330 15.06 34.26 10.61
N GLY C 331 14.85 34.05 9.31
CA GLY C 331 14.88 32.72 8.74
C GLY C 331 13.77 32.51 7.72
N ASP C 332 13.33 31.26 7.56
CA ASP C 332 12.27 30.93 6.62
C ASP C 332 10.92 31.42 7.13
N LEU C 333 9.96 31.51 6.20
CA LEU C 333 8.61 31.97 6.56
C LEU C 333 7.92 31.02 7.55
N GLU C 334 8.29 29.75 7.54
CA GLU C 334 7.68 28.78 8.45
C GLU C 334 8.13 28.98 9.90
N VAL C 335 9.33 29.52 10.12
CA VAL C 335 9.83 29.70 11.47
C VAL C 335 9.67 31.14 11.94
N THR C 336 9.68 32.10 11.00
CA THR C 336 9.56 33.50 11.38
C THR C 336 8.13 33.95 11.59
N THR C 337 7.14 33.13 11.23
CA THR C 337 5.74 33.47 11.39
C THR C 337 4.99 32.30 12.00
N HIS C 338 3.91 32.63 12.70
CA HIS C 338 3.05 31.66 13.34
C HIS C 338 2.24 30.97 12.26
N SER C 339 2.73 29.83 11.80
CA SER C 339 2.07 29.05 10.78
C SER C 339 1.08 28.14 11.47
N PHE C 340 -0.03 27.84 10.78
CA PHE C 340 -1.07 26.96 11.30
C PHE C 340 -2.10 26.76 10.20
N ASN C 341 -3.04 25.87 10.47
CA ASN C 341 -4.10 25.57 9.53
C ASN C 341 -5.43 25.99 10.14
N CYS C 342 -6.26 26.66 9.33
CA CYS C 342 -7.56 27.15 9.77
C CYS C 342 -8.56 26.99 8.63
N GLY C 343 -9.49 26.06 8.81
CA GLY C 343 -10.52 25.79 7.82
C GLY C 343 -9.95 25.31 6.51
N GLY C 344 -8.87 24.57 6.55
CA GLY C 344 -8.25 24.08 5.35
C GLY C 344 -7.14 25.01 4.88
N GLU C 345 -7.35 26.33 4.94
CA GLU C 345 -6.29 27.22 4.48
C GLU C 345 -5.13 27.28 5.47
N PHE C 346 -3.91 27.32 4.96
CA PHE C 346 -2.72 27.38 5.80
C PHE C 346 -2.29 28.83 5.96
N PHE C 347 -2.41 29.34 7.17
CA PHE C 347 -2.06 30.70 7.52
C PHE C 347 -0.62 30.79 8.00
N TYR C 348 -0.05 31.98 7.87
CA TYR C 348 1.32 32.34 8.28
C TYR C 348 1.17 33.76 8.81
N CYS C 349 0.91 33.90 10.10
CA CYS C 349 0.67 35.21 10.69
C CYS C 349 1.93 35.79 11.34
N ASN C 350 2.13 37.10 11.13
CA ASN C 350 3.27 37.81 11.69
C ASN C 350 2.92 38.23 13.11
N THR C 351 3.55 37.58 14.10
CA THR C 351 3.31 37.84 15.52
C THR C 351 4.22 38.91 16.11
N SER C 352 4.74 39.84 15.30
CA SER C 352 5.60 40.89 15.84
C SER C 352 4.86 41.82 16.79
N GLY C 353 3.54 41.95 16.66
CA GLY C 353 2.80 42.82 17.55
C GLY C 353 2.56 42.26 18.93
N LEU C 354 2.68 40.93 19.10
CA LEU C 354 2.45 40.34 20.42
C LEU C 354 3.73 40.38 21.26
N PHE C 355 4.83 39.90 20.70
CA PHE C 355 6.11 39.85 21.39
C PHE C 355 6.89 41.13 21.12
N ASN C 356 6.34 42.23 21.62
CA ASN C 356 6.93 43.56 21.50
C ASN C 356 6.68 44.27 22.83
N SER C 357 7.61 44.11 23.79
CA SER C 357 7.44 44.73 25.10
C SER C 357 8.67 44.46 25.96
N THR C 358 8.74 45.17 27.09
CA THR C 358 9.81 45.02 28.05
C THR C 358 9.22 45.12 29.44
N TRP C 359 9.61 44.21 30.33
CA TRP C 359 9.12 44.18 31.69
C TRP C 359 10.25 44.55 32.64
N ILE C 360 9.92 45.35 33.65
CA ILE C 360 10.85 45.85 34.65
C ILE C 360 10.29 45.54 36.03
N SER C 361 11.19 45.59 37.02
CA SER C 361 10.91 45.34 38.44
C SER C 361 10.39 43.92 38.68
N ASP C 375 -10.17 46.77 23.31
CA ASP C 375 -9.11 46.86 22.30
C ASP C 375 -8.57 45.47 21.97
N SER C 376 -8.12 45.29 20.75
CA SER C 376 -7.59 44.01 20.30
C SER C 376 -6.38 44.21 19.39
N ILE C 377 -5.38 43.35 19.54
CA ILE C 377 -4.16 43.40 18.75
C ILE C 377 -4.42 42.61 17.47
N THR C 378 -4.34 43.29 16.33
CA THR C 378 -4.55 42.68 15.03
C THR C 378 -3.19 42.26 14.47
N LEU C 379 -3.08 40.98 14.11
CA LEU C 379 -1.86 40.42 13.57
C LEU C 379 -2.03 40.19 12.08
N PRO C 380 -1.25 40.88 11.25
CA PRO C 380 -1.32 40.68 9.80
C PRO C 380 -0.93 39.26 9.47
N CYS C 381 -1.69 38.64 8.58
CA CYS C 381 -1.44 37.26 8.22
C CYS C 381 -1.42 37.08 6.71
N ARG C 382 -0.65 36.09 6.25
CA ARG C 382 -0.54 35.79 4.84
C ARG C 382 -0.92 34.34 4.63
N ILE C 383 -1.41 34.03 3.44
CA ILE C 383 -1.84 32.68 3.09
C ILE C 383 -1.03 32.19 1.91
N LYS C 384 -0.62 30.93 1.98
CA LYS C 384 0.16 30.28 0.94
C LYS C 384 -0.47 28.92 0.68
N GLN C 385 -0.49 28.51 -0.59
CA GLN C 385 -1.06 27.23 -0.98
C GLN C 385 -0.01 26.15 -1.10
N ILE C 386 1.09 26.42 -1.79
CA ILE C 386 2.17 25.45 -1.95
C ILE C 386 2.94 25.46 -0.62
N ILE C 387 2.83 24.38 0.14
CA ILE C 387 3.49 24.29 1.43
C ILE C 387 4.37 23.05 1.50
N ASN C 388 5.33 23.10 2.42
CA ASN C 388 6.28 22.03 2.67
C ASN C 388 6.17 21.66 4.14
N MET C 389 5.26 20.76 4.45
CA MET C 389 5.04 20.35 5.83
C MET C 389 6.22 19.54 6.34
N TRP C 390 6.32 19.48 7.67
CA TRP C 390 7.34 18.76 8.44
C TRP C 390 8.77 19.19 8.15
N GLN C 391 8.95 20.41 7.63
CA GLN C 391 10.25 21.01 7.30
C GLN C 391 11.08 20.17 6.32
N ARG C 392 10.42 19.32 5.54
CA ARG C 392 11.08 18.45 4.58
C ARG C 392 11.04 19.12 3.20
N ILE C 393 11.80 18.53 2.27
CA ILE C 393 11.88 19.04 0.91
C ILE C 393 11.66 17.87 -0.04
N GLY C 394 11.15 18.19 -1.23
CA GLY C 394 10.88 17.18 -2.22
C GLY C 394 9.53 16.52 -2.13
N GLN C 395 8.72 16.84 -1.11
CA GLN C 395 7.39 16.26 -0.92
C GLN C 395 6.39 17.36 -0.56
N CYS C 396 6.39 18.44 -1.34
CA CYS C 396 5.51 19.58 -1.12
C CYS C 396 4.04 19.19 -1.30
N MET C 397 3.16 20.11 -0.89
CA MET C 397 1.72 19.94 -0.97
C MET C 397 1.04 21.23 -1.42
N TYR C 398 -0.08 21.07 -2.13
CA TYR C 398 -0.87 22.18 -2.64
C TYR C 398 -2.25 22.15 -1.98
N ALA C 399 -2.53 23.13 -1.16
CA ALA C 399 -3.83 23.19 -0.50
C ALA C 399 -4.85 23.82 -1.42
N PRO C 400 -5.93 23.12 -1.79
CA PRO C 400 -6.92 23.72 -2.69
C PRO C 400 -7.68 24.84 -1.99
N PRO C 401 -8.19 25.82 -2.74
CA PRO C 401 -8.92 26.92 -2.11
C PRO C 401 -10.26 26.45 -1.54
N ILE C 402 -10.71 27.16 -0.50
CA ILE C 402 -11.96 26.86 0.18
C ILE C 402 -12.93 28.02 -0.10
N GLN C 403 -14.13 27.67 -0.55
CA GLN C 403 -15.14 28.67 -0.85
C GLN C 403 -15.68 29.31 0.42
N GLY C 404 -16.18 30.54 0.27
CA GLY C 404 -16.74 31.28 1.38
C GLY C 404 -15.69 31.93 2.25
N VAL C 405 -16.19 32.69 3.23
CA VAL C 405 -15.32 33.39 4.17
C VAL C 405 -14.89 32.41 5.24
N ILE C 406 -13.59 32.37 5.51
CA ILE C 406 -13.04 31.46 6.51
C ILE C 406 -12.89 32.20 7.83
N ARG C 407 -13.28 31.56 8.92
CA ARG C 407 -13.18 32.17 10.24
C ARG C 407 -13.09 31.04 11.26
N CYS C 408 -12.17 31.18 12.20
CA CYS C 408 -12.00 30.16 13.21
C CYS C 408 -11.51 30.79 14.51
N VAL C 409 -11.78 30.09 15.61
CA VAL C 409 -11.41 30.52 16.95
C VAL C 409 -10.54 29.43 17.58
N SER C 410 -9.38 29.83 18.10
CA SER C 410 -8.46 28.91 18.71
C SER C 410 -8.06 29.39 20.10
N ASN C 411 -7.46 28.48 20.88
CA ASN C 411 -7.00 28.76 22.24
C ASN C 411 -5.48 28.72 22.25
N ILE C 412 -4.83 29.85 22.52
CA ILE C 412 -3.38 29.90 22.60
C ILE C 412 -3.03 29.38 23.99
N THR C 413 -2.71 28.09 24.10
CA THR C 413 -2.42 27.47 25.38
C THR C 413 -0.93 27.30 25.65
N GLY C 414 -0.06 27.86 24.84
CA GLY C 414 1.36 27.70 25.11
C GLY C 414 2.22 28.49 24.15
N LEU C 415 3.52 28.51 24.46
CA LEU C 415 4.51 29.22 23.66
C LEU C 415 5.78 28.38 23.51
N ILE C 416 6.58 28.78 22.53
CA ILE C 416 7.87 28.15 22.24
C ILE C 416 8.83 29.34 22.10
N LEU C 417 9.50 29.70 23.19
CA LEU C 417 10.41 30.84 23.20
C LEU C 417 11.86 30.41 23.14
N THR C 418 12.69 31.28 22.57
CA THR C 418 14.12 31.07 22.45
C THR C 418 14.80 32.29 23.07
N ARG C 419 15.69 32.04 24.01
CA ARG C 419 16.39 33.10 24.70
C ARG C 419 17.79 33.29 24.11
N ASP C 420 18.22 34.54 24.01
CA ASP C 420 19.54 34.84 23.49
C ASP C 420 20.44 35.34 24.61
N GLY C 421 21.68 34.84 24.62
CA GLY C 421 22.64 35.20 25.64
C GLY C 421 23.31 36.54 25.44
N GLY C 422 24.15 36.89 26.42
CA GLY C 422 24.87 38.14 26.42
C GLY C 422 26.04 38.10 27.37
N SER C 423 26.85 39.16 27.30
CA SER C 423 28.04 39.33 28.12
C SER C 423 27.62 39.54 29.57
N THR C 424 27.84 38.51 30.41
CA THR C 424 27.50 38.50 31.84
C THR C 424 26.01 38.63 32.05
N ASN C 425 25.22 38.41 30.99
CA ASN C 425 23.77 38.46 30.85
C ASN C 425 23.32 39.92 30.81
N SER C 426 24.23 40.88 31.09
CA SER C 426 23.97 42.31 31.08
C SER C 426 22.68 42.75 31.77
N THR C 427 22.26 42.01 32.81
CA THR C 427 21.03 42.22 33.63
C THR C 427 19.77 42.33 32.77
N THR C 428 19.73 41.56 31.69
CA THR C 428 18.59 41.57 30.78
C THR C 428 18.53 40.24 30.03
N GLU C 429 17.34 39.90 29.56
CA GLU C 429 17.15 38.66 28.82
C GLU C 429 16.16 38.93 27.70
N THR C 430 16.46 38.45 26.50
CA THR C 430 15.59 38.64 25.35
C THR C 430 15.09 37.29 24.86
N PHE C 431 13.76 37.18 24.77
CA PHE C 431 13.06 35.99 24.32
C PHE C 431 12.37 36.30 23.00
N ARG C 432 12.51 35.40 22.04
CA ARG C 432 11.92 35.54 20.72
C ARG C 432 11.12 34.29 20.42
N PRO C 433 10.07 34.39 19.59
CA PRO C 433 9.27 33.19 19.27
C PRO C 433 10.11 32.18 18.52
N GLY C 434 10.23 30.99 19.10
CA GLY C 434 11.02 29.95 18.47
C GLY C 434 10.25 29.07 17.52
N GLY C 435 10.73 28.97 16.29
CA GLY C 435 10.06 28.13 15.32
C GLY C 435 10.62 26.73 15.35
N GLY C 436 10.64 26.11 16.53
CA GLY C 436 11.16 24.76 16.67
C GLY C 436 10.33 23.76 15.89
N ASP C 437 10.90 22.57 15.71
CA ASP C 437 10.22 21.51 14.97
C ASP C 437 8.95 21.04 15.70
N MET C 438 8.20 20.17 15.00
CA MET C 438 6.94 19.66 15.53
C MET C 438 7.07 18.79 16.78
N ARG C 439 8.23 18.17 17.03
CA ARG C 439 8.38 17.34 18.23
C ARG C 439 8.17 18.17 19.49
N ASP C 440 8.68 19.43 19.48
CA ASP C 440 8.51 20.32 20.62
C ASP C 440 7.03 20.66 20.80
N ASN C 441 6.31 20.82 19.69
CA ASN C 441 4.88 21.12 19.73
C ASN C 441 4.11 19.97 20.34
N TRP C 442 4.36 18.74 19.88
CA TRP C 442 3.67 17.57 20.39
C TRP C 442 4.16 17.14 21.77
N ARG C 443 5.31 17.65 22.22
CA ARG C 443 5.83 17.29 23.53
C ARG C 443 5.05 17.96 24.65
N SER C 444 4.37 19.07 24.34
CA SER C 444 3.59 19.79 25.33
C SER C 444 2.37 19.00 25.80
N GLU C 445 1.96 17.98 25.07
CA GLU C 445 0.81 17.15 25.41
C GLU C 445 1.20 15.83 26.07
N LEU C 446 2.33 15.26 25.68
CA LEU C 446 2.83 14.00 26.21
C LEU C 446 3.84 14.20 27.34
N TYR C 447 3.86 15.38 27.95
CA TYR C 447 4.81 15.65 29.04
C TYR C 447 4.53 14.80 30.27
N LYS C 448 3.27 14.46 30.51
CA LYS C 448 2.85 13.67 31.66
C LYS C 448 2.60 12.20 31.30
N TYR C 449 3.38 11.63 30.39
CA TYR C 449 3.18 10.24 30.01
C TYR C 449 4.51 9.55 29.74
N LYS C 450 4.53 8.24 30.01
CA LYS C 450 5.72 7.44 29.76
C LYS C 450 5.31 5.98 29.67
N VAL C 451 5.99 5.22 28.82
CA VAL C 451 5.68 3.81 28.63
C VAL C 451 6.67 2.96 29.41
N VAL C 452 6.16 1.99 30.15
CA VAL C 452 6.97 1.08 30.97
C VAL C 452 6.57 -0.36 30.66
N LYS C 453 7.57 -1.20 30.46
CA LYS C 453 7.38 -2.61 30.18
C LYS C 453 7.21 -3.37 31.49
N ILE C 454 6.15 -4.17 31.59
CA ILE C 454 5.88 -4.93 32.81
C ILE C 454 6.83 -6.12 32.87
N GLU C 455 7.27 -6.46 34.07
CA GLU C 455 8.18 -7.57 34.33
C GLU C 455 7.54 -8.42 35.42
N PRO C 456 6.59 -9.28 35.03
CA PRO C 456 5.89 -10.12 36.04
C PRO C 456 6.78 -11.14 36.74
N LEU C 457 7.95 -11.46 36.22
CA LEU C 457 8.83 -12.44 36.85
C LEU C 457 9.64 -11.78 37.96
N GLY C 458 9.72 -12.47 39.10
CA GLY C 458 10.49 -11.96 40.22
C GLY C 458 10.89 -13.10 41.12
N VAL C 459 12.01 -12.95 41.81
CA VAL C 459 12.51 -13.98 42.71
C VAL C 459 12.84 -13.33 44.05
N ALA C 460 12.38 -13.97 45.13
CA ALA C 460 12.65 -13.42 46.46
C ALA C 460 12.85 -14.55 47.46
N PRO C 461 13.59 -14.33 48.55
CA PRO C 461 13.78 -15.40 49.52
C PRO C 461 12.55 -15.61 50.39
N THR C 462 12.38 -16.85 50.84
CA THR C 462 11.27 -17.28 51.68
C THR C 462 11.71 -18.59 52.34
N ARG C 463 11.20 -18.85 53.54
CA ARG C 463 11.51 -20.06 54.31
C ARG C 463 10.58 -21.19 53.89
N CYS C 464 10.96 -21.93 52.84
CA CYS C 464 10.17 -23.06 52.35
C CYS C 464 11.02 -23.86 51.39
N LYS C 465 10.95 -25.19 51.51
CA LYS C 465 11.70 -26.09 50.64
C LYS C 465 10.71 -26.98 49.91
N ARG C 466 10.84 -27.02 48.58
CA ARG C 466 9.96 -27.83 47.74
C ARG C 466 10.03 -29.31 48.09
N ARG C 467 8.87 -29.94 48.24
CA ARG C 467 8.79 -31.35 48.59
C ARG C 467 9.26 -32.20 47.40
N VAL C 468 10.25 -33.04 47.64
CA VAL C 468 10.80 -33.91 46.60
C VAL C 468 9.79 -34.98 46.18
N LEU D 1 -8.44 -2.77 44.47
CA LEU D 1 -7.29 -2.30 43.72
C LEU D 1 -7.32 -2.83 42.29
N GLY D 2 -6.87 -2.02 41.35
CA GLY D 2 -6.84 -2.38 39.94
C GLY D 2 -5.46 -2.84 39.51
N PHE D 3 -5.22 -2.76 38.20
CA PHE D 3 -3.95 -3.16 37.62
C PHE D 3 -2.83 -2.28 38.14
N LEU D 4 -1.76 -2.92 38.62
CA LEU D 4 -0.57 -2.30 39.20
C LEU D 4 -0.89 -1.44 40.41
N GLY D 5 -2.04 -1.66 41.06
CA GLY D 5 -2.40 -0.88 42.22
C GLY D 5 -1.50 -1.09 43.42
N ALA D 6 -1.03 -2.33 43.60
CA ALA D 6 -0.16 -2.67 44.72
C ALA D 6 1.32 -2.45 44.40
N ALA D 7 1.63 -1.66 43.37
CA ALA D 7 3.02 -1.39 43.01
C ALA D 7 3.76 -0.64 44.11
N GLY D 8 3.13 0.38 44.68
CA GLY D 8 3.77 1.13 45.74
C GLY D 8 3.71 0.44 47.09
N SER D 9 2.80 -0.51 47.27
CA SER D 9 2.70 -1.23 48.52
C SER D 9 3.91 -2.14 48.70
N THR D 10 4.19 -2.48 49.96
CA THR D 10 5.31 -3.33 50.28
C THR D 10 5.06 -4.76 49.80
N MET D 11 6.15 -5.55 49.74
CA MET D 11 6.06 -6.93 49.31
C MET D 11 5.22 -7.74 50.29
N GLY D 12 4.84 -8.95 49.90
CA GLY D 12 4.01 -9.78 50.74
C GLY D 12 2.56 -9.36 50.59
N ALA D 13 2.26 -8.10 50.94
CA ALA D 13 0.90 -7.58 50.79
C ALA D 13 0.52 -7.51 49.32
N ALA D 14 1.48 -7.16 48.46
CA ALA D 14 1.22 -7.10 47.02
C ALA D 14 1.11 -8.47 46.40
N SER D 15 1.61 -9.52 47.07
CA SER D 15 1.55 -10.87 46.55
C SER D 15 0.12 -11.38 46.44
N MET D 16 -0.82 -10.73 47.13
CA MET D 16 -2.22 -11.13 47.07
C MET D 16 -2.90 -10.57 45.84
N THR D 17 -2.21 -9.73 45.06
CA THR D 17 -2.76 -9.12 43.85
C THR D 17 -1.93 -9.48 42.62
N LEU D 18 -1.44 -10.71 42.55
CA LEU D 18 -0.66 -11.09 41.38
C LEU D 18 -1.53 -11.38 40.16
N THR D 19 -2.75 -11.87 40.38
CA THR D 19 -3.65 -12.23 39.29
C THR D 19 -4.06 -11.04 38.45
N VAL D 20 -4.31 -9.89 39.08
CA VAL D 20 -4.73 -8.72 38.33
C VAL D 20 -3.61 -8.31 37.37
N GLN D 21 -2.36 -8.50 37.79
CA GLN D 21 -1.29 -8.15 36.85
C GLN D 21 -1.14 -9.23 35.79
N ALA D 22 -1.33 -10.49 36.16
CA ALA D 22 -1.14 -11.58 35.20
C ALA D 22 -2.20 -11.58 34.12
N ARG D 23 -3.46 -11.29 34.49
CA ARG D 23 -4.51 -11.27 33.48
C ARG D 23 -4.24 -10.17 32.46
N ASN D 24 -3.48 -9.13 32.85
CA ASN D 24 -3.20 -8.05 31.91
C ASN D 24 -2.02 -8.33 31.00
N LEU D 25 -1.36 -9.50 31.14
CA LEU D 25 -0.23 -9.78 30.26
C LEU D 25 -0.64 -9.99 28.80
N LEU D 26 -1.91 -10.31 28.54
CA LEU D 26 -2.39 -10.51 27.18
C LEU D 26 -3.52 -9.54 26.85
N LEU D 49 -4.77 3.59 7.97
CA LEU D 49 -4.80 2.42 7.10
C LEU D 49 -3.80 1.39 7.59
N THR D 50 -2.76 1.14 6.81
CA THR D 50 -1.74 0.17 7.21
C THR D 50 -0.85 0.72 8.33
N VAL D 51 -0.85 2.04 8.55
CA VAL D 51 -0.04 2.66 9.60
C VAL D 51 -0.48 2.19 10.98
N TRP D 52 -1.78 2.06 11.20
CA TRP D 52 -2.30 1.60 12.47
C TRP D 52 -2.55 0.10 12.49
N GLY D 53 -2.41 -0.57 11.34
CA GLY D 53 -2.63 -1.99 11.25
C GLY D 53 -1.38 -2.82 11.46
N ILE D 54 -0.30 -2.51 10.71
CA ILE D 54 0.93 -3.29 10.85
C ILE D 54 1.52 -3.14 12.25
N LYS D 55 1.49 -1.92 12.81
CA LYS D 55 2.04 -1.74 14.17
C LYS D 55 1.20 -2.49 15.20
N GLN D 56 -0.12 -2.54 15.00
CA GLN D 56 -0.99 -3.27 15.92
C GLN D 56 -0.67 -4.75 15.89
N LEU D 57 -0.50 -5.29 14.67
CA LEU D 57 -0.16 -6.70 14.51
C LEU D 57 1.19 -7.02 15.12
N GLN D 58 2.18 -6.14 14.90
CA GLN D 58 3.52 -6.32 15.45
C GLN D 58 3.50 -6.30 16.97
N ALA D 59 2.75 -5.35 17.55
CA ALA D 59 2.65 -5.25 19.00
C ALA D 59 1.96 -6.48 19.59
N ARG D 60 0.91 -6.98 18.92
CA ARG D 60 0.21 -8.17 19.40
C ARG D 60 1.14 -9.38 19.42
N VAL D 61 1.89 -9.58 18.33
CA VAL D 61 2.83 -10.69 18.27
C VAL D 61 3.95 -10.51 19.29
N LEU D 62 4.38 -9.27 19.51
CA LEU D 62 5.44 -8.99 20.50
C LEU D 62 4.98 -9.38 21.88
N ALA D 63 3.74 -9.02 22.23
CA ALA D 63 3.18 -9.37 23.52
C ALA D 63 3.04 -10.88 23.67
N VAL D 64 2.66 -11.55 22.57
CA VAL D 64 2.52 -13.01 22.57
C VAL D 64 3.86 -13.67 22.87
N GLU D 65 4.93 -13.24 22.19
CA GLU D 65 6.25 -13.84 22.44
C GLU D 65 6.74 -13.53 23.86
N ARG D 66 6.48 -12.32 24.36
CA ARG D 66 6.90 -11.99 25.73
C ARG D 66 6.22 -12.90 26.74
N TYR D 67 4.89 -13.06 26.61
CA TYR D 67 4.15 -13.93 27.51
C TYR D 67 4.63 -15.37 27.42
N LEU D 68 4.87 -15.86 26.18
CA LEU D 68 5.34 -17.23 26.01
C LEU D 68 6.74 -17.41 26.56
N ARG D 69 7.59 -16.38 26.48
CA ARG D 69 8.93 -16.49 27.04
C ARG D 69 8.86 -16.61 28.55
N ASP D 70 7.99 -15.81 29.17
CA ASP D 70 7.81 -15.88 30.63
C ASP D 70 7.28 -17.25 31.03
N GLN D 71 6.29 -17.75 30.29
CA GLN D 71 5.73 -19.07 30.59
C GLN D 71 6.77 -20.17 30.38
N GLN D 72 7.64 -20.01 29.37
CA GLN D 72 8.69 -20.99 29.12
C GLN D 72 9.67 -21.02 30.28
N LEU D 73 10.03 -19.84 30.80
CA LEU D 73 10.93 -19.76 31.95
C LEU D 73 10.30 -20.45 33.15
N LEU D 74 9.01 -20.17 33.39
CA LEU D 74 8.32 -20.83 34.51
C LEU D 74 8.26 -22.33 34.32
N GLY D 75 8.03 -22.77 33.08
CA GLY D 75 7.95 -24.20 32.77
C GLY D 75 9.26 -24.94 32.99
N ILE D 76 10.37 -24.38 32.49
CA ILE D 76 11.67 -25.04 32.68
C ILE D 76 12.05 -25.08 34.15
N TRP D 77 11.58 -24.14 34.95
CA TRP D 77 11.86 -24.11 36.38
C TRP D 77 10.92 -25.01 37.17
N GLY D 78 9.97 -25.66 36.50
CA GLY D 78 9.01 -26.52 37.17
C GLY D 78 7.94 -25.77 37.92
N CYS D 79 7.68 -24.51 37.57
CA CYS D 79 6.68 -23.68 38.22
C CYS D 79 5.56 -23.28 37.25
N SER D 80 5.23 -24.17 36.31
CA SER D 80 4.19 -23.88 35.33
C SER D 80 2.83 -23.83 36.00
N GLY D 81 2.07 -22.78 35.70
CA GLY D 81 0.75 -22.62 36.27
C GLY D 81 0.72 -22.35 37.76
N LYS D 82 1.79 -21.80 38.33
CA LYS D 82 1.86 -21.50 39.75
C LYS D 82 2.25 -20.05 39.93
N LEU D 83 1.38 -19.28 40.57
CA LEU D 83 1.67 -17.87 40.81
C LEU D 83 2.76 -17.69 41.85
N ILE D 84 2.68 -18.41 42.96
CA ILE D 84 3.67 -18.35 44.03
C ILE D 84 4.31 -19.73 44.08
N CYS D 85 5.41 -19.89 43.36
CA CYS D 85 6.13 -21.16 43.31
C CYS D 85 7.28 -21.14 44.29
N CYS D 86 7.51 -22.27 44.95
CA CYS D 86 8.59 -22.41 45.92
C CYS D 86 9.47 -23.56 45.46
N THR D 87 10.75 -23.27 45.24
CA THR D 87 11.73 -24.25 44.81
C THR D 87 12.70 -24.59 45.93
N ASN D 88 13.37 -25.73 45.79
CA ASN D 88 14.33 -26.18 46.80
C ASN D 88 15.75 -25.77 46.45
N VAL D 89 15.94 -24.46 46.28
CA VAL D 89 17.23 -23.87 45.95
C VAL D 89 17.66 -23.02 47.14
N PRO D 90 18.87 -23.22 47.68
CA PRO D 90 19.30 -22.43 48.84
C PRO D 90 19.66 -20.99 48.49
N TRP D 91 19.04 -20.05 49.19
CA TRP D 91 19.30 -18.63 48.96
C TRP D 91 20.70 -18.26 49.42
N ASN D 92 21.42 -17.53 48.57
CA ASN D 92 22.78 -17.09 48.87
C ASN D 92 22.68 -15.71 49.51
N SER D 93 23.23 -15.57 50.72
CA SER D 93 23.18 -14.30 51.44
C SER D 93 23.95 -13.17 50.76
N SER D 94 24.91 -13.48 49.88
CA SER D 94 25.67 -12.44 49.19
C SER D 94 24.82 -11.58 48.28
N TRP D 95 23.68 -12.10 47.81
CA TRP D 95 22.81 -11.33 46.93
C TRP D 95 22.18 -10.15 47.66
N SER D 96 21.86 -10.33 48.94
CA SER D 96 21.28 -9.25 49.73
C SER D 96 21.53 -9.53 51.20
N ASN D 97 22.24 -8.61 51.87
CA ASN D 97 22.57 -8.77 53.28
C ASN D 97 21.53 -8.03 54.12
N ARG D 98 20.39 -8.68 54.32
CA ARG D 98 19.31 -8.10 55.11
C ARG D 98 18.37 -9.20 55.59
N ASN D 99 17.66 -8.87 56.67
CA ASN D 99 16.72 -9.80 57.31
C ASN D 99 15.49 -10.02 56.44
N LEU D 100 14.86 -11.18 56.63
CA LEU D 100 13.67 -11.54 55.88
C LEU D 100 12.49 -10.64 56.22
N SER D 101 12.34 -10.31 57.52
CA SER D 101 11.24 -9.47 57.96
C SER D 101 11.29 -8.09 57.31
N GLU D 102 12.49 -7.50 57.21
CA GLU D 102 12.60 -6.20 56.58
C GLU D 102 12.34 -6.30 55.08
N ILE D 103 12.71 -7.43 54.48
CA ILE D 103 12.52 -7.63 53.04
C ILE D 103 11.02 -7.67 52.72
N TRP D 104 10.21 -8.22 53.64
CA TRP D 104 8.79 -8.31 53.36
C TRP D 104 7.95 -7.14 53.86
N ASP D 105 8.14 -6.69 55.11
CA ASP D 105 7.28 -5.62 55.62
C ASP D 105 7.74 -4.17 55.44
N ASN D 106 8.97 -3.87 55.01
CA ASN D 106 9.33 -2.45 54.88
C ASN D 106 10.15 -2.20 53.60
N MET D 107 9.68 -2.77 52.49
CA MET D 107 10.35 -2.60 51.21
C MET D 107 9.37 -3.06 50.13
N THR D 108 9.47 -2.43 48.97
CA THR D 108 8.62 -2.71 47.82
C THR D 108 9.32 -3.56 46.76
N TRP D 109 8.49 -4.10 45.86
CA TRP D 109 8.96 -4.96 44.79
C TRP D 109 9.88 -4.22 43.83
N LEU D 110 9.63 -2.93 43.59
CA LEU D 110 10.47 -2.13 42.69
C LEU D 110 11.89 -2.04 43.25
N GLN D 111 12.00 -1.75 44.54
CA GLN D 111 13.28 -1.64 45.21
C GLN D 111 14.00 -2.98 45.17
N TRP D 112 13.26 -4.07 45.40
CA TRP D 112 13.85 -5.40 45.36
C TRP D 112 14.40 -5.74 43.98
N ASP D 113 13.66 -5.42 42.91
CA ASP D 113 14.16 -5.70 41.56
C ASP D 113 15.42 -4.86 41.33
N LYS D 114 15.41 -3.59 41.80
CA LYS D 114 16.57 -2.74 41.62
C LYS D 114 17.77 -3.20 42.44
N GLU D 115 17.54 -3.97 43.51
CA GLU D 115 18.67 -4.43 44.31
C GLU D 115 19.35 -5.65 43.67
N ILE D 116 18.57 -6.58 43.13
CA ILE D 116 19.11 -7.80 42.52
C ILE D 116 18.99 -7.79 41.00
N SER D 117 19.02 -6.61 40.38
CA SER D 117 18.88 -6.52 38.94
C SER D 117 20.01 -7.21 38.17
N ASN D 118 21.17 -7.38 38.78
CA ASN D 118 22.32 -8.02 38.16
C ASN D 118 22.47 -9.50 38.52
N TYR D 119 22.01 -9.93 39.70
CA TYR D 119 22.12 -11.32 40.14
C TYR D 119 20.97 -12.22 39.67
N THR D 120 20.05 -11.72 38.83
CA THR D 120 18.94 -12.58 38.40
C THR D 120 19.34 -13.67 37.42
N GLN D 121 20.33 -13.43 36.55
CA GLN D 121 20.72 -14.44 35.57
C GLN D 121 21.26 -15.71 36.22
N ILE D 122 22.14 -15.57 37.23
CA ILE D 122 22.68 -16.75 37.90
C ILE D 122 21.58 -17.50 38.63
N ILE D 123 20.60 -16.77 39.20
CA ILE D 123 19.49 -17.43 39.88
C ILE D 123 18.64 -18.20 38.88
N TYR D 124 18.41 -17.62 37.69
CA TYR D 124 17.63 -18.28 36.64
C TYR D 124 18.29 -19.58 36.21
N GLY D 125 19.60 -19.54 36.01
CA GLY D 125 20.32 -20.75 35.61
C GLY D 125 20.32 -21.78 36.73
N LEU D 126 20.46 -21.33 37.98
CA LEU D 126 20.45 -22.24 39.12
C LEU D 126 19.10 -22.93 39.22
N LEU D 127 18.01 -22.19 38.98
CA LEU D 127 16.66 -22.76 39.01
C LEU D 127 16.52 -23.83 37.95
N GLU D 128 17.06 -23.54 36.75
CA GLU D 128 17.00 -24.47 35.64
C GLU D 128 17.73 -25.78 35.95
N GLU D 129 18.98 -25.69 36.43
CA GLU D 129 19.73 -26.90 36.74
C GLU D 129 19.09 -27.68 37.89
N SER D 130 18.54 -26.96 38.88
CA SER D 130 17.88 -27.62 40.01
C SER D 130 16.66 -28.40 39.55
N GLN D 131 15.87 -27.82 38.63
CA GLN D 131 14.70 -28.54 38.13
C GLN D 131 15.14 -29.77 37.35
N ASN D 132 16.27 -29.67 36.63
CA ASN D 132 16.78 -30.82 35.90
C ASN D 132 17.16 -31.95 36.86
N GLN D 133 17.85 -31.59 37.96
CA GLN D 133 18.24 -32.58 38.96
C GLN D 133 17.00 -33.21 39.60
N GLN D 134 15.97 -32.41 39.86
CA GLN D 134 14.74 -32.94 40.44
C GLN D 134 14.08 -33.94 39.50
N GLU D 135 14.06 -33.60 38.20
CA GLU D 135 13.47 -34.50 37.21
C GLU D 135 14.20 -35.83 37.12
N LYS D 136 15.55 -35.81 37.11
CA LYS D 136 16.27 -37.09 37.05
C LYS D 136 16.06 -37.90 38.32
N ASN D 137 16.01 -37.23 39.49
CA ASN D 137 15.78 -37.95 40.74
C ASN D 137 14.42 -38.63 40.73
N GLU D 138 13.39 -37.90 40.27
CA GLU D 138 12.04 -38.45 40.18
C GLU D 138 12.00 -39.63 39.21
N GLN D 139 12.68 -39.48 38.07
CA GLN D 139 12.73 -40.54 37.07
C GLN D 139 13.37 -41.81 37.64
N ASP D 140 14.48 -41.65 38.37
CA ASP D 140 15.16 -42.80 38.96
C ASP D 140 14.32 -43.42 40.07
N LEU D 141 13.60 -42.59 40.83
CA LEU D 141 12.76 -43.09 41.91
C LEU D 141 11.65 -43.97 41.34
N LEU D 142 11.00 -43.52 40.27
CA LEU D 142 9.94 -44.32 39.67
C LEU D 142 10.48 -45.55 38.95
N ALA D 143 11.64 -45.41 38.30
CA ALA D 143 12.23 -46.54 37.57
C ALA D 143 12.68 -47.66 38.52
N LEU D 144 13.42 -47.30 39.57
CA LEU D 144 13.92 -48.29 40.53
C LEU D 144 12.79 -48.99 41.27
N ASP D 145 11.77 -48.23 41.68
CA ASP D 145 10.63 -48.81 42.40
C ASP D 145 9.80 -49.71 41.49
N GLU E 1 -14.60 53.06 -23.06
CA GLU E 1 -14.47 51.62 -23.21
C GLU E 1 -13.26 51.24 -24.04
N VAL E 2 -13.37 50.10 -24.72
CA VAL E 2 -12.30 49.60 -25.58
C VAL E 2 -12.12 50.57 -26.74
N GLN E 3 -10.87 50.96 -27.01
CA GLN E 3 -10.61 51.87 -28.10
C GLN E 3 -9.29 51.55 -28.79
N LEU E 4 -9.34 51.52 -30.12
CA LEU E 4 -8.19 51.23 -30.96
C LEU E 4 -7.90 52.49 -31.77
N VAL E 5 -6.65 52.91 -31.81
CA VAL E 5 -6.23 54.12 -32.53
C VAL E 5 -5.10 53.76 -33.49
N GLU E 6 -5.18 54.26 -34.72
CA GLU E 6 -4.15 53.94 -35.70
C GLU E 6 -3.25 55.12 -36.07
N SER E 7 -2.15 54.79 -36.74
CA SER E 7 -1.15 55.74 -37.20
C SER E 7 -0.23 55.02 -38.17
N GLY E 8 0.74 55.77 -38.69
CA GLY E 8 1.72 55.24 -39.63
C GLY E 8 1.30 55.31 -41.08
N GLY E 9 0.07 55.77 -41.38
CA GLY E 9 -0.36 55.86 -42.75
C GLY E 9 0.18 57.10 -43.44
N GLY E 10 0.12 57.10 -44.76
CA GLY E 10 0.63 58.22 -45.51
C GLY E 10 0.96 57.83 -46.93
N LEU E 11 1.49 58.81 -47.67
CA LEU E 11 1.88 58.59 -49.05
C LEU E 11 3.08 57.64 -49.12
N ALA E 12 3.09 56.79 -50.14
CA ALA E 12 4.18 55.87 -50.32
C ALA E 12 4.46 55.67 -51.80
N LYS E 13 5.72 55.41 -52.11
CA LYS E 13 6.11 55.19 -53.49
C LYS E 13 5.75 53.77 -53.91
N PRO E 14 5.41 53.55 -55.19
CA PRO E 14 5.08 52.19 -55.64
C PRO E 14 6.29 51.28 -55.51
N GLY E 15 6.06 50.07 -54.99
CA GLY E 15 7.14 49.12 -54.82
C GLY E 15 8.01 49.37 -53.62
N GLY E 16 7.71 50.39 -52.81
CA GLY E 16 8.50 50.71 -51.63
C GLY E 16 8.10 49.92 -50.39
N SER E 17 8.03 50.59 -49.25
CA SER E 17 7.66 49.96 -48.00
C SER E 17 7.01 50.98 -47.08
N LEU E 18 6.22 50.49 -46.14
CA LEU E 18 5.52 51.35 -45.18
C LEU E 18 5.15 50.51 -43.98
N ARG E 19 4.80 51.16 -42.87
CA ARG E 19 4.42 50.41 -41.68
C ARG E 19 3.20 51.03 -41.00
N LEU E 20 2.26 50.20 -40.56
CA LEU E 20 1.08 50.68 -39.87
C LEU E 20 1.10 50.25 -38.42
N SER E 21 0.54 51.09 -37.55
CA SER E 21 0.51 50.76 -36.13
C SER E 21 -0.85 51.08 -35.56
N CYS E 22 -1.35 50.20 -34.71
CA CYS E 22 -2.64 50.36 -34.05
C CYS E 22 -2.47 50.09 -32.56
N ALA E 23 -2.78 51.08 -31.74
CA ALA E 23 -2.67 50.97 -30.30
C ALA E 23 -4.02 50.58 -29.72
N ALA E 24 -4.00 49.60 -28.84
CA ALA E 24 -5.18 49.07 -28.17
C ALA E 24 -5.31 49.65 -26.77
N SER E 25 -6.53 49.77 -26.30
CA SER E 25 -6.78 50.31 -24.98
C SER E 25 -8.14 49.83 -24.51
N GLY E 26 -8.30 49.78 -23.19
CA GLY E 26 -9.55 49.35 -22.60
C GLY E 26 -9.71 47.86 -22.43
N PHE E 27 -8.70 47.05 -22.73
CA PHE E 27 -8.81 45.60 -22.58
C PHE E 27 -7.41 44.99 -22.52
N THR E 28 -7.38 43.72 -22.12
CA THR E 28 -6.15 42.95 -22.01
C THR E 28 -5.70 42.55 -23.41
N PHE E 29 -4.72 43.29 -23.94
CA PHE E 29 -4.21 43.03 -25.28
C PHE E 29 -3.58 41.65 -25.44
N SER E 30 -3.10 41.03 -24.36
CA SER E 30 -2.47 39.72 -24.44
C SER E 30 -3.47 38.56 -24.38
N ASP E 31 -4.76 38.81 -24.63
CA ASP E 31 -5.77 37.76 -24.58
C ASP E 31 -6.77 37.82 -25.74
N PHE E 32 -6.58 38.71 -26.71
CA PHE E 32 -7.49 38.82 -27.83
C PHE E 32 -6.71 38.86 -29.14
N TRP E 33 -7.25 38.18 -30.15
CA TRP E 33 -6.61 38.15 -31.45
C TRP E 33 -6.76 39.51 -32.11
N MET E 34 -5.98 39.74 -33.17
CA MET E 34 -5.99 40.99 -33.92
C MET E 34 -6.08 40.68 -35.40
N ASN E 35 -6.71 41.57 -36.16
CA ASN E 35 -6.84 41.37 -37.60
C ASN E 35 -6.79 42.72 -38.30
N TRP E 36 -6.47 42.69 -39.58
CA TRP E 36 -6.40 43.89 -40.41
C TRP E 36 -7.34 43.73 -41.58
N VAL E 37 -8.09 44.80 -41.89
CA VAL E 37 -9.05 44.83 -42.98
C VAL E 37 -8.87 46.17 -43.70
N ARG E 38 -8.94 46.15 -45.03
CA ARG E 38 -8.78 47.37 -45.80
C ARG E 38 -10.01 47.59 -46.66
N GLN E 39 -10.31 48.86 -46.94
CA GLN E 39 -11.47 49.22 -47.75
C GLN E 39 -11.02 50.17 -48.86
N THR E 40 -10.81 49.62 -50.05
CA THR E 40 -10.43 50.45 -51.19
C THR E 40 -11.65 51.28 -51.60
N PRO E 41 -11.46 52.52 -52.02
CA PRO E 41 -12.60 53.36 -52.43
C PRO E 41 -13.40 52.78 -53.60
N GLY E 42 -14.73 52.77 -53.42
CA GLY E 42 -15.71 52.28 -54.39
C GLY E 42 -16.14 50.83 -54.34
N LYS E 43 -15.54 50.00 -53.48
CA LYS E 43 -15.92 48.59 -53.39
C LYS E 43 -16.02 48.23 -51.91
N GLY E 44 -16.48 47.01 -51.63
CA GLY E 44 -16.66 46.58 -50.26
C GLY E 44 -15.34 46.20 -49.61
N LEU E 45 -15.45 45.84 -48.33
CA LEU E 45 -14.29 45.47 -47.51
C LEU E 45 -13.66 44.16 -47.96
N GLU E 46 -12.36 44.05 -47.66
CA GLU E 46 -11.56 42.87 -48.01
C GLU E 46 -10.58 42.62 -46.86
N TRP E 47 -10.81 41.53 -46.12
CA TRP E 47 -9.92 41.17 -45.02
C TRP E 47 -8.53 40.85 -45.56
N ILE E 48 -7.48 41.29 -44.84
CA ILE E 48 -6.14 41.05 -45.34
C ILE E 48 -5.19 40.41 -44.33
N SER E 49 -5.39 40.51 -43.00
CA SER E 49 -4.41 39.87 -42.13
C SER E 49 -5.03 39.52 -40.79
N GLY E 50 -4.26 38.75 -40.01
CA GLY E 50 -4.68 38.33 -38.68
C GLY E 50 -3.51 37.75 -37.92
N ILE E 51 -3.65 37.74 -36.60
CA ILE E 51 -2.63 37.23 -35.69
C ILE E 51 -3.32 36.85 -34.39
N ASN E 52 -2.73 35.90 -33.66
CA ASN E 52 -3.27 35.41 -32.40
C ASN E 52 -2.84 36.33 -31.26
N SER E 53 -3.16 35.94 -30.02
CA SER E 53 -2.78 36.75 -28.86
C SER E 53 -1.30 36.62 -28.55
N GLY E 54 -0.71 35.44 -28.80
CA GLY E 54 0.69 35.22 -28.52
C GLY E 54 1.68 35.66 -29.58
N GLY E 55 1.21 36.24 -30.69
CA GLY E 55 2.09 36.70 -31.74
C GLY E 55 2.38 35.71 -32.86
N GLY E 56 1.98 34.44 -32.71
CA GLY E 56 2.22 33.46 -33.73
C GLY E 56 0.99 33.24 -34.62
N TYR E 57 1.15 32.30 -35.57
CA TYR E 57 0.12 31.91 -36.52
C TYR E 57 -0.33 33.16 -37.31
N THR E 58 0.59 33.64 -38.13
CA THR E 58 0.34 34.82 -38.95
C THR E 58 -0.28 34.33 -40.26
N PHE E 59 -1.58 34.61 -40.43
CA PHE E 59 -2.32 34.19 -41.61
C PHE E 59 -2.83 35.42 -42.35
N TYR E 60 -2.52 35.49 -43.64
CA TYR E 60 -2.91 36.60 -44.50
C TYR E 60 -3.78 36.07 -45.65
N ALA E 61 -4.27 37.01 -46.46
CA ALA E 61 -5.07 36.68 -47.63
C ALA E 61 -4.13 36.43 -48.79
N ASP E 62 -4.61 35.63 -49.77
CA ASP E 62 -3.80 35.28 -50.94
C ASP E 62 -3.34 36.50 -51.72
N SER E 63 -4.07 37.61 -51.66
CA SER E 63 -3.71 38.81 -52.38
C SER E 63 -2.61 39.61 -51.69
N VAL E 64 -2.22 39.26 -50.46
CA VAL E 64 -1.19 39.99 -49.72
C VAL E 64 -0.17 39.05 -49.09
N LYS E 65 -0.13 37.79 -49.53
CA LYS E 65 0.80 36.82 -48.98
C LYS E 65 2.25 37.23 -49.26
N GLY E 66 3.10 37.11 -48.25
CA GLY E 66 4.51 37.47 -48.38
C GLY E 66 4.84 38.95 -48.35
N ARG E 67 4.08 39.76 -49.09
CA ARG E 67 4.33 41.21 -49.14
C ARG E 67 4.11 41.86 -47.77
N PHE E 68 3.02 41.50 -47.10
CA PHE E 68 2.71 42.09 -45.81
C PHE E 68 3.25 41.21 -44.68
N THR E 69 3.35 41.79 -43.49
CA THR E 69 3.84 41.06 -42.32
C THR E 69 3.21 41.66 -41.08
N ILE E 70 2.29 40.92 -40.46
CA ILE E 70 1.61 41.38 -39.26
C ILE E 70 2.41 40.95 -38.04
N SER E 71 2.49 41.83 -37.04
CA SER E 71 3.22 41.54 -35.82
C SER E 71 2.58 42.31 -34.68
N ARG E 72 2.82 41.86 -33.45
CA ARG E 72 2.24 42.56 -32.31
C ARG E 72 3.26 42.59 -31.17
N ASP E 73 3.10 43.59 -30.31
CA ASP E 73 3.95 43.80 -29.15
C ASP E 73 3.00 43.87 -27.95
N ASN E 74 2.88 42.74 -27.24
CA ASN E 74 2.00 42.67 -26.08
C ASN E 74 2.45 43.60 -24.97
N SER E 75 3.77 43.75 -24.78
CA SER E 75 4.30 44.63 -23.74
C SER E 75 3.89 46.07 -23.96
N LYS E 76 3.97 46.55 -25.20
CA LYS E 76 3.59 47.91 -25.54
C LYS E 76 2.10 48.03 -25.88
N ASN E 77 1.40 46.90 -25.97
CA ASN E 77 -0.02 46.82 -26.31
C ASN E 77 -0.29 47.47 -27.66
N THR E 78 0.53 47.11 -28.66
CA THR E 78 0.38 47.68 -30.00
C THR E 78 0.51 46.61 -31.08
N LEU E 79 -0.11 46.89 -32.21
CA LEU E 79 -0.11 46.02 -33.38
C LEU E 79 0.60 46.76 -34.51
N SER E 80 1.30 46.02 -35.35
CA SER E 80 2.03 46.58 -36.47
C SER E 80 1.76 45.74 -37.72
N LEU E 81 1.81 46.40 -38.87
CA LEU E 81 1.58 45.75 -40.16
C LEU E 81 2.59 46.33 -41.15
N GLN E 82 3.71 45.62 -41.28
CA GLN E 82 4.77 46.02 -42.20
C GLN E 82 4.34 45.72 -43.63
N MET E 83 4.49 46.68 -44.52
CA MET E 83 4.14 46.55 -45.93
C MET E 83 5.42 46.64 -46.76
N ASN E 84 5.53 45.75 -47.75
CA ASN E 84 6.68 45.72 -48.64
C ASN E 84 6.16 45.45 -50.04
N SER E 85 6.80 46.09 -51.04
CA SER E 85 6.47 45.99 -52.46
C SER E 85 5.02 46.41 -52.71
N LEU E 86 4.70 47.63 -52.29
CA LEU E 86 3.37 48.18 -52.44
C LEU E 86 3.01 48.42 -53.91
N ARG E 87 1.72 48.32 -54.19
CA ARG E 87 1.16 48.54 -55.51
C ARG E 87 0.06 49.60 -55.45
N ALA E 88 -0.38 50.05 -56.64
CA ALA E 88 -1.40 51.10 -56.75
C ALA E 88 -2.75 50.74 -56.14
N GLU E 89 -3.25 49.50 -56.36
CA GLU E 89 -4.56 49.16 -55.79
C GLU E 89 -4.55 49.02 -54.27
N ASP E 90 -3.38 49.03 -53.62
CA ASP E 90 -3.31 48.91 -52.16
C ASP E 90 -3.86 50.14 -51.44
N THR E 91 -4.15 51.23 -52.16
CA THR E 91 -4.71 52.46 -51.62
C THR E 91 -6.06 52.12 -50.98
N ALA E 92 -6.16 52.24 -49.66
CA ALA E 92 -7.40 51.90 -48.98
C ALA E 92 -7.39 52.42 -47.55
N VAL E 93 -8.56 52.36 -46.92
CA VAL E 93 -8.71 52.79 -45.54
C VAL E 93 -8.52 51.52 -44.71
N TYR E 94 -7.41 51.46 -43.98
CA TYR E 94 -7.08 50.29 -43.16
C TYR E 94 -7.67 50.42 -41.76
N PHE E 95 -8.38 49.37 -41.33
CA PHE E 95 -9.01 49.27 -40.02
C PHE E 95 -8.41 48.09 -39.25
N CYS E 96 -7.95 48.35 -38.03
CA CYS E 96 -7.47 47.29 -37.14
C CYS E 96 -8.70 46.80 -36.38
N ALA E 97 -8.90 45.49 -36.32
CA ALA E 97 -10.10 44.96 -35.69
C ALA E 97 -9.81 43.89 -34.64
N ARG E 98 -10.45 44.02 -33.48
CA ARG E 98 -10.31 43.04 -32.41
C ARG E 98 -11.45 42.04 -32.50
N VAL E 99 -11.13 40.76 -32.28
CA VAL E 99 -12.12 39.68 -32.33
C VAL E 99 -13.14 39.86 -31.22
N ASP E 100 -14.26 39.13 -31.28
CA ASP E 100 -15.31 39.29 -30.29
C ASP E 100 -14.88 38.85 -28.89
N GLY E 101 -14.39 37.62 -28.76
CA GLY E 101 -14.04 37.05 -27.48
C GLY E 101 -12.55 36.82 -27.31
N ASP E 102 -12.23 36.34 -26.12
CA ASP E 102 -10.86 36.05 -25.72
C ASP E 102 -10.39 34.75 -26.37
N ASP E 103 -9.17 34.34 -26.03
CA ASP E 103 -8.64 33.09 -26.54
C ASP E 103 -8.68 31.98 -25.50
N TYR E 104 -9.33 32.21 -24.36
CA TYR E 104 -9.44 31.21 -23.32
C TYR E 104 -10.31 30.06 -23.79
N GLY E 105 -10.22 28.94 -23.09
CA GLY E 105 -11.00 27.77 -23.42
C GLY E 105 -10.17 26.74 -24.15
N TYR E 106 -10.87 25.70 -24.62
CA TYR E 106 -10.25 24.60 -25.33
C TYR E 106 -9.60 25.09 -26.62
N PHE E 107 -8.45 24.50 -26.96
CA PHE E 107 -7.73 24.87 -28.18
C PHE E 107 -6.86 23.69 -28.60
N ASP E 108 -6.65 23.55 -29.91
CA ASP E 108 -5.85 22.45 -30.41
C ASP E 108 -4.36 22.76 -30.35
N THR E 109 -3.91 23.78 -31.09
CA THR E 109 -2.49 24.14 -31.10
C THR E 109 -2.21 25.61 -30.83
N VAL E 110 -3.16 26.48 -31.18
CA VAL E 110 -3.05 27.91 -30.93
C VAL E 110 -4.32 28.35 -30.21
N PRO E 111 -4.22 28.98 -29.02
CA PRO E 111 -5.40 29.46 -28.29
C PRO E 111 -6.37 30.28 -29.13
N GLY E 112 -7.63 29.86 -29.14
CA GLY E 112 -8.66 30.53 -29.89
C GLY E 112 -8.88 30.01 -31.30
N ASP E 113 -8.07 29.07 -31.77
CA ASP E 113 -8.22 28.58 -33.14
C ASP E 113 -9.46 27.72 -33.35
N SER E 114 -10.05 27.22 -32.27
CA SER E 114 -11.23 26.36 -32.36
C SER E 114 -12.52 27.12 -32.08
N LYS E 115 -12.47 28.45 -32.16
CA LYS E 115 -13.60 29.30 -31.82
C LYS E 115 -13.88 30.27 -32.97
N LYS E 116 -15.15 30.39 -33.35
CA LYS E 116 -15.54 31.36 -34.35
C LYS E 116 -15.44 32.76 -33.76
N TYR E 117 -14.82 33.68 -34.51
CA TYR E 117 -14.64 35.04 -34.05
C TYR E 117 -15.17 36.03 -35.07
N TYR E 118 -15.65 37.17 -34.57
CA TYR E 118 -16.15 38.25 -35.41
C TYR E 118 -15.53 39.53 -34.86
N PHE E 119 -15.24 40.46 -35.75
CA PHE E 119 -14.59 41.72 -35.39
C PHE E 119 -15.52 42.65 -34.65
N LYS E 120 -15.63 42.49 -33.33
CA LYS E 120 -16.51 43.33 -32.52
C LYS E 120 -16.07 44.79 -32.53
N HIS E 121 -14.82 45.05 -32.19
CA HIS E 121 -14.31 46.42 -32.14
C HIS E 121 -13.44 46.72 -33.35
N TRP E 122 -13.59 47.94 -33.88
CA TRP E 122 -12.86 48.40 -35.04
C TRP E 122 -12.22 49.76 -34.76
N GLY E 123 -11.20 50.08 -35.55
CA GLY E 123 -10.51 51.35 -35.44
C GLY E 123 -11.14 52.36 -36.38
N PRO E 124 -10.77 53.64 -36.22
CA PRO E 124 -11.35 54.67 -37.10
C PRO E 124 -11.04 54.48 -38.57
N GLY E 125 -9.87 53.95 -38.89
CA GLY E 125 -9.47 53.71 -40.25
C GLY E 125 -8.59 54.81 -40.80
N VAL E 126 -7.43 54.44 -41.34
CA VAL E 126 -6.49 55.42 -41.91
C VAL E 126 -6.35 55.16 -43.41
N LEU E 127 -6.50 56.22 -44.20
CA LEU E 127 -6.41 56.11 -45.65
C LEU E 127 -4.95 56.12 -46.06
N VAL E 128 -4.51 55.07 -46.75
CA VAL E 128 -3.15 54.95 -47.24
C VAL E 128 -3.22 54.94 -48.76
N THR E 129 -2.42 55.80 -49.39
CA THR E 129 -2.39 55.93 -50.84
C THR E 129 -0.97 55.65 -51.35
N VAL E 130 -0.89 54.93 -52.48
CA VAL E 130 0.39 54.59 -53.10
C VAL E 130 0.32 55.12 -54.54
N SER E 131 1.03 56.21 -54.79
CA SER E 131 1.05 56.82 -56.12
C SER E 131 2.37 57.55 -56.30
N SER E 132 2.73 57.79 -57.55
CA SER E 132 3.95 58.49 -57.89
C SER E 132 3.75 60.00 -57.96
N ASN F 1 -21.92 -28.79 49.41
CA ASN F 1 -22.08 -30.10 48.80
C ASN F 1 -21.73 -30.05 47.32
N LEU F 2 -22.13 -28.99 46.63
CA LEU F 2 -21.86 -28.82 45.21
C LEU F 2 -20.79 -27.76 45.00
N TRP F 3 -19.78 -28.10 44.21
CA TRP F 3 -18.68 -27.20 43.90
C TRP F 3 -18.58 -27.04 42.40
N VAL F 4 -18.22 -25.84 41.96
CA VAL F 4 -18.09 -25.57 40.53
C VAL F 4 -16.85 -26.27 39.98
N THR F 5 -16.93 -26.77 38.76
CA THR F 5 -15.84 -27.45 38.08
C THR F 5 -15.68 -26.83 36.70
N VAL F 6 -14.43 -26.73 36.27
CA VAL F 6 -14.07 -26.16 34.99
C VAL F 6 -13.82 -27.26 33.97
N TYR F 7 -14.41 -27.11 32.79
CA TYR F 7 -14.29 -28.06 31.69
C TYR F 7 -13.74 -27.32 30.48
N TYR F 8 -12.64 -27.81 29.93
CA TYR F 8 -11.98 -27.22 28.78
C TYR F 8 -12.24 -28.05 27.53
N GLY F 9 -12.52 -27.37 26.42
CA GLY F 9 -12.78 -28.05 25.17
C GLY F 9 -14.21 -28.51 24.96
N VAL F 10 -15.17 -27.94 25.66
CA VAL F 10 -16.58 -28.32 25.53
C VAL F 10 -17.14 -27.94 24.17
N PRO F 11 -18.12 -28.67 23.63
CA PRO F 11 -18.68 -28.30 22.31
C PRO F 11 -19.72 -27.20 22.44
N VAL F 12 -19.24 -25.95 22.49
CA VAL F 12 -20.07 -24.76 22.63
C VAL F 12 -19.64 -23.75 21.57
N TRP F 13 -20.62 -23.06 20.97
CA TRP F 13 -20.32 -22.07 19.95
C TRP F 13 -21.16 -20.81 20.19
N LYS F 14 -20.68 -19.70 19.65
CA LYS F 14 -21.35 -18.42 19.76
C LYS F 14 -21.25 -17.69 18.43
N ASP F 15 -22.32 -17.01 18.02
CA ASP F 15 -22.31 -16.28 16.76
C ASP F 15 -21.28 -15.17 16.79
N ALA F 16 -20.52 -15.03 15.69
CA ALA F 16 -19.48 -14.01 15.56
C ALA F 16 -19.09 -13.91 14.09
N GLU F 17 -18.05 -13.12 13.82
CA GLU F 17 -17.53 -12.90 12.47
C GLU F 17 -16.00 -12.89 12.53
N THR F 18 -15.38 -13.35 11.46
CA THR F 18 -13.92 -13.41 11.37
C THR F 18 -13.49 -13.33 9.91
N THR F 19 -12.18 -13.37 9.71
CA THR F 19 -11.58 -13.31 8.38
C THR F 19 -11.34 -14.75 7.90
N LEU F 20 -12.21 -15.23 7.02
CA LEU F 20 -12.08 -16.59 6.50
C LEU F 20 -11.11 -16.61 5.32
N PHE F 21 -10.07 -17.42 5.43
CA PHE F 21 -9.07 -17.53 4.37
C PHE F 21 -9.51 -18.49 3.27
N CYS F 22 -8.93 -18.32 2.09
CA CYS F 22 -9.25 -19.15 0.93
C CYS F 22 -8.49 -20.48 0.94
N ALA F 23 -8.97 -21.39 0.10
CA ALA F 23 -8.37 -22.71 -0.07
C ALA F 23 -8.85 -23.24 -1.41
N SER F 24 -7.94 -23.82 -2.18
CA SER F 24 -8.29 -24.34 -3.50
C SER F 24 -7.40 -25.52 -3.83
N ASP F 25 -7.81 -26.27 -4.86
CA ASP F 25 -7.08 -27.44 -5.34
C ASP F 25 -5.67 -27.06 -5.78
N HIS F 34 -2.65 -17.42 -14.85
CA HIS F 34 -3.05 -16.66 -13.68
C HIS F 34 -4.54 -16.35 -13.69
N ASN F 35 -5.03 -15.87 -12.56
CA ASN F 35 -6.42 -15.50 -12.37
C ASN F 35 -6.50 -14.22 -11.55
N VAL F 36 -7.57 -13.46 -11.78
CA VAL F 36 -7.79 -12.20 -11.07
C VAL F 36 -7.94 -12.44 -9.57
N TRP F 37 -8.55 -13.56 -9.18
CA TRP F 37 -8.74 -13.88 -7.77
C TRP F 37 -7.48 -14.40 -7.10
N ALA F 38 -6.41 -14.62 -7.87
CA ALA F 38 -5.11 -15.09 -7.39
C ALA F 38 -5.27 -16.37 -6.57
N THR F 39 -5.84 -17.37 -7.23
CA THR F 39 -6.08 -18.67 -6.60
C THR F 39 -4.78 -19.41 -6.29
N HIS F 40 -3.67 -19.06 -6.95
CA HIS F 40 -2.39 -19.71 -6.68
C HIS F 40 -1.93 -19.49 -5.24
N ALA F 41 -2.24 -18.32 -4.66
CA ALA F 41 -1.85 -18.01 -3.30
C ALA F 41 -2.67 -18.75 -2.26
N CYS F 42 -3.87 -19.24 -2.61
CA CYS F 42 -4.69 -19.97 -1.66
C CYS F 42 -4.00 -21.26 -1.22
N VAL F 43 -4.23 -21.64 0.03
CA VAL F 43 -3.64 -22.86 0.60
C VAL F 43 -4.20 -24.08 -0.14
N PRO F 44 -3.42 -25.14 -0.34
CA PRO F 44 -3.94 -26.31 -1.04
C PRO F 44 -4.97 -27.05 -0.19
N THR F 45 -6.21 -27.09 -0.67
CA THR F 45 -7.27 -27.78 0.04
C THR F 45 -6.99 -29.28 0.10
N ASP F 46 -7.36 -29.90 1.23
CA ASP F 46 -7.13 -31.32 1.39
C ASP F 46 -8.01 -32.12 0.42
N PRO F 47 -7.58 -33.31 0.00
CA PRO F 47 -8.41 -34.10 -0.92
C PRO F 47 -9.64 -34.73 -0.28
N ASN F 48 -9.74 -34.68 1.05
CA ASN F 48 -10.87 -35.26 1.79
C ASN F 48 -11.42 -34.21 2.76
N PRO F 49 -12.28 -33.30 2.26
CA PRO F 49 -12.86 -32.27 3.16
C PRO F 49 -13.72 -32.89 4.25
N GLN F 50 -13.25 -32.78 5.49
CA GLN F 50 -13.98 -33.34 6.62
C GLN F 50 -15.30 -32.61 6.85
N GLU F 51 -16.33 -33.39 7.15
CA GLU F 51 -17.68 -32.86 7.40
C GLU F 51 -18.30 -33.78 8.45
N ILE F 52 -18.58 -33.24 9.64
CA ILE F 52 -19.14 -34.01 10.74
C ILE F 52 -20.57 -33.56 10.97
N HIS F 53 -21.49 -34.53 10.99
CA HIS F 53 -22.90 -34.22 11.22
C HIS F 53 -23.10 -33.95 12.71
N LEU F 54 -24.10 -33.14 13.02
CA LEU F 54 -24.39 -32.78 14.41
C LEU F 54 -25.81 -33.23 14.72
N GLU F 55 -25.94 -34.43 15.30
CA GLU F 55 -27.26 -34.95 15.63
C GLU F 55 -27.81 -34.18 16.82
N ASN F 56 -29.15 -34.02 16.83
CA ASN F 56 -29.92 -33.31 17.86
C ASN F 56 -29.52 -31.85 17.98
N VAL F 57 -28.94 -31.27 16.92
CA VAL F 57 -28.50 -29.89 16.91
C VAL F 57 -29.36 -29.07 15.96
N THR F 58 -29.85 -27.94 16.45
CA THR F 58 -30.68 -27.01 15.69
C THR F 58 -30.05 -25.64 15.85
N GLU F 59 -29.79 -24.94 14.75
CA GLU F 59 -29.17 -23.63 14.84
C GLU F 59 -29.93 -22.64 13.98
N GLU F 60 -30.00 -21.38 14.41
CA GLU F 60 -30.72 -20.37 13.64
C GLU F 60 -29.80 -19.72 12.62
N PHE F 61 -30.22 -19.75 11.35
CA PHE F 61 -29.41 -19.14 10.31
C PHE F 61 -30.10 -17.88 9.77
N ASN F 62 -29.28 -17.00 9.20
CA ASN F 62 -29.76 -15.74 8.63
C ASN F 62 -28.87 -15.37 7.44
N MET F 63 -29.38 -15.58 6.22
CA MET F 63 -28.61 -15.27 5.01
C MET F 63 -28.37 -13.77 4.86
N TRP F 64 -29.34 -12.95 5.26
CA TRP F 64 -29.23 -11.50 5.11
C TRP F 64 -28.26 -10.89 6.11
N LYS F 65 -28.25 -11.37 7.34
CA LYS F 65 -27.34 -10.82 8.33
C LYS F 65 -25.98 -11.52 8.31
N ASN F 66 -25.79 -12.48 7.42
CA ASN F 66 -24.54 -13.21 7.31
C ASN F 66 -23.40 -12.29 6.89
N ASN F 67 -22.28 -12.36 7.62
CA ASN F 67 -21.11 -11.53 7.33
C ASN F 67 -20.22 -12.12 6.24
N MET F 68 -20.42 -13.39 5.88
CA MET F 68 -19.58 -14.01 4.85
C MET F 68 -19.82 -13.39 3.48
N VAL F 69 -21.05 -12.97 3.18
CA VAL F 69 -21.32 -12.36 1.89
C VAL F 69 -20.59 -11.02 1.77
N GLU F 70 -20.63 -10.19 2.83
CA GLU F 70 -19.95 -8.90 2.82
C GLU F 70 -18.44 -9.08 2.73
N GLN F 71 -17.90 -10.04 3.50
CA GLN F 71 -16.46 -10.28 3.46
C GLN F 71 -16.03 -10.76 2.08
N MET F 72 -16.84 -11.65 1.46
CA MET F 72 -16.52 -12.13 0.13
C MET F 72 -16.58 -11.00 -0.90
N HIS F 73 -17.57 -10.10 -0.77
CA HIS F 73 -17.70 -8.97 -1.69
C HIS F 73 -16.48 -8.06 -1.62
N THR F 74 -16.05 -7.74 -0.39
CA THR F 74 -14.89 -6.89 -0.18
C THR F 74 -13.63 -7.55 -0.73
N ASP F 75 -13.47 -8.85 -0.44
CA ASP F 75 -12.30 -9.59 -0.91
C ASP F 75 -12.26 -9.69 -2.43
N ILE F 76 -13.41 -9.91 -3.07
CA ILE F 76 -13.46 -10.02 -4.54
C ILE F 76 -13.05 -8.68 -5.16
N ILE F 77 -13.57 -7.58 -4.60
CA ILE F 77 -13.22 -6.25 -5.12
C ILE F 77 -11.72 -6.00 -4.96
N SER F 78 -11.17 -6.36 -3.79
CA SER F 78 -9.75 -6.16 -3.53
C SER F 78 -8.89 -6.97 -4.50
N LEU F 79 -9.26 -8.23 -4.75
CA LEU F 79 -8.49 -9.06 -5.67
C LEU F 79 -8.55 -8.52 -7.09
N TRP F 80 -9.73 -8.07 -7.52
CA TRP F 80 -9.87 -7.54 -8.87
C TRP F 80 -9.02 -6.28 -9.04
N ASP F 81 -9.01 -5.40 -8.03
CA ASP F 81 -8.21 -4.19 -8.10
C ASP F 81 -6.73 -4.53 -8.12
N GLN F 82 -6.32 -5.52 -7.31
CA GLN F 82 -4.92 -5.91 -7.28
C GLN F 82 -4.51 -6.52 -8.60
N SER F 83 -5.41 -7.30 -9.21
CA SER F 83 -5.12 -7.92 -10.50
C SER F 83 -4.95 -6.88 -11.58
N LEU F 84 -5.69 -5.76 -11.48
CA LEU F 84 -5.55 -4.73 -12.50
C LEU F 84 -4.42 -3.76 -12.19
N LYS F 85 -3.81 -3.85 -11.00
CA LYS F 85 -2.72 -2.95 -10.65
C LYS F 85 -1.47 -3.08 -11.53
N PRO F 86 -0.92 -4.26 -11.84
CA PRO F 86 0.29 -4.29 -12.68
C PRO F 86 0.04 -4.20 -14.17
N CYS F 87 -1.20 -4.14 -14.63
CA CYS F 87 -1.46 -4.09 -16.06
C CYS F 87 -1.22 -2.68 -16.61
N VAL F 88 -1.21 -2.60 -17.95
CA VAL F 88 -0.96 -1.35 -18.65
C VAL F 88 -2.11 -0.38 -18.47
N LYS F 89 -1.79 0.90 -18.30
CA LYS F 89 -2.77 1.97 -18.12
C LYS F 89 -3.03 2.61 -19.48
N LEU F 90 -4.31 2.77 -19.82
CA LEU F 90 -4.71 3.36 -21.08
C LEU F 90 -4.94 4.86 -21.01
N THR F 91 -4.24 5.57 -20.12
CA THR F 91 -4.42 7.02 -20.03
C THR F 91 -4.09 7.81 -21.31
N PRO F 92 -3.05 7.51 -22.13
CA PRO F 92 -2.87 8.33 -23.33
C PRO F 92 -3.87 8.04 -24.44
N LEU F 93 -4.70 7.01 -24.30
CA LEU F 93 -5.68 6.66 -25.32
C LEU F 93 -6.78 7.70 -25.47
N CYS F 94 -6.97 8.57 -24.48
CA CYS F 94 -8.02 9.58 -24.56
C CYS F 94 -7.59 10.64 -25.58
N VAL F 95 -8.14 10.55 -26.79
CA VAL F 95 -7.86 11.46 -27.90
C VAL F 95 -9.13 11.60 -28.72
N THR F 96 -9.07 12.49 -29.70
CA THR F 96 -10.20 12.74 -30.61
C THR F 96 -10.24 11.60 -31.63
N LEU F 97 -11.33 10.81 -31.61
CA LEU F 97 -11.47 9.68 -32.51
C LEU F 97 -12.28 10.05 -33.75
N GLN F 98 -11.76 9.72 -34.93
CA GLN F 98 -12.47 10.00 -36.18
C GLN F 98 -13.15 8.69 -36.57
N CYS F 99 -14.35 8.49 -36.01
CA CYS F 99 -15.12 7.28 -36.24
C CYS F 99 -16.03 7.39 -37.46
N THR F 100 -16.27 6.22 -38.08
CA THR F 100 -17.12 6.03 -39.25
C THR F 100 -17.85 4.70 -39.09
N ASN F 101 -19.06 4.63 -39.64
CA ASN F 101 -19.84 3.39 -39.54
C ASN F 101 -19.15 2.27 -40.32
N VAL F 102 -19.19 1.05 -39.78
CA VAL F 102 -18.58 -0.09 -40.46
C VAL F 102 -19.60 -0.72 -41.39
N THR F 103 -20.07 0.02 -42.39
CA THR F 103 -21.07 -0.52 -43.30
C THR F 103 -20.45 -1.53 -44.26
N ASN F 104 -20.04 -2.69 -43.73
CA ASN F 104 -19.42 -3.75 -44.53
C ASN F 104 -19.98 -5.09 -44.08
N ASN F 105 -21.13 -5.49 -44.66
CA ASN F 105 -21.83 -6.75 -44.43
C ASN F 105 -22.60 -6.74 -43.11
N ILE F 106 -22.99 -5.58 -42.63
CA ILE F 106 -23.64 -5.48 -41.33
C ILE F 106 -25.16 -5.49 -41.45
N THR F 107 -25.81 -5.88 -40.34
CA THR F 107 -27.25 -5.85 -40.21
C THR F 107 -27.64 -4.95 -39.05
N ASP F 108 -26.68 -4.21 -38.50
CA ASP F 108 -26.87 -3.29 -37.38
C ASP F 108 -25.74 -2.28 -37.38
N GLY F 109 -26.05 -1.06 -36.96
CA GLY F 109 -25.04 -0.01 -36.86
C GLY F 109 -24.50 0.16 -35.46
N GLU F 110 -24.25 -0.95 -34.75
CA GLU F 110 -23.74 -0.91 -33.39
C GLU F 110 -22.22 -0.98 -33.28
N LEU F 111 -21.50 -1.01 -34.40
CA LEU F 111 -20.04 -1.08 -34.40
C LEU F 111 -19.49 0.09 -35.20
N LYS F 112 -18.36 0.65 -34.76
CA LYS F 112 -17.76 1.79 -35.43
C LYS F 112 -16.27 1.54 -35.65
N ASN F 113 -15.76 2.19 -36.69
CA ASN F 113 -14.37 2.11 -37.14
C ASN F 113 -13.75 3.48 -36.93
N CYS F 114 -12.91 3.62 -35.91
CA CYS F 114 -12.33 4.89 -35.51
C CYS F 114 -10.84 4.94 -35.82
N SER F 115 -10.37 6.13 -36.15
CA SER F 115 -8.96 6.35 -36.46
C SER F 115 -8.44 7.48 -35.59
N PHE F 116 -7.21 7.32 -35.09
CA PHE F 116 -6.63 8.35 -34.22
C PHE F 116 -5.11 8.26 -34.20
N ASN F 117 -4.51 9.38 -33.75
CA ASN F 117 -3.07 9.52 -33.63
C ASN F 117 -2.69 9.04 -32.23
N MET F 118 -2.12 7.84 -32.15
CA MET F 118 -1.77 7.25 -30.87
C MET F 118 -0.25 7.40 -30.68
N THR F 119 0.18 7.50 -29.42
CA THR F 119 1.60 7.63 -29.17
C THR F 119 2.34 6.33 -29.50
N THR F 120 3.65 6.42 -29.58
CA THR F 120 4.48 5.26 -29.89
C THR F 120 5.59 5.12 -28.86
N GLU F 121 6.55 4.23 -29.13
CA GLU F 121 7.68 4.02 -28.21
C GLU F 121 8.48 5.30 -28.00
N LEU F 122 8.73 6.03 -29.07
CA LEU F 122 9.46 7.30 -29.00
C LEU F 122 8.40 8.38 -28.82
N ARG F 123 8.42 9.04 -27.65
CA ARG F 123 7.41 10.07 -27.36
C ARG F 123 7.50 11.30 -28.26
N ASP F 124 8.58 11.49 -29.01
CA ASP F 124 8.69 12.66 -29.87
C ASP F 124 7.87 12.54 -31.16
N LYS F 125 7.25 11.40 -31.42
CA LYS F 125 6.46 11.21 -32.64
C LYS F 125 5.21 10.41 -32.33
N LYS F 126 4.24 10.48 -33.25
CA LYS F 126 2.96 9.79 -33.16
C LYS F 126 2.79 8.84 -34.33
N GLN F 127 1.80 7.95 -34.21
CA GLN F 127 1.49 6.96 -35.24
C GLN F 127 -0.01 6.97 -35.51
N LYS F 128 -0.37 6.85 -36.78
CA LYS F 128 -1.77 6.84 -37.21
C LYS F 128 -2.26 5.40 -37.16
N VAL F 129 -3.19 5.11 -36.24
CA VAL F 129 -3.73 3.77 -36.09
C VAL F 129 -5.25 3.83 -36.08
N TYR F 130 -5.87 2.67 -36.29
CA TYR F 130 -7.32 2.59 -36.31
C TYR F 130 -7.73 1.35 -35.56
N SER F 131 -8.96 1.37 -35.03
CA SER F 131 -9.50 0.25 -34.30
C SER F 131 -11.01 0.32 -34.31
N LEU F 132 -11.64 -0.80 -34.00
CA LEU F 132 -13.08 -0.90 -33.98
C LEU F 132 -13.58 -0.80 -32.55
N PHE F 133 -14.55 0.07 -32.32
CA PHE F 133 -15.15 0.28 -31.01
C PHE F 133 -16.65 0.13 -31.09
N TYR F 134 -17.22 -0.48 -30.07
CA TYR F 134 -18.66 -0.66 -30.03
C TYR F 134 -19.32 0.69 -29.76
N ARG F 135 -20.60 0.79 -30.11
CA ARG F 135 -21.35 2.03 -29.92
C ARG F 135 -21.42 2.43 -28.45
N LEU F 136 -21.40 1.46 -27.55
CA LEU F 136 -21.46 1.75 -26.12
C LEU F 136 -20.15 2.27 -25.55
N ASP F 137 -19.03 2.05 -26.25
CA ASP F 137 -17.73 2.52 -25.78
C ASP F 137 -17.33 3.89 -26.30
N VAL F 138 -18.16 4.53 -27.13
CA VAL F 138 -17.84 5.84 -27.68
C VAL F 138 -19.06 6.75 -27.60
N VAL F 139 -18.78 8.04 -27.44
CA VAL F 139 -19.81 9.07 -27.37
C VAL F 139 -19.37 10.24 -28.26
N GLN F 140 -20.31 10.76 -29.04
CA GLN F 140 -20.05 11.87 -29.95
C GLN F 140 -19.74 13.13 -29.14
N ILE F 141 -18.84 13.96 -29.68
CA ILE F 141 -18.47 15.20 -29.01
C ILE F 141 -18.64 16.36 -29.99
N ASN F 142 -19.25 16.08 -31.14
CA ASN F 142 -19.52 17.03 -32.21
C ASN F 142 -18.25 17.70 -32.75
N SER F 152 -17.69 10.88 -44.22
CA SER F 152 -18.75 10.94 -43.22
C SER F 152 -18.19 10.67 -41.83
N ASN F 153 -16.93 11.04 -41.61
CA ASN F 153 -16.29 10.84 -40.33
C ASN F 153 -16.80 11.83 -39.28
N LYS F 154 -16.68 11.46 -38.02
CA LYS F 154 -17.13 12.34 -36.96
C LYS F 154 -16.28 12.16 -35.73
N GLU F 155 -16.10 13.25 -34.98
CA GLU F 155 -15.31 13.20 -33.77
C GLU F 155 -16.05 12.43 -32.68
N TYR F 156 -15.32 11.59 -31.97
CA TYR F 156 -15.84 10.77 -30.89
C TYR F 156 -14.86 10.82 -29.74
N ARG F 157 -15.29 10.23 -28.63
CA ARG F 157 -14.49 10.19 -27.41
C ARG F 157 -14.97 9.02 -26.57
N LEU F 158 -14.05 8.40 -25.85
CA LEU F 158 -14.41 7.27 -25.00
C LEU F 158 -15.22 7.78 -23.81
N ILE F 159 -16.22 6.98 -23.42
CA ILE F 159 -17.11 7.36 -22.31
C ILE F 159 -16.36 7.50 -20.99
N ASN F 160 -15.23 6.81 -20.84
CA ASN F 160 -14.48 6.88 -19.59
C ASN F 160 -13.44 8.01 -19.58
N CYS F 161 -13.31 8.77 -20.67
CA CYS F 161 -12.33 9.84 -20.70
C CYS F 161 -12.69 10.96 -19.73
N ASN F 162 -13.93 11.42 -19.76
CA ASN F 162 -14.34 12.48 -18.86
C ASN F 162 -14.59 11.98 -17.44
N THR F 163 -14.75 10.67 -17.26
CA THR F 163 -14.99 10.10 -15.93
C THR F 163 -13.69 9.68 -15.24
N SER F 164 -12.94 8.73 -15.83
CA SER F 164 -11.69 8.24 -15.27
C SER F 164 -10.92 7.35 -16.24
N ALA F 165 -9.63 7.62 -16.42
CA ALA F 165 -8.82 6.79 -17.31
C ALA F 165 -8.44 5.52 -16.57
N CYS F 166 -8.84 4.38 -17.12
CA CYS F 166 -8.58 3.09 -16.50
C CYS F 166 -7.63 2.24 -17.31
N THR F 167 -7.18 1.16 -16.67
CA THR F 167 -6.23 0.22 -17.25
C THR F 167 -6.91 -0.78 -18.15
N GLN F 168 -6.07 -1.55 -18.85
CA GLN F 168 -6.50 -2.60 -19.76
C GLN F 168 -6.23 -3.94 -19.12
N ALA F 169 -7.23 -4.84 -19.15
CA ALA F 169 -7.08 -6.17 -18.57
C ALA F 169 -5.96 -6.93 -19.25
N CYS F 170 -5.08 -7.53 -18.44
CA CYS F 170 -3.96 -8.29 -18.99
C CYS F 170 -4.48 -9.52 -19.74
N PRO F 171 -4.08 -9.71 -21.00
CA PRO F 171 -4.55 -10.88 -21.77
C PRO F 171 -4.17 -12.22 -21.19
N LYS F 172 -2.97 -12.33 -20.60
CA LYS F 172 -2.53 -13.60 -20.05
C LYS F 172 -3.38 -14.01 -18.85
N VAL F 173 -3.94 -13.03 -18.14
CA VAL F 173 -4.79 -13.27 -16.99
C VAL F 173 -6.19 -13.62 -17.48
N SER F 174 -6.69 -14.78 -17.08
CA SER F 174 -8.02 -15.22 -17.50
C SER F 174 -9.05 -14.87 -16.46
N PHE F 175 -10.32 -14.83 -16.90
CA PHE F 175 -11.43 -14.50 -16.02
C PHE F 175 -12.32 -15.70 -15.70
N GLU F 176 -11.82 -16.93 -15.93
CA GLU F 176 -12.55 -18.16 -15.66
C GLU F 176 -12.87 -18.30 -14.19
N PRO F 177 -14.15 -18.25 -13.78
CA PRO F 177 -14.48 -18.36 -12.36
C PRO F 177 -14.26 -19.75 -11.78
N ILE F 178 -13.02 -20.09 -11.45
CA ILE F 178 -12.72 -21.39 -10.87
C ILE F 178 -13.21 -21.31 -9.43
N PRO F 179 -13.69 -22.41 -8.83
CA PRO F 179 -14.20 -22.33 -7.46
C PRO F 179 -13.14 -22.06 -6.41
N ILE F 180 -13.56 -21.40 -5.34
CA ILE F 180 -12.72 -21.05 -4.20
C ILE F 180 -13.46 -21.47 -2.92
N HIS F 181 -12.75 -22.15 -2.03
CA HIS F 181 -13.32 -22.64 -0.77
C HIS F 181 -12.97 -21.69 0.36
N TYR F 182 -13.97 -21.29 1.13
CA TYR F 182 -13.78 -20.39 2.26
C TYR F 182 -13.65 -21.23 3.52
N CYS F 183 -12.57 -21.02 4.27
CA CYS F 183 -12.31 -21.75 5.50
C CYS F 183 -12.10 -20.81 6.66
N ALA F 184 -12.53 -21.24 7.81
CA ALA F 184 -12.38 -20.48 9.04
C ALA F 184 -11.10 -20.89 9.76
N PRO F 185 -10.48 -20.03 10.55
CA PRO F 185 -9.24 -20.42 11.24
C PRO F 185 -9.53 -21.26 12.47
N ALA F 186 -8.46 -21.64 13.17
CA ALA F 186 -8.58 -22.44 14.38
C ALA F 186 -9.37 -21.66 15.43
N GLY F 187 -10.17 -22.39 16.20
CA GLY F 187 -11.01 -21.75 17.21
C GLY F 187 -12.33 -21.29 16.67
N PHE F 188 -12.55 -21.41 15.36
CA PHE F 188 -13.79 -21.00 14.70
C PHE F 188 -14.30 -22.21 13.94
N ALA F 189 -15.61 -22.20 13.66
CA ALA F 189 -16.20 -23.32 12.93
C ALA F 189 -17.27 -22.81 11.98
N ILE F 190 -17.41 -23.50 10.85
CA ILE F 190 -18.40 -23.16 9.85
C ILE F 190 -19.55 -24.16 9.93
N LEU F 191 -20.72 -23.67 10.28
CA LEU F 191 -21.91 -24.51 10.40
C LEU F 191 -22.64 -24.57 9.07
N LYS F 192 -22.71 -25.76 8.48
CA LYS F 192 -23.37 -25.99 7.22
C LYS F 192 -24.76 -26.55 7.52
N CYS F 193 -25.80 -25.88 7.00
CA CYS F 193 -27.17 -26.31 7.22
C CYS F 193 -27.54 -27.30 6.13
N LYS F 194 -27.68 -28.57 6.50
CA LYS F 194 -28.03 -29.62 5.56
C LYS F 194 -29.53 -29.89 5.50
N ASP F 195 -30.33 -29.12 6.24
CA ASP F 195 -31.78 -29.32 6.24
C ASP F 195 -32.37 -28.83 4.93
N LYS F 196 -32.97 -29.74 4.18
CA LYS F 196 -33.60 -29.37 2.92
C LYS F 196 -34.85 -28.54 3.19
N LYS F 197 -35.28 -27.78 2.17
CA LYS F 197 -36.43 -26.88 2.18
C LYS F 197 -36.25 -25.70 3.12
N PHE F 198 -35.05 -25.48 3.63
CA PHE F 198 -34.79 -24.36 4.53
C PHE F 198 -34.81 -23.05 3.75
N ASN F 199 -35.64 -22.11 4.19
CA ASN F 199 -35.77 -20.82 3.53
C ASN F 199 -34.60 -19.90 3.93
N GLY F 200 -34.75 -18.61 3.63
CA GLY F 200 -33.69 -17.64 3.91
C GLY F 200 -33.27 -17.52 5.37
N THR F 201 -34.23 -17.37 6.28
CA THR F 201 -33.89 -17.22 7.69
C THR F 201 -34.72 -18.17 8.53
N GLY F 202 -34.11 -18.76 9.55
CA GLY F 202 -34.85 -19.67 10.40
C GLY F 202 -34.00 -20.77 11.00
N PRO F 203 -34.55 -21.46 12.01
CA PRO F 203 -33.79 -22.56 12.63
C PRO F 203 -33.61 -23.72 11.67
N CYS F 204 -32.42 -24.31 11.70
CA CYS F 204 -32.00 -25.44 10.91
C CYS F 204 -31.95 -26.68 11.79
N PRO F 205 -32.89 -27.62 11.66
CA PRO F 205 -32.88 -28.83 12.50
C PRO F 205 -31.80 -29.85 12.13
N SER F 206 -30.99 -29.61 11.10
CA SER F 206 -29.93 -30.54 10.68
C SER F 206 -28.69 -29.74 10.31
N VAL F 207 -27.79 -29.58 11.27
CA VAL F 207 -26.56 -28.82 11.10
C VAL F 207 -25.37 -29.78 11.12
N SER F 208 -24.32 -29.41 10.38
CA SER F 208 -23.11 -30.20 10.31
C SER F 208 -21.93 -29.24 10.26
N THR F 209 -20.88 -29.54 11.00
CA THR F 209 -19.71 -28.68 11.02
C THR F 209 -18.77 -29.07 9.89
N VAL F 210 -18.20 -28.07 9.24
CA VAL F 210 -17.27 -28.30 8.13
C VAL F 210 -16.14 -27.27 8.23
N GLN F 211 -14.93 -27.71 7.96
CA GLN F 211 -13.78 -26.80 8.04
C GLN F 211 -13.78 -25.79 6.88
N CYS F 212 -14.20 -26.21 5.69
CA CYS F 212 -14.22 -25.35 4.53
C CYS F 212 -15.54 -25.48 3.78
N THR F 213 -15.94 -24.39 3.14
CA THR F 213 -17.17 -24.39 2.37
C THR F 213 -16.93 -25.07 1.02
N HIS F 214 -18.03 -25.43 0.36
CA HIS F 214 -17.94 -26.08 -0.94
C HIS F 214 -17.38 -25.10 -1.98
N GLY F 215 -16.99 -25.63 -3.14
CA GLY F 215 -16.46 -24.80 -4.19
C GLY F 215 -17.44 -23.78 -4.71
N ILE F 216 -17.23 -22.51 -4.34
CA ILE F 216 -18.09 -21.42 -4.75
C ILE F 216 -17.44 -20.70 -5.92
N LYS F 217 -18.11 -20.74 -7.06
CA LYS F 217 -17.60 -20.07 -8.26
C LYS F 217 -17.90 -18.58 -8.20
N PRO F 218 -16.90 -17.71 -8.25
CA PRO F 218 -17.11 -16.26 -8.22
C PRO F 218 -17.62 -15.73 -9.56
N VAL F 219 -18.80 -16.20 -9.95
CA VAL F 219 -19.42 -15.83 -11.21
C VAL F 219 -20.04 -14.45 -11.07
N VAL F 220 -19.84 -13.61 -12.08
CA VAL F 220 -20.36 -12.25 -12.10
C VAL F 220 -21.50 -12.25 -13.11
N SER F 221 -22.71 -11.95 -12.63
CA SER F 221 -23.88 -11.90 -13.48
C SER F 221 -24.93 -10.98 -12.87
N THR F 222 -25.85 -10.53 -13.70
CA THR F 222 -26.92 -9.64 -13.28
C THR F 222 -28.26 -10.18 -13.79
N GLN F 223 -29.28 -10.16 -12.92
CA GLN F 223 -30.67 -10.58 -13.13
C GLN F 223 -30.89 -12.09 -13.19
N LEU F 224 -29.82 -12.87 -13.24
CA LEU F 224 -29.90 -14.32 -13.32
C LEU F 224 -28.59 -14.87 -12.79
N LEU F 225 -28.67 -16.04 -12.17
CA LEU F 225 -27.53 -16.72 -11.58
C LEU F 225 -27.06 -17.84 -12.49
N LEU F 226 -25.84 -17.69 -13.00
CA LEU F 226 -25.21 -18.64 -13.90
C LEU F 226 -24.17 -19.48 -13.15
N ASN F 227 -24.14 -20.79 -13.43
CA ASN F 227 -23.16 -21.73 -12.85
C ASN F 227 -23.21 -21.79 -11.33
N GLY F 228 -24.39 -21.64 -10.75
CA GLY F 228 -24.56 -21.66 -9.31
C GLY F 228 -24.87 -23.03 -8.72
N SER F 229 -25.35 -23.01 -7.48
CA SER F 229 -25.70 -24.23 -6.76
C SER F 229 -27.11 -24.63 -7.12
N LEU F 230 -27.37 -25.93 -7.02
CA LEU F 230 -28.69 -26.45 -7.36
C LEU F 230 -29.52 -26.77 -6.12
N ALA F 231 -30.82 -26.54 -6.24
CA ALA F 231 -31.75 -26.83 -5.15
C ALA F 231 -31.83 -28.34 -4.93
N GLU F 232 -32.03 -28.72 -3.67
CA GLU F 232 -32.09 -30.14 -3.32
C GLU F 232 -33.34 -30.84 -3.88
N GLU F 233 -34.53 -30.29 -3.64
CA GLU F 233 -35.74 -30.95 -4.11
C GLU F 233 -36.59 -30.13 -5.05
N GLU F 234 -36.94 -28.89 -4.70
CA GLU F 234 -37.79 -28.06 -5.53
C GLU F 234 -37.26 -26.63 -5.56
N VAL F 235 -37.87 -25.82 -6.43
CA VAL F 235 -37.47 -24.43 -6.58
C VAL F 235 -37.71 -23.70 -5.27
N MET F 236 -36.71 -22.96 -4.81
CA MET F 236 -36.78 -22.22 -3.56
C MET F 236 -36.87 -20.72 -3.79
N ILE F 237 -37.81 -20.09 -3.11
CA ILE F 237 -38.03 -18.65 -3.16
C ILE F 237 -37.58 -18.09 -1.82
N ARG F 238 -36.70 -17.10 -1.84
CA ARG F 238 -36.17 -16.50 -0.64
C ARG F 238 -36.27 -14.98 -0.71
N SER F 239 -36.50 -14.36 0.44
CA SER F 239 -36.64 -12.92 0.65
C SER F 239 -36.81 -12.69 2.14
N GLU F 240 -36.53 -11.46 2.58
CA GLU F 240 -36.68 -11.09 3.98
C GLU F 240 -38.13 -11.30 4.41
N ASN F 241 -39.05 -10.72 3.65
CA ASN F 241 -40.50 -10.87 3.79
C ASN F 241 -41.12 -10.35 2.51
N ILE F 242 -41.89 -11.22 1.83
CA ILE F 242 -42.57 -10.94 0.56
C ILE F 242 -43.41 -9.66 0.59
N THR F 243 -43.89 -9.26 1.77
CA THR F 243 -44.70 -8.05 1.91
C THR F 243 -43.95 -6.79 1.49
N ASN F 244 -42.62 -6.78 1.59
CA ASN F 244 -41.81 -5.63 1.21
C ASN F 244 -41.46 -5.74 -0.27
N ASN F 245 -41.85 -4.72 -1.04
CA ASN F 245 -41.57 -4.70 -2.47
C ASN F 245 -40.16 -4.22 -2.80
N ALA F 246 -39.49 -3.56 -1.86
CA ALA F 246 -38.13 -3.07 -2.10
C ALA F 246 -37.06 -4.11 -1.86
N LYS F 247 -37.41 -5.28 -1.34
CA LYS F 247 -36.44 -6.34 -1.06
C LYS F 247 -36.40 -7.31 -2.24
N ASN F 248 -35.20 -7.59 -2.74
CA ASN F 248 -35.04 -8.51 -3.86
C ASN F 248 -35.42 -9.93 -3.46
N ILE F 249 -35.92 -10.67 -4.44
CA ILE F 249 -36.33 -12.06 -4.28
C ILE F 249 -35.34 -12.96 -4.99
N LEU F 250 -34.72 -13.87 -4.24
CA LEU F 250 -33.75 -14.80 -4.80
C LEU F 250 -34.46 -16.11 -5.09
N VAL F 251 -34.29 -16.64 -6.30
CA VAL F 251 -34.92 -17.88 -6.70
C VAL F 251 -33.82 -18.88 -7.05
N GLN F 252 -34.03 -20.14 -6.66
CA GLN F 252 -33.07 -21.22 -6.93
C GLN F 252 -33.82 -22.36 -7.61
N PHE F 253 -33.28 -22.79 -8.75
CA PHE F 253 -33.87 -23.86 -9.56
C PHE F 253 -33.38 -25.25 -9.19
N ASN F 254 -34.32 -26.20 -9.14
CA ASN F 254 -34.00 -27.59 -8.87
C ASN F 254 -33.44 -28.27 -10.11
N THR F 255 -33.89 -27.83 -11.29
CA THR F 255 -33.46 -28.32 -12.59
C THR F 255 -32.92 -27.12 -13.35
N PRO F 256 -31.63 -27.06 -13.69
CA PRO F 256 -31.11 -25.88 -14.38
C PRO F 256 -31.45 -25.88 -15.86
N VAL F 257 -31.43 -24.68 -16.44
CA VAL F 257 -31.72 -24.51 -17.87
C VAL F 257 -30.46 -24.13 -18.62
N GLN F 258 -30.15 -24.86 -19.69
CA GLN F 258 -28.94 -24.55 -20.44
C GLN F 258 -29.13 -23.27 -21.24
N ILE F 259 -28.08 -22.46 -21.28
CA ILE F 259 -28.04 -21.18 -21.99
C ILE F 259 -26.78 -21.15 -22.84
N ASN F 260 -26.92 -20.85 -24.13
CA ASN F 260 -25.79 -20.80 -25.05
C ASN F 260 -25.62 -19.39 -25.62
N CYS F 261 -24.51 -18.74 -25.33
CA CYS F 261 -24.26 -17.39 -25.84
C CYS F 261 -23.09 -17.40 -26.81
N THR F 262 -23.12 -16.46 -27.77
CA THR F 262 -22.05 -16.40 -28.76
C THR F 262 -22.15 -15.12 -29.59
N ARG F 263 -21.06 -14.88 -30.35
CA ARG F 263 -20.84 -13.79 -31.28
C ARG F 263 -20.12 -14.37 -32.50
N PRO F 264 -20.80 -14.54 -33.62
CA PRO F 264 -20.12 -15.12 -34.79
C PRO F 264 -19.27 -14.14 -35.59
N ASN F 265 -18.91 -13.00 -35.00
CA ASN F 265 -18.10 -12.02 -35.72
C ASN F 265 -16.67 -12.47 -36.00
N ASN F 266 -16.09 -13.33 -35.14
CA ASN F 266 -14.71 -13.81 -35.30
C ASN F 266 -13.74 -12.62 -35.29
N ASN F 267 -13.72 -11.92 -34.16
CA ASN F 267 -12.88 -10.73 -33.97
C ASN F 267 -11.39 -11.04 -34.09
N THR F 268 -10.64 -10.00 -34.46
CA THR F 268 -9.19 -10.07 -34.63
C THR F 268 -8.51 -9.08 -33.69
N ARG F 269 -7.37 -9.47 -33.15
CA ARG F 269 -6.59 -8.66 -32.22
C ARG F 269 -5.43 -7.97 -32.96
N LYS F 270 -5.09 -6.78 -32.50
CA LYS F 270 -4.00 -6.00 -33.08
C LYS F 270 -3.20 -5.37 -31.96
N SER F 271 -1.91 -5.67 -31.89
CA SER F 271 -1.07 -5.12 -30.83
C SER F 271 -0.43 -3.83 -31.31
N ILE F 272 -0.68 -2.73 -30.59
CA ILE F 272 -0.15 -1.42 -30.94
C ILE F 272 0.82 -1.01 -29.84
N ARG F 273 2.06 -0.74 -30.22
CA ARG F 273 3.11 -0.34 -29.28
C ARG F 273 2.86 1.12 -28.94
N ILE F 274 2.09 1.36 -27.87
CA ILE F 274 1.78 2.74 -27.50
C ILE F 274 2.94 3.43 -26.80
N GLY F 275 3.77 2.69 -26.10
CA GLY F 275 4.89 3.29 -25.40
C GLY F 275 5.93 2.24 -25.06
N PRO F 276 6.95 2.64 -24.30
CA PRO F 276 8.00 1.68 -23.94
C PRO F 276 7.45 0.63 -22.99
N GLY F 277 7.32 -0.59 -23.51
CA GLY F 277 6.80 -1.68 -22.72
C GLY F 277 5.30 -1.71 -22.58
N GLN F 278 4.58 -0.83 -23.26
CA GLN F 278 3.13 -0.80 -23.18
C GLN F 278 2.52 -1.00 -24.56
N ALA F 279 1.50 -1.86 -24.61
CA ALA F 279 0.81 -2.17 -25.85
C ALA F 279 -0.69 -2.16 -25.63
N PHE F 280 -1.40 -1.67 -26.63
CA PHE F 280 -2.85 -1.58 -26.64
C PHE F 280 -3.38 -2.63 -27.61
N TYR F 281 -4.16 -3.57 -27.10
CA TYR F 281 -4.72 -4.62 -27.92
C TYR F 281 -6.00 -4.11 -28.55
N ALA F 282 -5.85 -3.46 -29.70
CA ALA F 282 -6.94 -2.90 -30.46
C ALA F 282 -7.71 -3.99 -31.20
N THR F 283 -8.92 -3.65 -31.61
CA THR F 283 -9.78 -4.56 -32.35
C THR F 283 -9.53 -4.38 -33.83
N GLY F 284 -9.04 -5.42 -34.49
CA GLY F 284 -8.75 -5.37 -35.91
C GLY F 284 -10.00 -5.52 -36.75
N ASP F 285 -9.79 -5.60 -38.06
CA ASP F 285 -10.89 -5.75 -39.00
C ASP F 285 -11.59 -7.08 -38.80
N ILE F 286 -12.89 -7.09 -39.06
CA ILE F 286 -13.71 -8.29 -38.90
C ILE F 286 -13.59 -9.18 -40.14
N ILE F 287 -13.34 -10.47 -39.90
CA ILE F 287 -13.21 -11.47 -40.96
C ILE F 287 -14.55 -12.17 -41.12
N GLY F 288 -15.11 -12.15 -42.32
CA GLY F 288 -16.38 -12.79 -42.58
C GLY F 288 -17.58 -11.87 -42.49
N ASP F 289 -18.74 -12.43 -42.19
CA ASP F 289 -19.97 -11.65 -42.07
C ASP F 289 -20.18 -11.21 -40.63
N ILE F 290 -20.52 -9.95 -40.44
CA ILE F 290 -20.77 -9.41 -39.11
C ILE F 290 -22.17 -9.77 -38.68
N ARG F 291 -22.29 -10.46 -37.55
CA ARG F 291 -23.58 -10.87 -37.02
C ARG F 291 -23.69 -10.43 -35.56
N GLN F 292 -24.87 -9.96 -35.18
CA GLN F 292 -25.12 -9.50 -33.83
C GLN F 292 -24.93 -10.63 -32.83
N ALA F 293 -24.27 -10.32 -31.71
CA ALA F 293 -24.04 -11.31 -30.68
C ALA F 293 -25.38 -11.64 -30.02
N HIS F 294 -25.70 -12.93 -29.97
CA HIS F 294 -26.96 -13.35 -29.39
C HIS F 294 -26.74 -14.46 -28.39
N CYS F 295 -27.85 -14.91 -27.81
CA CYS F 295 -27.77 -15.98 -26.83
C CYS F 295 -29.08 -16.74 -26.89
N ASN F 296 -29.04 -18.06 -26.75
CA ASN F 296 -30.23 -18.89 -26.84
C ASN F 296 -30.55 -19.55 -25.51
N VAL F 297 -31.84 -19.87 -25.34
CA VAL F 297 -32.38 -20.55 -24.17
C VAL F 297 -33.52 -21.41 -24.65
N SER F 298 -33.57 -22.68 -24.22
CA SER F 298 -34.62 -23.59 -24.66
C SER F 298 -35.99 -23.10 -24.20
N LYS F 299 -36.97 -23.24 -25.08
CA LYS F 299 -38.34 -22.79 -24.79
C LYS F 299 -39.04 -23.71 -23.80
N ALA F 300 -38.97 -25.03 -24.02
CA ALA F 300 -39.65 -25.98 -23.14
C ALA F 300 -39.09 -25.95 -21.72
N THR F 301 -37.76 -25.94 -21.57
CA THR F 301 -37.14 -25.92 -20.26
C THR F 301 -37.49 -24.63 -19.52
N TRP F 302 -37.43 -23.50 -20.21
CA TRP F 302 -37.76 -22.23 -19.58
C TRP F 302 -39.23 -22.17 -19.18
N ASN F 303 -40.11 -22.74 -20.02
CA ASN F 303 -41.54 -22.74 -19.71
C ASN F 303 -41.84 -23.58 -18.47
N GLU F 304 -41.26 -24.79 -18.40
CA GLU F 304 -41.49 -25.65 -17.23
C GLU F 304 -40.86 -25.04 -15.98
N THR F 305 -39.69 -24.41 -16.12
CA THR F 305 -39.03 -23.78 -14.99
C THR F 305 -39.87 -22.62 -14.48
N LEU F 306 -40.43 -21.81 -15.39
CA LEU F 306 -41.30 -20.72 -15.00
C LEU F 306 -42.56 -21.27 -14.34
N GLY F 307 -43.01 -22.44 -14.78
CA GLY F 307 -44.17 -23.07 -14.17
C GLY F 307 -43.90 -23.42 -12.73
N LYS F 308 -42.73 -23.98 -12.46
CA LYS F 308 -42.36 -24.31 -11.09
C LYS F 308 -42.22 -23.05 -10.25
N VAL F 309 -41.62 -21.99 -10.83
CA VAL F 309 -41.44 -20.72 -10.13
C VAL F 309 -42.78 -20.09 -9.78
N VAL F 310 -43.72 -20.07 -10.74
CA VAL F 310 -45.03 -19.48 -10.46
C VAL F 310 -45.78 -20.34 -9.46
N LYS F 311 -45.55 -21.67 -9.46
CA LYS F 311 -46.21 -22.52 -8.48
C LYS F 311 -45.74 -22.18 -7.07
N GLN F 312 -44.43 -22.02 -6.89
CA GLN F 312 -43.89 -21.65 -5.57
C GLN F 312 -44.34 -20.24 -5.17
N LEU F 313 -44.35 -19.30 -6.13
CA LEU F 313 -44.79 -17.93 -5.84
C LEU F 313 -46.24 -17.91 -5.42
N ARG F 314 -47.09 -18.70 -6.09
CA ARG F 314 -48.49 -18.78 -5.74
C ARG F 314 -48.65 -19.40 -4.36
N LYS F 315 -47.84 -20.42 -4.05
CA LYS F 315 -47.90 -21.05 -2.73
C LYS F 315 -47.58 -20.04 -1.63
N HIS F 316 -46.60 -19.18 -1.87
CA HIS F 316 -46.24 -18.17 -0.87
C HIS F 316 -47.27 -17.05 -0.78
N PHE F 317 -47.76 -16.55 -1.92
CA PHE F 317 -48.73 -15.46 -1.96
C PHE F 317 -50.20 -15.89 -1.91
N GLY F 318 -50.49 -17.17 -1.97
CA GLY F 318 -51.86 -17.64 -1.94
C GLY F 318 -52.34 -18.01 -3.33
N ASN F 319 -53.21 -19.01 -3.40
CA ASN F 319 -53.73 -19.48 -4.68
C ASN F 319 -54.64 -18.44 -5.32
N ASN F 320 -55.00 -18.73 -6.59
CA ASN F 320 -55.86 -17.89 -7.43
C ASN F 320 -55.29 -16.49 -7.65
N THR F 321 -53.96 -16.38 -7.65
CA THR F 321 -53.28 -15.10 -7.86
C THR F 321 -52.68 -15.07 -9.26
N ILE F 322 -53.04 -14.04 -10.03
CA ILE F 322 -52.56 -13.89 -11.40
C ILE F 322 -51.12 -13.36 -11.34
N ILE F 323 -50.15 -14.24 -11.53
CA ILE F 323 -48.75 -13.85 -11.50
C ILE F 323 -48.33 -13.51 -12.92
N ARG F 324 -47.71 -12.36 -13.09
CA ARG F 324 -47.27 -11.89 -14.40
C ARG F 324 -45.78 -11.55 -14.34
N PHE F 325 -45.08 -11.79 -15.44
CA PHE F 325 -43.66 -11.52 -15.58
C PHE F 325 -43.48 -10.45 -16.64
N ALA F 326 -42.70 -9.43 -16.32
CA ALA F 326 -42.43 -8.33 -17.23
C ALA F 326 -40.94 -8.03 -17.20
N ASN F 327 -40.45 -7.40 -18.26
CA ASN F 327 -39.04 -7.06 -18.35
C ASN F 327 -38.69 -5.94 -17.37
N SER F 328 -37.40 -5.58 -17.33
CA SER F 328 -36.92 -4.54 -16.43
C SER F 328 -37.57 -3.19 -16.75
N SER F 329 -37.89 -2.44 -15.69
CA SER F 329 -38.53 -1.14 -15.84
C SER F 329 -37.61 -0.14 -16.57
N GLY F 330 -36.38 -0.02 -16.11
CA GLY F 330 -35.45 0.90 -16.73
C GLY F 330 -34.33 1.26 -15.79
N GLY F 331 -33.35 1.98 -16.35
CA GLY F 331 -32.19 2.41 -15.59
C GLY F 331 -30.89 2.21 -16.33
N ASP F 332 -29.81 1.95 -15.59
CA ASP F 332 -28.50 1.74 -16.19
C ASP F 332 -28.46 0.42 -16.96
N LEU F 333 -27.54 0.35 -17.92
CA LEU F 333 -27.40 -0.87 -18.73
C LEU F 333 -26.92 -2.06 -17.91
N GLU F 334 -26.19 -1.82 -16.83
CA GLU F 334 -25.69 -2.91 -16.00
C GLU F 334 -26.79 -3.60 -15.22
N VAL F 335 -27.92 -2.93 -14.97
CA VAL F 335 -29.02 -3.52 -14.21
C VAL F 335 -30.20 -3.92 -15.08
N THR F 336 -30.36 -3.31 -16.25
CA THR F 336 -31.48 -3.60 -17.15
C THR F 336 -31.19 -4.73 -18.12
N THR F 337 -30.01 -5.34 -18.07
CA THR F 337 -29.64 -6.42 -18.98
C THR F 337 -28.82 -7.45 -18.23
N HIS F 338 -28.79 -8.67 -18.78
CA HIS F 338 -28.05 -9.77 -18.21
C HIS F 338 -26.57 -9.60 -18.55
N SER F 339 -25.76 -9.28 -17.55
CA SER F 339 -24.33 -9.06 -17.75
C SER F 339 -23.60 -10.40 -17.67
N PHE F 340 -22.75 -10.66 -18.65
CA PHE F 340 -21.97 -11.89 -18.70
C PHE F 340 -20.49 -11.62 -18.51
N ASN F 341 -19.78 -12.71 -18.20
CA ASN F 341 -18.34 -12.67 -18.01
C ASN F 341 -17.84 -14.08 -18.30
N CYS F 342 -17.38 -14.30 -19.54
CA CYS F 342 -16.87 -15.59 -19.97
C CYS F 342 -16.12 -15.42 -21.28
N GLY F 343 -14.89 -15.94 -21.33
CA GLY F 343 -14.05 -15.86 -22.48
C GLY F 343 -13.22 -14.61 -22.55
N GLY F 344 -13.75 -13.49 -22.07
CA GLY F 344 -13.04 -12.22 -22.09
C GLY F 344 -13.94 -11.05 -22.45
N GLU F 345 -15.02 -11.33 -23.18
CA GLU F 345 -15.96 -10.31 -23.60
C GLU F 345 -17.12 -10.22 -22.61
N PHE F 346 -17.58 -9.00 -22.37
CA PHE F 346 -18.69 -8.75 -21.44
C PHE F 346 -19.97 -8.43 -22.20
N PHE F 347 -20.86 -9.43 -22.24
CA PHE F 347 -22.15 -9.31 -22.92
C PHE F 347 -23.17 -8.66 -21.99
N TYR F 348 -24.21 -8.12 -22.61
CA TYR F 348 -25.35 -7.47 -21.97
C TYR F 348 -26.56 -7.97 -22.75
N CYS F 349 -27.13 -9.09 -22.33
CA CYS F 349 -28.26 -9.67 -23.04
C CYS F 349 -29.59 -9.06 -22.59
N ASN F 350 -30.44 -8.74 -23.57
CA ASN F 350 -31.76 -8.17 -23.34
C ASN F 350 -32.68 -9.34 -23.05
N THR F 351 -33.02 -9.53 -21.77
CA THR F 351 -33.87 -10.62 -21.30
C THR F 351 -35.37 -10.36 -21.44
N SER F 352 -35.80 -9.41 -22.28
CA SER F 352 -37.24 -9.14 -22.43
C SER F 352 -38.01 -10.32 -23.01
N GLY F 353 -37.35 -11.23 -23.72
CA GLY F 353 -38.02 -12.38 -24.29
C GLY F 353 -38.31 -13.51 -23.34
N LEU F 354 -37.71 -13.48 -22.15
CA LEU F 354 -37.93 -14.53 -21.16
C LEU F 354 -39.08 -14.18 -20.22
N PHE F 355 -39.01 -13.01 -19.60
CA PHE F 355 -40.03 -12.53 -18.67
C PHE F 355 -41.12 -11.77 -19.45
N ASN F 356 -41.82 -12.53 -20.28
CA ASN F 356 -42.89 -11.99 -21.12
C ASN F 356 -44.08 -12.94 -21.12
N SER F 357 -44.48 -13.40 -19.94
CA SER F 357 -45.59 -14.33 -19.85
C SER F 357 -46.43 -14.03 -18.62
N THR F 358 -47.69 -14.44 -18.67
CA THR F 358 -48.65 -14.26 -17.60
C THR F 358 -49.25 -15.63 -17.27
N TRP F 359 -49.52 -15.86 -15.99
CA TRP F 359 -50.08 -17.13 -15.53
C TRP F 359 -51.40 -16.91 -14.83
N ILE F 360 -52.37 -17.77 -15.11
CA ILE F 360 -53.70 -17.71 -14.52
C ILE F 360 -53.96 -19.02 -13.80
N SER F 361 -54.58 -18.94 -12.62
CA SER F 361 -54.93 -20.08 -11.75
C SER F 361 -53.69 -20.85 -11.31
N ASN F 374 -38.31 -28.20 -29.74
CA ASN F 374 -36.90 -27.92 -30.00
C ASN F 374 -36.69 -26.43 -30.27
N ASP F 375 -37.74 -25.64 -30.06
CA ASP F 375 -37.64 -24.20 -30.28
C ASP F 375 -36.80 -23.55 -29.20
N SER F 376 -36.26 -22.37 -29.52
CA SER F 376 -35.43 -21.64 -28.58
C SER F 376 -35.74 -20.16 -28.64
N ILE F 377 -35.43 -19.47 -27.54
CA ILE F 377 -35.64 -18.05 -27.38
C ILE F 377 -34.28 -17.37 -27.57
N THR F 378 -34.20 -16.54 -28.61
CA THR F 378 -33.00 -15.79 -28.93
C THR F 378 -33.04 -14.45 -28.21
N LEU F 379 -32.02 -14.17 -27.42
CA LEU F 379 -31.87 -12.95 -26.64
C LEU F 379 -30.77 -12.11 -27.23
N PRO F 380 -31.07 -10.94 -27.80
CA PRO F 380 -30.02 -10.08 -28.35
C PRO F 380 -29.09 -9.61 -27.24
N CYS F 381 -27.80 -9.55 -27.53
CA CYS F 381 -26.82 -9.14 -26.55
C CYS F 381 -25.86 -8.12 -27.13
N ARG F 382 -25.50 -7.14 -26.31
CA ARG F 382 -24.57 -6.08 -26.68
C ARG F 382 -23.26 -6.35 -25.97
N ILE F 383 -22.13 -6.14 -26.64
CA ILE F 383 -20.83 -6.38 -26.06
C ILE F 383 -20.20 -5.05 -25.75
N LYS F 384 -19.68 -4.90 -24.52
CA LYS F 384 -19.07 -3.65 -24.14
C LYS F 384 -17.67 -3.89 -23.60
N GLN F 385 -16.72 -3.06 -24.02
CA GLN F 385 -15.35 -3.20 -23.57
C GLN F 385 -15.10 -2.43 -22.28
N ILE F 386 -15.42 -1.14 -22.24
CA ILE F 386 -15.24 -0.37 -21.01
C ILE F 386 -16.38 -0.74 -20.08
N ILE F 387 -16.06 -1.18 -18.87
CA ILE F 387 -17.08 -1.61 -17.93
C ILE F 387 -16.88 -1.03 -16.54
N ASN F 388 -18.00 -0.94 -15.81
CA ASN F 388 -18.12 -0.47 -14.44
C ASN F 388 -19.02 -1.42 -13.67
N MET F 389 -18.71 -2.71 -13.79
CA MET F 389 -19.47 -3.82 -13.19
C MET F 389 -19.71 -3.70 -11.69
N TRP F 390 -18.78 -3.10 -10.94
CA TRP F 390 -18.96 -2.98 -9.50
C TRP F 390 -19.81 -1.78 -9.11
N GLN F 391 -20.51 -1.16 -10.07
CA GLN F 391 -21.37 0.02 -9.84
C GLN F 391 -20.61 1.18 -9.22
N ARG F 392 -19.30 1.22 -9.44
CA ARG F 392 -18.44 2.26 -8.90
C ARG F 392 -18.17 3.33 -9.96
N ILE F 393 -17.82 4.52 -9.48
CA ILE F 393 -17.51 5.66 -10.31
C ILE F 393 -16.06 6.04 -10.05
N GLY F 394 -15.29 6.21 -11.13
CA GLY F 394 -13.89 6.57 -11.02
C GLY F 394 -12.92 5.43 -11.25
N GLN F 395 -13.40 4.21 -11.47
CA GLN F 395 -12.53 3.05 -11.72
C GLN F 395 -13.25 2.13 -12.70
N CYS F 396 -12.65 1.94 -13.88
CA CYS F 396 -13.22 1.08 -14.90
C CYS F 396 -12.24 0.02 -15.35
N MET F 397 -12.56 -0.70 -16.43
CA MET F 397 -11.69 -1.73 -16.96
C MET F 397 -11.97 -1.93 -18.43
N TYR F 398 -10.92 -1.97 -19.24
CA TYR F 398 -11.03 -2.15 -20.69
C TYR F 398 -10.76 -3.61 -21.03
N ALA F 399 -11.79 -4.34 -21.43
CA ALA F 399 -11.61 -5.74 -21.79
C ALA F 399 -11.09 -5.83 -23.23
N PRO F 400 -9.89 -6.36 -23.45
CA PRO F 400 -9.35 -6.45 -24.81
C PRO F 400 -10.06 -7.54 -25.61
N PRO F 401 -10.08 -7.44 -26.94
CA PRO F 401 -10.73 -8.48 -27.74
C PRO F 401 -9.92 -9.77 -27.73
N ILE F 402 -10.60 -10.86 -28.03
CA ILE F 402 -10.00 -12.19 -28.07
C ILE F 402 -10.18 -12.79 -29.46
N GLN F 403 -9.21 -13.62 -29.85
CA GLN F 403 -9.26 -14.24 -31.17
C GLN F 403 -10.34 -15.32 -31.21
N GLY F 404 -10.79 -15.62 -32.42
CA GLY F 404 -11.79 -16.65 -32.64
C GLY F 404 -13.19 -16.39 -32.12
N VAL F 405 -14.13 -17.23 -32.55
CA VAL F 405 -15.51 -17.14 -32.14
C VAL F 405 -15.64 -17.62 -30.69
N ILE F 406 -16.61 -17.07 -29.96
CA ILE F 406 -16.86 -17.41 -28.57
C ILE F 406 -18.08 -18.33 -28.53
N ARG F 407 -17.99 -19.40 -27.73
CA ARG F 407 -19.09 -20.35 -27.56
C ARG F 407 -19.16 -20.53 -26.05
N CYS F 408 -19.94 -19.66 -25.40
CA CYS F 408 -20.08 -19.68 -23.95
C CYS F 408 -21.33 -20.49 -23.59
N VAL F 409 -21.11 -21.75 -23.20
CA VAL F 409 -22.19 -22.66 -22.82
C VAL F 409 -22.22 -22.67 -21.30
N SER F 410 -23.38 -22.38 -20.73
CA SER F 410 -23.54 -22.35 -19.28
C SER F 410 -24.96 -22.75 -18.95
N ASN F 411 -25.28 -22.78 -17.66
CA ASN F 411 -26.64 -23.13 -17.27
C ASN F 411 -27.10 -22.19 -16.17
N ILE F 412 -28.37 -21.83 -16.22
CA ILE F 412 -28.97 -20.93 -15.25
C ILE F 412 -29.46 -21.79 -14.10
N THR F 413 -29.20 -21.31 -12.86
CA THR F 413 -29.59 -21.98 -11.63
C THR F 413 -30.39 -21.09 -10.69
N GLY F 414 -30.71 -19.86 -11.07
CA GLY F 414 -31.46 -18.99 -10.20
C GLY F 414 -31.77 -17.66 -10.85
N LEU F 415 -32.56 -16.86 -10.14
CA LEU F 415 -32.96 -15.54 -10.62
C LEU F 415 -33.02 -14.56 -9.46
N ILE F 416 -33.07 -13.28 -9.83
CA ILE F 416 -33.16 -12.17 -8.88
C ILE F 416 -34.35 -11.35 -9.36
N LEU F 417 -35.52 -11.60 -8.78
CA LEU F 417 -36.75 -10.92 -9.15
C LEU F 417 -37.07 -9.80 -8.17
N THR F 418 -37.90 -8.87 -8.63
CA THR F 418 -38.35 -7.73 -7.84
C THR F 418 -39.83 -7.55 -8.11
N ARG F 419 -40.61 -7.40 -7.05
CA ARG F 419 -42.05 -7.22 -7.15
C ARG F 419 -42.40 -5.74 -7.06
N ASP F 420 -43.27 -5.29 -7.94
CA ASP F 420 -43.71 -3.90 -7.96
C ASP F 420 -44.67 -3.64 -6.79
N GLY F 421 -45.18 -2.40 -6.73
CA GLY F 421 -46.11 -2.03 -5.66
C GLY F 421 -47.37 -2.86 -5.68
N GLY F 422 -48.00 -3.00 -6.85
CA GLY F 422 -49.20 -3.78 -7.00
C GLY F 422 -50.49 -3.11 -6.57
N SER F 423 -50.43 -2.07 -5.74
CA SER F 423 -51.59 -1.32 -5.23
C SER F 423 -52.52 -2.23 -4.43
N THR F 424 -53.76 -1.78 -4.20
CA THR F 424 -54.72 -2.58 -3.45
C THR F 424 -55.24 -3.79 -4.23
N ASN F 425 -54.93 -3.88 -5.53
CA ASN F 425 -55.37 -4.99 -6.36
C ASN F 425 -54.55 -6.23 -6.02
N SER F 426 -54.97 -6.97 -4.99
CA SER F 426 -54.25 -8.17 -4.58
C SER F 426 -54.51 -9.36 -5.49
N THR F 427 -55.43 -9.24 -6.44
CA THR F 427 -55.75 -10.33 -7.35
C THR F 427 -54.64 -10.62 -8.36
N THR F 428 -53.66 -9.74 -8.50
CA THR F 428 -52.58 -9.96 -9.45
C THR F 428 -51.28 -9.36 -8.92
N GLU F 429 -50.17 -10.00 -9.30
CA GLU F 429 -48.84 -9.57 -8.90
C GLU F 429 -47.92 -9.62 -10.11
N THR F 430 -47.01 -8.66 -10.20
CA THR F 430 -46.07 -8.57 -11.31
C THR F 430 -44.63 -8.61 -10.81
N PHE F 431 -43.79 -9.34 -11.53
CA PHE F 431 -42.38 -9.51 -11.20
C PHE F 431 -41.52 -9.08 -12.38
N ARG F 432 -40.41 -8.43 -12.08
CA ARG F 432 -39.46 -7.94 -13.07
C ARG F 432 -38.06 -8.31 -12.60
N PRO F 433 -37.09 -8.43 -13.51
CA PRO F 433 -35.74 -8.75 -13.06
C PRO F 433 -35.15 -7.64 -12.21
N GLY F 434 -34.27 -8.00 -11.29
CA GLY F 434 -33.66 -7.04 -10.39
C GLY F 434 -32.14 -7.12 -10.39
N GLY F 435 -31.57 -6.23 -9.57
CA GLY F 435 -30.14 -6.11 -9.40
C GLY F 435 -29.82 -5.03 -8.38
N GLY F 436 -28.79 -4.24 -8.65
CA GLY F 436 -28.37 -3.16 -7.79
C GLY F 436 -27.50 -3.55 -6.61
N ASP F 437 -27.34 -4.85 -6.34
CA ASP F 437 -26.51 -5.31 -5.24
C ASP F 437 -25.86 -6.60 -5.72
N MET F 438 -24.53 -6.60 -5.81
CA MET F 438 -23.81 -7.80 -6.33
C MET F 438 -23.77 -8.88 -5.24
N ARG F 439 -23.90 -8.50 -3.97
CA ARG F 439 -23.77 -9.48 -2.91
C ARG F 439 -24.83 -10.57 -3.01
N ASP F 440 -26.00 -10.24 -3.58
CA ASP F 440 -27.07 -11.22 -3.72
C ASP F 440 -26.62 -12.37 -4.60
N ASN F 441 -25.71 -12.10 -5.54
CA ASN F 441 -25.21 -13.13 -6.44
C ASN F 441 -24.50 -14.20 -5.62
N TRP F 442 -23.62 -13.78 -4.73
CA TRP F 442 -22.93 -14.75 -3.91
C TRP F 442 -23.76 -15.16 -2.70
N ARG F 443 -24.83 -14.40 -2.40
CA ARG F 443 -25.66 -14.76 -1.25
C ARG F 443 -26.36 -16.09 -1.45
N SER F 444 -26.67 -16.44 -2.70
CA SER F 444 -27.32 -17.70 -3.02
C SER F 444 -26.42 -18.92 -2.81
N GLU F 445 -25.12 -18.71 -2.62
CA GLU F 445 -24.17 -19.80 -2.41
C GLU F 445 -23.74 -19.94 -0.96
N LEU F 446 -23.78 -18.85 -0.19
CA LEU F 446 -23.39 -18.83 1.21
C LEU F 446 -24.58 -18.91 2.15
N TYR F 447 -25.75 -19.31 1.66
CA TYR F 447 -26.91 -19.39 2.55
C TYR F 447 -26.86 -20.59 3.48
N LYS F 448 -26.02 -21.58 3.19
CA LYS F 448 -25.93 -22.75 4.04
C LYS F 448 -24.87 -22.62 5.12
N TYR F 449 -23.95 -21.69 5.00
CA TYR F 449 -22.87 -21.55 5.95
C TYR F 449 -23.06 -20.37 6.90
N LYS F 450 -22.30 -20.41 7.99
CA LYS F 450 -22.27 -19.43 9.06
C LYS F 450 -21.05 -19.73 9.93
N VAL F 451 -20.30 -18.70 10.29
CA VAL F 451 -19.11 -18.86 11.11
C VAL F 451 -19.47 -18.60 12.57
N VAL F 452 -18.83 -19.36 13.47
CA VAL F 452 -19.07 -19.25 14.92
C VAL F 452 -17.76 -19.40 15.66
N LYS F 453 -17.76 -18.86 16.88
CA LYS F 453 -16.63 -18.88 17.80
C LYS F 453 -16.77 -20.05 18.77
N ILE F 454 -15.73 -20.86 18.86
CA ILE F 454 -15.74 -22.01 19.76
C ILE F 454 -15.40 -21.51 21.16
N GLU F 455 -16.22 -21.88 22.15
CA GLU F 455 -16.05 -21.49 23.54
C GLU F 455 -15.65 -22.72 24.36
N PRO F 456 -14.38 -23.11 24.36
CA PRO F 456 -13.96 -24.31 25.11
C PRO F 456 -14.13 -24.22 26.63
N LEU F 457 -14.14 -23.03 27.21
CA LEU F 457 -14.29 -22.92 28.65
C LEU F 457 -15.74 -23.10 29.09
N GLY F 458 -15.93 -23.86 30.15
CA GLY F 458 -17.27 -24.10 30.68
C GLY F 458 -17.21 -24.41 32.15
N VAL F 459 -18.28 -24.08 32.88
CA VAL F 459 -18.35 -24.31 34.32
C VAL F 459 -19.65 -25.03 34.63
N ALA F 460 -19.56 -26.06 35.47
CA ALA F 460 -20.74 -26.83 35.85
C ALA F 460 -20.55 -27.36 37.26
N PRO F 461 -21.63 -27.62 38.00
CA PRO F 461 -21.45 -28.13 39.36
C PRO F 461 -21.17 -29.62 39.38
N THR F 462 -20.48 -30.05 40.42
CA THR F 462 -20.11 -31.46 40.64
C THR F 462 -19.82 -31.57 42.13
N ARG F 463 -19.87 -32.79 42.66
CA ARG F 463 -19.61 -33.03 44.07
C ARG F 463 -18.14 -33.08 44.44
N CYS F 464 -17.24 -33.02 43.45
CA CYS F 464 -15.81 -33.08 43.76
C CYS F 464 -15.27 -31.73 44.23
N LYS F 465 -14.08 -31.78 44.83
CA LYS F 465 -13.38 -30.61 45.35
C LYS F 465 -11.90 -30.94 45.42
N ARG F 466 -11.07 -29.90 45.50
CA ARG F 466 -9.64 -30.10 45.55
C ARG F 466 -9.21 -30.64 46.91
N ARG F 467 -8.05 -31.29 46.91
CA ARG F 467 -7.45 -31.87 48.11
C ARG F 467 -6.16 -31.15 48.44
N VAL F 468 -6.06 -30.66 49.67
CA VAL F 468 -4.88 -29.94 50.12
C VAL F 468 -3.70 -30.89 50.28
N LEU G 1 -16.69 -40.26 16.92
CA LEU G 1 -17.10 -38.88 16.71
C LEU G 1 -15.91 -38.03 16.28
N GLY G 2 -16.18 -36.78 15.87
CA GLY G 2 -15.16 -35.86 15.44
C GLY G 2 -15.33 -34.51 16.09
N PHE G 3 -14.86 -33.48 15.39
CA PHE G 3 -14.94 -32.11 15.87
C PHE G 3 -16.40 -31.69 16.01
N LEU G 4 -16.77 -31.25 17.23
CA LEU G 4 -18.12 -30.82 17.61
C LEU G 4 -19.17 -31.91 17.44
N GLY G 5 -18.74 -33.18 17.34
CA GLY G 5 -19.69 -34.27 17.17
C GLY G 5 -20.65 -34.43 18.33
N ALA G 6 -20.17 -34.17 19.55
CA ALA G 6 -20.97 -34.29 20.75
C ALA G 6 -21.75 -33.03 21.10
N ALA G 7 -22.01 -32.15 20.13
CA ALA G 7 -22.74 -30.92 20.40
C ALA G 7 -24.18 -31.21 20.84
N GLY G 8 -24.83 -32.16 20.20
CA GLY G 8 -26.20 -32.49 20.53
C GLY G 8 -26.34 -33.51 21.64
N SER G 9 -25.27 -34.26 21.89
CA SER G 9 -25.30 -35.27 22.95
C SER G 9 -25.36 -34.60 24.31
N THR G 10 -25.63 -35.41 25.32
CA THR G 10 -25.73 -34.93 26.69
C THR G 10 -24.36 -34.46 27.21
N MET G 11 -24.39 -33.71 28.32
CA MET G 11 -23.17 -33.17 28.94
C MET G 11 -22.24 -34.29 29.38
N GLY G 12 -22.82 -35.32 29.99
CA GLY G 12 -22.03 -36.45 30.45
C GLY G 12 -21.36 -37.17 29.30
N ALA G 13 -22.10 -37.41 28.22
CA ALA G 13 -21.52 -38.08 27.06
C ALA G 13 -20.51 -37.19 26.36
N ALA G 14 -20.71 -35.87 26.39
CA ALA G 14 -19.79 -34.96 25.75
C ALA G 14 -18.52 -34.73 26.57
N SER G 15 -18.46 -35.20 27.82
CA SER G 15 -17.24 -34.98 28.60
C SER G 15 -16.05 -35.86 28.22
N MET G 16 -16.31 -36.96 27.49
CA MET G 16 -15.23 -37.92 27.17
C MET G 16 -14.53 -37.55 25.85
N THR G 17 -15.05 -36.57 25.11
CA THR G 17 -14.51 -36.18 23.81
C THR G 17 -13.99 -34.75 23.76
N LEU G 18 -13.50 -34.22 24.88
CA LEU G 18 -12.99 -32.86 24.95
C LEU G 18 -11.61 -32.69 24.32
N THR G 19 -10.90 -33.80 24.07
CA THR G 19 -9.55 -33.72 23.53
C THR G 19 -9.53 -33.39 22.05
N VAL G 20 -10.49 -33.90 21.25
CA VAL G 20 -10.48 -33.59 19.82
C VAL G 20 -10.69 -32.10 19.62
N GLN G 21 -11.63 -31.51 20.37
CA GLN G 21 -11.87 -30.07 20.25
C GLN G 21 -10.64 -29.31 20.72
N ALA G 22 -10.00 -29.77 21.82
CA ALA G 22 -8.81 -29.09 22.30
C ALA G 22 -7.71 -29.10 21.25
N ARG G 23 -7.52 -30.25 20.59
CA ARG G 23 -6.52 -30.35 19.53
C ARG G 23 -6.88 -29.49 18.33
N ASN G 24 -8.17 -29.22 18.14
CA ASN G 24 -8.63 -28.42 17.02
C ASN G 24 -8.72 -26.93 17.34
N LEU G 25 -8.40 -26.53 18.57
CA LEU G 25 -8.44 -25.11 18.92
C LEU G 25 -7.17 -24.37 18.50
N LEU G 26 -6.20 -25.07 17.92
CA LEU G 26 -4.96 -24.46 17.49
C LEU G 26 -4.49 -25.07 16.17
N LEU G 49 -3.20 -12.57 -3.77
CA LEU G 49 -1.82 -12.79 -3.35
C LEU G 49 -1.60 -12.16 -1.97
N THR G 50 -1.54 -10.83 -1.95
CA THR G 50 -1.34 -10.12 -0.69
C THR G 50 -2.60 -10.17 0.17
N VAL G 51 -3.78 -10.22 -0.47
CA VAL G 51 -5.05 -10.27 0.24
C VAL G 51 -5.15 -11.56 1.06
N TRP G 52 -4.88 -12.70 0.42
CA TRP G 52 -4.94 -13.96 1.15
C TRP G 52 -3.81 -14.08 2.14
N GLY G 53 -2.67 -13.45 1.85
CA GLY G 53 -1.54 -13.50 2.76
C GLY G 53 -1.84 -12.81 4.07
N ILE G 54 -2.40 -11.59 3.98
CA ILE G 54 -2.73 -10.87 5.20
C ILE G 54 -3.91 -11.52 5.91
N LYS G 55 -4.89 -12.06 5.16
CA LYS G 55 -6.04 -12.72 5.78
C LYS G 55 -5.58 -13.94 6.58
N GLN G 56 -4.64 -14.71 6.01
CA GLN G 56 -4.12 -15.89 6.67
C GLN G 56 -3.29 -15.53 7.90
N LEU G 57 -2.41 -14.53 7.78
CA LEU G 57 -1.58 -14.14 8.90
C LEU G 57 -2.44 -13.60 10.05
N GLN G 58 -3.40 -12.74 9.73
CA GLN G 58 -4.30 -12.17 10.74
C GLN G 58 -5.11 -13.26 11.42
N ALA G 59 -5.63 -14.22 10.63
CA ALA G 59 -6.41 -15.31 11.21
C ALA G 59 -5.56 -16.17 12.14
N ARG G 60 -4.31 -16.46 11.74
CA ARG G 60 -3.41 -17.25 12.59
C ARG G 60 -3.10 -16.53 13.89
N VAL G 61 -2.83 -15.22 13.81
CA VAL G 61 -2.54 -14.43 15.01
C VAL G 61 -3.75 -14.42 15.94
N LEU G 62 -4.95 -14.25 15.38
CA LEU G 62 -6.18 -14.22 16.18
C LEU G 62 -6.39 -15.56 16.90
N ALA G 63 -6.18 -16.67 16.19
CA ALA G 63 -6.34 -18.00 16.79
C ALA G 63 -5.33 -18.21 17.91
N VAL G 64 -4.08 -17.81 17.69
CA VAL G 64 -3.03 -17.96 18.70
C VAL G 64 -3.37 -17.13 19.94
N GLU G 65 -3.84 -15.90 19.75
CA GLU G 65 -4.20 -15.04 20.88
C GLU G 65 -5.37 -15.62 21.66
N ARG G 66 -6.38 -16.17 20.97
CA ARG G 66 -7.52 -16.76 21.67
C ARG G 66 -7.08 -17.96 22.50
N TYR G 67 -6.26 -18.83 21.91
CA TYR G 67 -5.77 -20.01 22.63
C TYR G 67 -4.94 -19.61 23.84
N LEU G 68 -4.07 -18.60 23.69
CA LEU G 68 -3.24 -18.16 24.81
C LEU G 68 -4.08 -17.53 25.91
N ARG G 69 -5.15 -16.82 25.52
CA ARG G 69 -6.02 -16.17 26.53
C ARG G 69 -6.71 -17.26 27.33
N ASP G 70 -7.21 -18.29 26.64
CA ASP G 70 -7.88 -19.39 27.33
C ASP G 70 -6.92 -20.15 28.24
N GLN G 71 -5.70 -20.41 27.75
CA GLN G 71 -4.69 -21.11 28.54
C GLN G 71 -4.29 -20.31 29.77
N GLN G 72 -4.11 -18.99 29.61
CA GLN G 72 -3.74 -18.14 30.74
C GLN G 72 -4.85 -18.12 31.77
N LEU G 73 -6.10 -18.04 31.29
CA LEU G 73 -7.25 -18.03 32.18
C LEU G 73 -7.31 -19.34 32.97
N LEU G 74 -6.99 -20.45 32.32
CA LEU G 74 -6.97 -21.74 33.02
C LEU G 74 -5.81 -21.82 34.00
N GLY G 75 -4.67 -21.24 33.62
CA GLY G 75 -3.50 -21.26 34.47
C GLY G 75 -3.68 -20.49 35.77
N ILE G 76 -4.30 -19.31 35.68
CA ILE G 76 -4.53 -18.50 36.87
C ILE G 76 -5.56 -19.11 37.82
N TRP G 77 -6.22 -20.20 37.41
CA TRP G 77 -7.19 -20.90 38.24
C TRP G 77 -6.60 -22.14 38.89
N GLY G 78 -5.39 -22.53 38.51
CA GLY G 78 -4.75 -23.71 39.08
C GLY G 78 -5.08 -24.99 38.36
N CYS G 79 -5.62 -24.92 37.14
CA CYS G 79 -5.99 -26.10 36.36
C CYS G 79 -5.20 -26.19 35.07
N SER G 80 -3.95 -25.71 35.07
CA SER G 80 -3.12 -25.76 33.87
C SER G 80 -2.81 -27.20 33.49
N GLY G 81 -2.90 -27.49 32.20
CA GLY G 81 -2.62 -28.82 31.70
C GLY G 81 -3.59 -29.88 32.16
N LYS G 82 -4.86 -29.52 32.36
CA LYS G 82 -5.88 -30.47 32.81
C LYS G 82 -7.20 -30.11 32.15
N LEU G 83 -7.78 -31.09 31.43
CA LEU G 83 -9.06 -30.86 30.76
C LEU G 83 -10.19 -30.74 31.76
N ILE G 84 -10.17 -31.53 32.82
CA ILE G 84 -11.19 -31.53 33.86
C ILE G 84 -10.48 -31.29 35.19
N CYS G 85 -11.00 -30.34 35.96
CA CYS G 85 -10.38 -30.01 37.24
C CYS G 85 -11.46 -29.63 38.25
N CYS G 86 -11.18 -29.94 39.52
CA CYS G 86 -12.09 -29.61 40.59
C CYS G 86 -11.63 -28.29 41.19
N THR G 87 -12.57 -27.55 41.80
CA THR G 87 -12.25 -26.27 42.41
C THR G 87 -12.92 -26.17 43.77
N ASN G 88 -12.39 -25.29 44.62
CA ASN G 88 -12.90 -25.08 45.96
C ASN G 88 -13.91 -23.94 46.04
N VAL G 89 -14.47 -23.52 44.91
CA VAL G 89 -15.46 -22.45 44.87
C VAL G 89 -16.83 -23.10 45.03
N PRO G 90 -17.57 -22.82 46.10
CA PRO G 90 -18.89 -23.43 46.28
C PRO G 90 -19.86 -22.97 45.20
N TRP G 91 -20.78 -23.86 44.84
CA TRP G 91 -21.76 -23.54 43.82
C TRP G 91 -22.93 -22.80 44.46
N ASN G 92 -23.13 -21.55 44.05
CA ASN G 92 -24.20 -20.74 44.60
C ASN G 92 -25.49 -21.11 43.88
N SER G 93 -26.55 -21.33 44.68
CA SER G 93 -27.85 -21.68 44.13
C SER G 93 -28.49 -20.57 43.30
N SER G 94 -28.03 -19.31 43.47
CA SER G 94 -28.59 -18.19 42.72
C SER G 94 -28.40 -18.35 41.22
N TRP G 95 -27.31 -18.97 40.81
CA TRP G 95 -27.03 -19.19 39.39
C TRP G 95 -28.07 -20.11 38.76
N SER G 96 -28.47 -21.17 39.47
CA SER G 96 -29.45 -22.13 38.95
C SER G 96 -30.02 -22.97 40.10
N ASN G 97 -31.35 -23.04 40.20
CA ASN G 97 -31.98 -23.84 41.26
C ASN G 97 -32.34 -25.22 40.70
N ARG G 98 -31.31 -25.94 40.25
CA ARG G 98 -31.48 -27.28 39.67
C ARG G 98 -30.30 -28.15 40.09
N ASN G 99 -30.55 -29.45 40.19
CA ASN G 99 -29.56 -30.43 40.59
C ASN G 99 -29.04 -31.26 39.41
N LEU G 100 -27.92 -31.96 39.67
CA LEU G 100 -27.17 -32.78 38.72
C LEU G 100 -27.98 -33.81 37.93
N SER G 101 -29.16 -34.23 38.40
CA SER G 101 -29.93 -35.26 37.68
C SER G 101 -30.33 -34.81 36.27
N GLU G 102 -30.86 -33.60 36.13
CA GLU G 102 -31.27 -33.11 34.82
C GLU G 102 -30.19 -32.34 34.09
N ILE G 103 -29.04 -32.10 34.73
CA ILE G 103 -27.97 -31.36 34.07
C ILE G 103 -27.02 -32.30 33.36
N TRP G 104 -26.59 -33.37 34.02
CA TRP G 104 -25.66 -34.32 33.44
C TRP G 104 -26.35 -35.47 32.71
N ASP G 105 -27.68 -35.47 32.63
CA ASP G 105 -28.37 -36.55 31.94
C ASP G 105 -29.49 -36.11 31.01
N ASN G 106 -30.01 -34.89 31.10
CA ASN G 106 -31.10 -34.40 30.25
C ASN G 106 -30.82 -32.98 29.76
N MET G 107 -29.60 -32.71 29.30
CA MET G 107 -29.22 -31.37 28.83
C MET G 107 -27.92 -31.42 28.05
N THR G 108 -27.72 -30.42 27.18
CA THR G 108 -26.53 -30.27 26.36
C THR G 108 -25.79 -29.01 26.82
N TRP G 109 -24.51 -28.92 26.41
CA TRP G 109 -23.66 -27.79 26.80
C TRP G 109 -24.12 -26.46 26.23
N LEU G 110 -24.84 -26.47 25.10
CA LEU G 110 -25.31 -25.25 24.45
C LEU G 110 -26.25 -24.44 25.35
N GLN G 111 -27.42 -25.02 25.69
CA GLN G 111 -28.38 -24.33 26.54
C GLN G 111 -27.80 -24.04 27.92
N TRP G 112 -26.86 -24.87 28.37
CA TRP G 112 -26.22 -24.64 29.67
C TRP G 112 -25.47 -23.31 29.62
N ASP G 113 -24.74 -23.06 28.52
CA ASP G 113 -24.03 -21.79 28.38
C ASP G 113 -25.02 -20.64 28.21
N LYS G 114 -26.13 -20.89 27.51
CA LYS G 114 -27.14 -19.83 27.29
C LYS G 114 -27.68 -19.37 28.66
N GLU G 115 -27.96 -20.32 29.55
CA GLU G 115 -28.52 -20.00 30.86
C GLU G 115 -27.50 -19.30 31.75
N ILE G 116 -26.21 -19.38 31.42
CA ILE G 116 -25.12 -18.79 32.19
C ILE G 116 -24.40 -17.76 31.32
N SER G 117 -25.15 -17.03 30.48
CA SER G 117 -24.52 -16.04 29.61
C SER G 117 -23.80 -14.94 30.39
N ASN G 118 -24.42 -14.44 31.46
CA ASN G 118 -23.87 -13.37 32.30
C ASN G 118 -23.22 -13.81 33.61
N TYR G 119 -23.63 -14.93 34.22
CA TYR G 119 -23.03 -15.34 35.49
C TYR G 119 -21.57 -15.83 35.43
N THR G 120 -20.97 -16.03 34.24
CA THR G 120 -19.58 -16.50 34.17
C THR G 120 -18.57 -15.56 34.79
N GLN G 121 -18.78 -14.24 34.70
CA GLN G 121 -17.81 -13.30 35.26
C GLN G 121 -17.65 -13.43 36.78
N ILE G 122 -18.75 -13.57 37.52
CA ILE G 122 -18.65 -13.72 38.97
C ILE G 122 -17.92 -15.02 39.32
N ILE G 123 -18.23 -16.10 38.59
CA ILE G 123 -17.57 -17.39 38.82
C ILE G 123 -16.09 -17.29 38.52
N TYR G 124 -15.73 -16.56 37.45
CA TYR G 124 -14.32 -16.39 37.08
C TYR G 124 -13.57 -15.65 38.18
N GLY G 125 -14.17 -14.57 38.70
CA GLY G 125 -13.55 -13.81 39.77
C GLY G 125 -13.37 -14.65 41.02
N LEU G 126 -14.39 -15.43 41.37
CA LEU G 126 -14.32 -16.31 42.54
C LEU G 126 -13.22 -17.35 42.37
N LEU G 127 -13.10 -17.91 41.16
CA LEU G 127 -12.06 -18.90 40.90
C LEU G 127 -10.68 -18.29 41.03
N GLU G 128 -10.53 -17.05 40.54
CA GLU G 128 -9.24 -16.35 40.63
C GLU G 128 -8.83 -16.13 42.07
N GLU G 129 -9.75 -15.57 42.88
CA GLU G 129 -9.45 -15.30 44.29
C GLU G 129 -9.21 -16.60 45.05
N SER G 130 -9.98 -17.66 44.74
CA SER G 130 -9.81 -18.93 45.42
C SER G 130 -8.45 -19.54 45.11
N GLN G 131 -8.02 -19.49 43.84
CA GLN G 131 -6.72 -20.04 43.49
C GLN G 131 -5.58 -19.25 44.14
N ASN G 132 -5.70 -17.92 44.16
CA ASN G 132 -4.65 -17.10 44.78
C ASN G 132 -4.56 -17.38 46.28
N GLN G 133 -5.71 -17.46 46.96
CA GLN G 133 -5.74 -17.75 48.38
C GLN G 133 -5.19 -19.14 48.66
N GLN G 134 -5.53 -20.11 47.80
CA GLN G 134 -5.06 -21.48 47.94
C GLN G 134 -3.55 -21.56 47.76
N GLU G 135 -3.03 -20.81 46.79
CA GLU G 135 -1.59 -20.78 46.52
C GLU G 135 -0.84 -20.22 47.72
N LYS G 136 -1.35 -19.12 48.29
CA LYS G 136 -0.70 -18.52 49.46
C LYS G 136 -0.76 -19.47 50.65
N ASN G 137 -1.91 -20.13 50.84
CA ASN G 137 -2.07 -21.08 51.94
C ASN G 137 -1.13 -22.27 51.77
N GLU G 138 -0.99 -22.77 50.54
CA GLU G 138 -0.09 -23.89 50.29
C GLU G 138 1.35 -23.50 50.57
N GLN G 139 1.73 -22.28 50.17
CA GLN G 139 3.09 -21.80 50.43
C GLN G 139 3.33 -21.69 51.93
N ASP G 140 2.35 -21.15 52.66
CA ASP G 140 2.46 -21.02 54.11
C ASP G 140 2.56 -22.40 54.77
N LEU G 141 1.71 -23.35 54.33
CA LEU G 141 1.72 -24.70 54.89
C LEU G 141 3.08 -25.35 54.67
N LEU G 142 3.65 -25.16 53.48
CA LEU G 142 4.97 -25.70 53.19
C LEU G 142 6.02 -25.00 54.07
N ALA G 143 5.79 -23.72 54.38
CA ALA G 143 6.73 -22.98 55.23
C ALA G 143 6.74 -23.51 56.65
N LEU G 144 5.57 -23.83 57.25
CA LEU G 144 5.58 -24.35 58.62
C LEU G 144 6.29 -25.70 58.71
N ASP G 145 6.06 -26.58 57.74
CA ASP G 145 6.69 -27.89 57.71
C ASP G 145 8.18 -27.78 57.46
N ASP H 1 -13.14 30.79 -51.56
CA ASP H 1 -13.63 31.84 -50.69
C ASP H 1 -15.15 31.90 -50.72
N ILE H 2 -15.76 32.20 -49.57
CA ILE H 2 -17.21 32.29 -49.44
C ILE H 2 -17.56 33.77 -49.67
N GLN H 3 -17.87 34.10 -50.93
CA GLN H 3 -18.23 35.47 -51.25
C GLN H 3 -19.60 35.80 -50.69
N MET H 4 -19.79 37.06 -50.31
CA MET H 4 -21.04 37.52 -49.74
C MET H 4 -21.63 38.62 -50.60
N THR H 5 -22.95 38.60 -50.80
CA THR H 5 -23.64 39.60 -51.60
C THR H 5 -24.70 40.31 -50.75
N GLN H 6 -24.67 41.64 -50.76
CA GLN H 6 -25.61 42.47 -50.00
C GLN H 6 -26.50 43.27 -50.94
N SER H 7 -27.78 43.40 -50.59
CA SER H 7 -28.75 44.14 -51.39
C SER H 7 -29.90 44.70 -50.55
N PRO H 8 -30.40 45.91 -50.87
CA PRO H 8 -30.00 46.84 -51.94
C PRO H 8 -28.72 47.62 -51.63
N SER H 9 -27.98 48.06 -52.65
CA SER H 9 -26.75 48.82 -52.44
C SER H 9 -26.99 50.21 -51.85
N SER H 10 -28.23 50.70 -51.89
CA SER H 10 -28.59 52.00 -51.35
C SER H 10 -30.09 52.04 -51.20
N LEU H 11 -30.56 52.70 -50.15
CA LEU H 11 -31.99 52.79 -49.89
C LEU H 11 -32.27 54.14 -49.25
N SER H 12 -33.35 54.77 -49.69
CA SER H 12 -33.77 56.07 -49.17
C SER H 12 -35.09 55.88 -48.42
N ALA H 13 -35.13 56.34 -47.18
CA ALA H 13 -36.32 56.22 -46.35
C ALA H 13 -36.43 57.42 -45.42
N SER H 14 -37.64 57.63 -44.92
CA SER H 14 -37.94 58.73 -44.02
C SER H 14 -37.79 58.29 -42.57
N VAL H 15 -37.84 59.27 -41.67
CA VAL H 15 -37.71 59.01 -40.23
C VAL H 15 -38.89 58.19 -39.74
N GLY H 16 -38.60 57.12 -39.00
CA GLY H 16 -39.62 56.25 -38.46
C GLY H 16 -40.10 55.16 -39.39
N ASP H 17 -39.61 55.12 -40.62
CA ASP H 17 -40.02 54.11 -41.59
C ASP H 17 -39.20 52.84 -41.44
N LYS H 18 -39.88 51.71 -41.59
CA LYS H 18 -39.23 50.39 -41.48
C LYS H 18 -38.25 50.22 -42.63
N VAL H 19 -37.09 49.66 -42.32
CA VAL H 19 -36.04 49.42 -43.31
C VAL H 19 -35.61 47.95 -43.22
N THR H 20 -35.41 47.32 -44.37
CA THR H 20 -35.00 45.93 -44.42
C THR H 20 -33.81 45.83 -45.37
N ILE H 21 -32.76 45.17 -44.90
CA ILE H 21 -31.53 44.96 -45.66
C ILE H 21 -31.29 43.47 -45.71
N THR H 22 -30.98 42.92 -46.88
CA THR H 22 -30.79 41.47 -46.97
C THR H 22 -29.43 41.16 -47.61
N CYS H 23 -28.84 40.03 -47.20
CA CYS H 23 -27.56 39.64 -47.76
C CYS H 23 -27.44 38.12 -47.74
N GLN H 24 -27.06 37.58 -48.91
CA GLN H 24 -26.91 36.16 -49.15
C GLN H 24 -25.45 35.74 -49.17
N ALA H 25 -25.24 34.45 -48.94
CA ALA H 25 -23.93 33.82 -48.93
C ALA H 25 -23.83 32.85 -50.09
N SER H 26 -22.65 32.78 -50.72
CA SER H 26 -22.46 31.86 -51.85
C SER H 26 -22.56 30.39 -51.42
N GLN H 27 -22.30 30.08 -50.14
CA GLN H 27 -22.35 28.73 -49.59
C GLN H 27 -22.99 28.82 -48.21
N SER H 28 -23.50 27.69 -47.72
CA SER H 28 -24.13 27.65 -46.41
C SER H 28 -23.13 27.96 -45.31
N ILE H 29 -23.49 28.89 -44.43
CA ILE H 29 -22.63 29.30 -43.32
C ILE H 29 -23.40 29.15 -42.01
N ASN H 30 -24.45 28.33 -42.03
CA ASN H 30 -25.32 28.05 -40.88
C ASN H 30 -25.91 29.35 -40.35
N THR H 31 -25.34 29.85 -39.25
CA THR H 31 -25.82 31.09 -38.65
C THR H 31 -24.70 31.97 -38.12
N TRP H 32 -23.44 31.68 -38.48
CA TRP H 32 -22.30 32.46 -38.00
C TRP H 32 -22.13 33.71 -38.88
N LEU H 33 -22.92 34.73 -38.57
CA LEU H 33 -22.88 35.99 -39.29
C LEU H 33 -23.20 37.10 -38.29
N ALA H 34 -22.55 38.24 -38.46
CA ALA H 34 -22.74 39.39 -37.59
C ALA H 34 -22.90 40.65 -38.44
N TRP H 35 -23.75 41.56 -37.98
CA TRP H 35 -24.02 42.80 -38.69
C TRP H 35 -23.26 43.96 -38.05
N PHE H 36 -23.04 45.02 -38.83
CA PHE H 36 -22.32 46.17 -38.33
C PHE H 36 -22.91 47.45 -38.90
N GLN H 37 -22.50 48.57 -38.31
CA GLN H 37 -22.95 49.91 -38.69
C GLN H 37 -21.77 50.87 -38.58
N ARG H 38 -21.42 51.51 -39.69
CA ARG H 38 -20.33 52.47 -39.79
C ARG H 38 -20.88 53.84 -40.14
N LYS H 39 -20.81 54.77 -39.17
CA LYS H 39 -21.26 56.13 -39.38
C LYS H 39 -20.24 56.83 -40.29
N PRO H 40 -20.60 57.95 -40.95
CA PRO H 40 -19.61 58.62 -41.81
C PRO H 40 -18.41 59.16 -41.05
N GLY H 41 -17.24 58.54 -41.28
CA GLY H 41 -16.00 58.95 -40.66
C GLY H 41 -15.66 58.27 -39.34
N LYS H 42 -16.63 57.66 -38.67
CA LYS H 42 -16.38 57.00 -37.40
C LYS H 42 -16.20 55.49 -37.61
N ALA H 43 -15.67 54.85 -36.57
CA ALA H 43 -15.42 53.41 -36.62
C ALA H 43 -16.71 52.60 -36.59
N PRO H 44 -16.72 51.42 -37.21
CA PRO H 44 -17.92 50.58 -37.21
C PRO H 44 -18.32 50.11 -35.80
N LYS H 45 -19.61 49.82 -35.65
CA LYS H 45 -20.19 49.35 -34.41
C LYS H 45 -20.95 48.05 -34.66
N SER H 46 -20.81 47.08 -33.75
CA SER H 46 -21.49 45.81 -33.91
C SER H 46 -22.93 45.92 -33.43
N LEU H 47 -23.87 45.44 -34.25
CA LEU H 47 -25.28 45.49 -33.92
C LEU H 47 -25.90 44.13 -33.61
N ILE H 48 -25.72 43.13 -34.48
CA ILE H 48 -26.30 41.80 -34.31
C ILE H 48 -25.16 40.81 -34.40
N TYR H 49 -25.19 39.78 -33.54
CA TYR H 49 -24.18 38.73 -33.57
C TYR H 49 -24.93 37.40 -33.55
N LYS H 50 -24.35 36.34 -34.13
CA LYS H 50 -25.02 35.00 -34.20
C LYS H 50 -26.26 35.10 -35.11
N ALA H 51 -26.35 36.15 -35.90
CA ALA H 51 -27.43 36.45 -36.86
C ALA H 51 -28.79 36.60 -36.18
N SER H 52 -28.87 36.30 -34.89
CA SER H 52 -30.13 36.43 -34.16
C SER H 52 -30.01 37.05 -32.78
N SER H 53 -28.83 37.03 -32.15
CA SER H 53 -28.67 37.61 -30.82
C SER H 53 -28.39 39.10 -30.96
N LEU H 54 -29.06 39.89 -30.14
CA LEU H 54 -28.91 41.35 -30.15
C LEU H 54 -27.73 41.75 -29.27
N GLU H 55 -26.87 42.64 -29.78
CA GLU H 55 -25.71 43.10 -29.03
C GLU H 55 -26.13 43.93 -27.83
N SER H 56 -25.44 43.74 -26.70
CA SER H 56 -25.75 44.49 -25.49
C SER H 56 -25.48 45.99 -25.66
N GLY H 57 -26.44 46.80 -25.22
CA GLY H 57 -26.38 48.24 -25.27
C GLY H 57 -26.95 48.88 -26.52
N VAL H 58 -27.09 48.11 -27.60
CA VAL H 58 -27.65 48.63 -28.85
C VAL H 58 -29.16 48.69 -28.65
N PRO H 59 -29.87 49.65 -29.25
CA PRO H 59 -31.33 49.72 -29.06
C PRO H 59 -32.07 48.50 -29.60
N SER H 60 -33.22 48.21 -28.99
CA SER H 60 -34.07 47.08 -29.32
C SER H 60 -34.72 47.16 -30.71
N ARG H 61 -34.69 48.32 -31.37
CA ARG H 61 -35.31 48.44 -32.70
C ARG H 61 -34.62 47.54 -33.72
N PHE H 62 -33.30 47.41 -33.62
CA PHE H 62 -32.54 46.56 -34.54
C PHE H 62 -32.87 45.09 -34.33
N SER H 63 -33.00 44.34 -35.41
CA SER H 63 -33.32 42.93 -35.29
C SER H 63 -32.75 42.16 -36.47
N GLY H 64 -32.25 40.96 -36.22
CA GLY H 64 -31.68 40.13 -37.26
C GLY H 64 -32.42 38.81 -37.38
N SER H 65 -32.40 38.24 -38.58
CA SER H 65 -33.07 36.98 -38.85
C SER H 65 -32.44 36.36 -40.09
N GLY H 66 -32.81 35.12 -40.35
CA GLY H 66 -32.32 34.35 -41.48
C GLY H 66 -31.39 33.24 -41.04
N SER H 67 -31.22 32.27 -41.94
CA SER H 67 -30.36 31.13 -41.66
C SER H 67 -29.91 30.49 -42.96
N GLY H 68 -28.88 29.67 -42.87
CA GLY H 68 -28.38 29.02 -44.06
C GLY H 68 -27.52 29.94 -44.89
N THR H 69 -28.07 30.37 -46.02
CA THR H 69 -27.37 31.27 -46.93
C THR H 69 -27.94 32.68 -46.94
N ASP H 70 -29.22 32.84 -46.62
CA ASP H 70 -29.89 34.14 -46.64
C ASP H 70 -30.07 34.69 -45.22
N PHE H 71 -29.71 35.97 -45.04
CA PHE H 71 -29.85 36.64 -43.76
C PHE H 71 -30.42 38.03 -44.04
N THR H 72 -31.05 38.62 -43.02
CA THR H 72 -31.67 39.93 -43.18
C THR H 72 -31.72 40.69 -41.86
N LEU H 73 -31.53 42.02 -41.95
CA LEU H 73 -31.60 42.93 -40.82
C LEU H 73 -32.83 43.80 -41.00
N THR H 74 -33.53 44.07 -39.90
CA THR H 74 -34.74 44.88 -39.88
C THR H 74 -34.63 46.01 -38.87
N ILE H 75 -35.14 47.17 -39.26
CA ILE H 75 -35.19 48.38 -38.46
C ILE H 75 -36.67 48.78 -38.42
N ASN H 76 -37.30 48.61 -37.25
CA ASN H 76 -38.72 48.93 -37.10
C ASN H 76 -39.02 50.41 -37.34
N SER H 77 -38.18 51.30 -36.81
CA SER H 77 -38.39 52.74 -36.96
C SER H 77 -37.04 53.41 -37.14
N LEU H 78 -36.87 54.11 -38.26
CA LEU H 78 -35.61 54.81 -38.55
C LEU H 78 -35.56 56.10 -37.74
N GLN H 79 -34.65 56.15 -36.81
CA GLN H 79 -34.40 57.28 -35.94
C GLN H 79 -33.46 58.25 -36.64
N PRO H 80 -33.38 59.53 -36.22
CA PRO H 80 -32.50 60.48 -36.93
C PRO H 80 -31.02 60.13 -36.88
N GLU H 81 -30.56 59.30 -35.95
CA GLU H 81 -29.16 58.93 -35.88
C GLU H 81 -28.89 57.55 -36.50
N ASP H 82 -29.87 56.96 -37.17
CA ASP H 82 -29.69 55.64 -37.79
C ASP H 82 -29.14 55.69 -39.21
N PHE H 83 -29.06 56.85 -39.86
CA PHE H 83 -28.52 56.89 -41.23
C PHE H 83 -27.00 56.69 -41.18
N ALA H 84 -26.53 55.60 -41.82
CA ALA H 84 -25.13 55.20 -41.89
C ALA H 84 -24.96 53.97 -42.76
N THR H 85 -23.71 53.56 -42.99
CA THR H 85 -23.43 52.37 -43.80
C THR H 85 -23.61 51.11 -42.95
N TYR H 86 -24.20 50.07 -43.53
CA TYR H 86 -24.41 48.82 -42.81
C TYR H 86 -23.67 47.68 -43.50
N PHE H 87 -23.07 46.78 -42.71
CA PHE H 87 -22.31 45.64 -43.24
C PHE H 87 -22.79 44.34 -42.62
N CYS H 88 -22.49 43.25 -43.32
CA CYS H 88 -22.81 41.90 -42.86
C CYS H 88 -21.56 41.05 -43.08
N GLN H 89 -21.02 40.49 -42.01
CA GLN H 89 -19.82 39.68 -42.01
C GLN H 89 -20.11 38.21 -41.74
N GLN H 90 -19.45 37.34 -42.49
CA GLN H 90 -19.58 35.89 -42.32
C GLN H 90 -18.30 35.38 -41.69
N TYR H 91 -18.45 34.57 -40.64
CA TYR H 91 -17.29 34.03 -39.95
C TYR H 91 -17.42 32.54 -39.68
N TYR H 92 -18.11 31.82 -40.57
CA TYR H 92 -18.25 30.38 -40.38
C TYR H 92 -16.95 29.66 -40.73
N SER H 93 -16.28 30.11 -41.78
CA SER H 93 -15.03 29.52 -42.23
C SER H 93 -14.16 30.61 -42.84
N ALA H 94 -12.89 30.63 -42.44
CA ALA H 94 -11.96 31.63 -42.94
C ALA H 94 -11.69 31.39 -44.44
N PRO H 95 -11.34 32.46 -45.20
CA PRO H 95 -11.16 33.87 -44.83
C PRO H 95 -12.48 34.61 -44.65
N TYR H 96 -12.49 35.63 -43.80
CA TYR H 96 -13.70 36.40 -43.55
C TYR H 96 -14.10 37.22 -44.77
N SER H 97 -15.40 37.48 -44.90
CA SER H 97 -15.93 38.24 -46.01
C SER H 97 -16.90 39.28 -45.49
N PHE H 98 -17.05 40.37 -46.24
CA PHE H 98 -17.94 41.45 -45.88
C PHE H 98 -18.78 41.87 -47.07
N GLY H 99 -19.91 42.49 -46.78
CA GLY H 99 -20.80 42.96 -47.83
C GLY H 99 -20.23 44.15 -48.55
N GLN H 100 -20.81 44.44 -49.72
CA GLN H 100 -20.37 45.57 -50.53
C GLN H 100 -20.59 46.92 -49.85
N GLY H 101 -21.52 47.00 -48.90
CA GLY H 101 -21.79 48.24 -48.18
C GLY H 101 -23.00 48.98 -48.71
N THR H 102 -23.98 49.20 -47.84
CA THR H 102 -25.21 49.90 -48.16
C THR H 102 -25.40 51.13 -47.27
N LYS H 103 -25.68 52.28 -47.90
CA LYS H 103 -25.86 53.53 -47.18
C LYS H 103 -27.33 53.92 -47.17
N LEU H 104 -27.84 54.31 -46.00
CA LEU H 104 -29.22 54.74 -45.83
C LEU H 104 -29.22 56.26 -45.82
N GLU H 105 -30.10 56.85 -46.61
CA GLU H 105 -30.19 58.31 -46.72
C GLU H 105 -31.63 58.75 -46.48
N ILE H 106 -31.79 59.91 -45.83
CA ILE H 106 -33.11 60.44 -45.52
C ILE H 106 -33.83 60.82 -46.81
N ASN H 107 -35.10 60.42 -46.90
CA ASN H 107 -35.92 60.71 -48.07
C ASN H 107 -36.28 62.18 -48.16
C1 NAG I . 36.07 -17.05 -29.24
C2 NAG I . 35.14 -15.89 -29.63
C3 NAG I . 34.89 -15.91 -31.14
C4 NAG I . 36.23 -15.91 -31.88
C5 NAG I . 37.08 -17.08 -31.40
C6 NAG I . 38.46 -17.11 -32.02
C7 NAG I . 33.67 -15.26 -27.78
C8 NAG I . 32.30 -15.45 -27.18
N2 NAG I . 33.90 -15.94 -28.91
O3 NAG I . 34.12 -14.79 -31.49
O4 NAG I . 36.01 -16.02 -33.28
O5 NAG I . 37.27 -17.00 -30.00
O6 NAG I . 39.09 -18.34 -31.74
O7 NAG I . 34.50 -14.54 -27.25
C1 NAG I . 36.25 -14.76 -33.94
C2 NAG I . 36.44 -15.00 -35.45
C3 NAG I . 36.62 -13.65 -36.16
C4 NAG I . 35.46 -12.72 -35.82
C5 NAG I . 35.30 -12.60 -34.30
C6 NAG I . 34.09 -11.79 -33.90
C7 NAG I . 37.48 -17.21 -35.78
C8 NAG I . 38.80 -17.89 -36.05
N2 NAG I . 37.56 -15.86 -35.70
O3 NAG I . 36.69 -13.88 -37.54
O4 NAG I . 35.70 -11.45 -36.37
O5 NAG I . 35.16 -13.89 -33.72
O6 NAG I . 32.92 -12.46 -34.32
O7 NAG I . 36.45 -17.83 -35.64
C1 NAG J . 45.47 -18.14 -28.30
C2 NAG J . 46.18 -16.81 -28.61
C3 NAG J . 46.71 -16.83 -30.03
C4 NAG J . 47.59 -18.07 -30.26
C5 NAG J . 46.82 -19.33 -29.86
C6 NAG J . 47.67 -20.59 -29.93
C7 NAG J . 45.18 -15.02 -27.24
C8 NAG J . 44.20 -13.88 -27.26
N2 NAG J . 45.30 -15.69 -28.40
O3 NAG J . 47.46 -15.66 -30.26
O4 NAG J . 47.94 -18.15 -31.63
O5 NAG J . 46.36 -19.22 -28.52
O6 NAG J . 48.70 -20.50 -28.97
O7 NAG J . 45.81 -15.30 -26.24
C1 NAG J . 49.35 -17.90 -31.82
C2 NAG J . 49.68 -18.05 -33.32
C3 NAG J . 51.16 -17.75 -33.57
C4 NAG J . 51.51 -16.38 -32.99
C5 NAG J . 51.09 -16.29 -31.51
C6 NAG J . 51.30 -14.93 -30.91
C7 NAG J . 48.14 -19.71 -34.32
C8 NAG J . 48.02 -21.15 -34.75
N2 NAG J . 49.33 -19.36 -33.79
O3 NAG J . 51.40 -17.78 -34.94
O4 NAG J . 52.89 -16.17 -33.10
O5 NAG J . 49.71 -16.61 -31.39
O6 NAG J . 50.49 -13.99 -31.59
O7 NAG J . 47.21 -18.94 -34.44
C1 NAG K . 37.62 -11.70 -27.76
C2 NAG K . 37.01 -11.32 -29.11
C3 NAG K . 37.58 -12.20 -30.22
C4 NAG K . 39.11 -12.14 -30.20
C5 NAG K . 39.63 -12.49 -28.79
C6 NAG K . 41.13 -12.31 -28.65
C7 NAG K . 34.75 -10.40 -28.79
C8 NAG K . 33.28 -10.74 -28.82
N2 NAG K . 35.58 -11.41 -29.07
O3 NAG K . 37.09 -11.77 -31.45
O4 NAG K . 39.63 -13.05 -31.15
O5 NAG K . 39.03 -11.64 -27.83
O6 NAG K . 41.42 -11.82 -27.38
O7 NAG K . 35.13 -9.26 -28.54
C1 NAG K . 40.32 -12.35 -32.20
C2 NAG K . 41.08 -13.39 -33.04
C3 NAG K . 41.79 -12.73 -34.21
C4 NAG K . 40.80 -11.89 -35.02
C5 NAG K . 40.06 -10.92 -34.09
C6 NAG K . 38.97 -10.14 -34.80
C7 NAG K . 42.18 -15.46 -32.27
C8 NAG K . 43.20 -16.00 -31.31
N2 NAG K . 42.01 -14.12 -32.22
O3 NAG K . 42.37 -13.71 -35.02
O4 NAG K . 41.49 -11.16 -36.01
O5 NAG K . 39.43 -11.63 -33.04
O6 NAG K . 38.39 -9.21 -33.92
O7 NAG K . 41.55 -16.19 -33.01
C1 NAG L . 36.11 -6.86 -4.31
C2 NAG L . 35.30 -5.80 -5.06
C3 NAG L . 36.14 -4.52 -5.24
C4 NAG L . 36.66 -4.06 -3.88
C5 NAG L . 37.44 -5.20 -3.22
C6 NAG L . 37.94 -4.87 -1.85
C7 NAG L . 33.63 -6.81 -6.57
C8 NAG L . 33.39 -7.25 -8.00
N2 NAG L . 34.84 -6.28 -6.33
O3 NAG L . 35.34 -3.55 -5.83
O4 NAG L . 37.48 -2.93 -4.04
O5 NAG L . 36.61 -6.34 -3.10
O6 NAG L . 36.86 -4.49 -1.02
O7 NAG L . 32.78 -6.93 -5.71
C1 NAG L . 36.82 -1.77 -3.47
C2 NAG L . 37.89 -0.74 -3.10
C3 NAG L . 37.23 0.51 -2.52
C4 NAG L . 36.17 1.04 -3.48
C5 NAG L . 35.19 -0.09 -3.86
C6 NAG L . 34.19 0.33 -4.92
C7 NAG L . 40.03 -1.81 -2.53
C8 NAG L . 40.87 -2.33 -1.38
N2 NAG L . 38.84 -1.28 -2.17
O3 NAG L . 38.21 1.49 -2.29
O4 NAG L . 35.44 2.07 -2.85
O5 NAG L . 35.90 -1.20 -4.38
O6 NAG L . 33.68 -0.82 -5.56
O7 NAG L . 40.42 -1.86 -3.68
C1 BMA L . 35.66 3.36 -3.47
C2 BMA L . 34.62 4.30 -2.86
C3 BMA L . 34.85 5.74 -3.38
C4 BMA L . 36.32 6.14 -3.17
C5 BMA L . 37.25 5.11 -3.81
C6 BMA L . 38.72 5.43 -3.58
O2 BMA L . 34.72 4.32 -1.47
O3 BMA L . 33.99 6.65 -2.73
O4 BMA L . 36.54 7.41 -3.74
O5 BMA L . 36.98 3.84 -3.24
O6 BMA L . 38.99 5.28 -2.21
C1 MAN L . 32.99 7.11 -3.67
C2 MAN L . 32.36 8.39 -3.10
C3 MAN L . 31.47 8.08 -1.89
C4 MAN L . 30.44 7.00 -2.22
C5 MAN L . 31.18 5.77 -2.74
C6 MAN L . 30.24 4.68 -3.20
O2 MAN L . 31.62 8.99 -4.14
O3 MAN L . 30.85 9.28 -1.49
O4 MAN L . 29.72 6.73 -1.03
O5 MAN L . 31.99 6.12 -3.85
O6 MAN L . 29.66 5.06 -4.43
C1 NAG M . 24.95 -38.73 -14.51
C2 NAG M . 23.42 -38.55 -14.40
C3 NAG M . 22.76 -39.59 -15.28
C4 NAG M . 23.34 -39.57 -16.70
C5 NAG M . 24.87 -39.51 -16.71
C6 NAG M . 25.42 -39.21 -18.08
C7 NAG M . 23.08 -39.64 -12.13
C8 NAG M . 22.45 -39.32 -10.79
N2 NAG M . 22.97 -38.63 -13.03
O3 NAG M . 21.38 -39.34 -15.32
O4 NAG M . 22.98 -40.79 -17.34
O5 NAG M . 25.37 -38.50 -15.84
O6 NAG M . 25.37 -37.83 -18.32
O7 NAG M . 23.62 -40.71 -12.31
C1 NAG M . 21.95 -40.60 -18.33
C2 NAG M . 22.07 -41.75 -19.35
C3 NAG M . 20.95 -41.65 -20.38
C4 NAG M . 19.59 -41.59 -19.68
C5 NAG M . 19.59 -40.46 -18.63
C6 NAG M . 18.32 -40.44 -17.80
C7 NAG M . 24.46 -42.38 -19.53
C8 NAG M . 25.68 -42.23 -20.39
N2 NAG M . 23.36 -41.74 -19.99
O3 NAG M . 21.01 -42.76 -21.24
O4 NAG M . 18.58 -41.36 -20.63
O5 NAG M . 20.67 -40.62 -17.74
O6 NAG M . 18.14 -41.69 -17.20
O7 NAG M . 24.46 -43.05 -18.51
C1 NAG N . 46.72 -40.61 -11.86
C2 NAG N . 46.53 -41.79 -10.89
C3 NAG N . 46.69 -41.31 -9.46
C4 NAG N . 48.02 -40.56 -9.28
C5 NAG N . 48.15 -39.46 -10.36
C6 NAG N . 49.50 -38.78 -10.36
C7 NAG N . 44.96 -43.40 -11.96
C8 NAG N . 43.53 -43.87 -11.95
N2 NAG N . 45.25 -42.42 -11.08
O3 NAG N . 46.64 -42.41 -8.59
O4 NAG N . 48.05 -39.97 -8.01
O5 NAG N . 47.99 -40.01 -11.65
O6 NAG N . 50.48 -39.65 -10.85
O7 NAG N . 45.79 -43.88 -12.73
C1 NAG N . 49.11 -40.51 -7.18
C2 NAG N . 49.35 -39.54 -6.00
C3 NAG N . 50.44 -40.10 -5.08
C4 NAG N . 50.09 -41.53 -4.66
C5 NAG N . 49.81 -42.39 -5.90
C6 NAG N . 49.35 -43.78 -5.54
C7 NAG N . 48.84 -37.25 -6.82
C8 NAG N . 49.47 -35.96 -7.27
N2 NAG N . 49.71 -38.22 -6.46
O3 NAG N . 50.56 -39.28 -3.96
O4 NAG N . 51.16 -42.07 -3.93
O5 NAG N . 48.80 -41.80 -6.69
O6 NAG N . 48.12 -43.71 -4.85
O7 NAG N . 47.63 -37.40 -6.79
C1 NAG O . 47.31 -4.66 -9.22
C2 NAG O . 48.60 -5.43 -9.55
C3 NAG O . 49.47 -5.53 -8.31
C4 NAG O . 49.70 -4.15 -7.70
C5 NAG O . 48.35 -3.44 -7.47
C6 NAG O . 48.51 -2.02 -6.99
C7 NAG O . 48.19 -7.02 -11.39
C8 NAG O . 47.88 -8.46 -11.70
N2 NAG O . 48.31 -6.73 -10.09
O3 NAG O . 50.69 -6.13 -8.64
O4 NAG O . 50.39 -4.28 -6.47
O5 NAG O . 47.62 -3.40 -8.67
O6 NAG O . 47.25 -1.39 -6.92
O7 NAG O . 48.31 -6.18 -12.28
C1 NAG O . 51.71 -3.71 -6.56
C2 NAG O . 52.40 -3.79 -5.18
C3 NAG O . 53.82 -3.26 -5.27
C4 NAG O . 54.59 -3.97 -6.39
C5 NAG O . 53.80 -3.86 -7.71
C6 NAG O . 54.45 -4.64 -8.83
C7 NAG O . 50.61 -3.55 -3.49
C8 NAG O . 50.00 -2.59 -2.50
N2 NAG O . 51.65 -3.07 -4.19
O3 NAG O . 54.47 -3.46 -4.04
O4 NAG O . 55.86 -3.36 -6.55
O5 NAG O . 52.49 -4.39 -7.53
O6 NAG O . 55.57 -3.95 -9.30
O7 NAG O . 50.16 -4.68 -3.64
C1 NAG P . 14.73 18.93 -31.73
C2 NAG P . 15.25 18.01 -32.85
C3 NAG P . 15.49 18.83 -34.13
C4 NAG P . 14.20 19.57 -34.50
C5 NAG P . 13.74 20.42 -33.31
C6 NAG P . 12.41 21.09 -33.58
C7 NAG P . 17.67 17.79 -32.13
C8 NAG P . 18.66 16.73 -31.73
N2 NAG P . 16.44 17.30 -32.42
O3 NAG P . 15.91 17.98 -35.15
O4 NAG P . 14.43 20.42 -35.61
O5 NAG P . 13.56 19.60 -32.16
O6 NAG P . 11.44 20.11 -33.86
O7 NAG P . 18.01 18.96 -32.14
C1 NAG P . 13.81 19.89 -36.80
C2 NAG P . 13.60 21.07 -37.76
C3 NAG P . 13.01 20.55 -39.07
C4 NAG P . 13.92 19.47 -39.65
C5 NAG P . 14.12 18.36 -38.61
C6 NAG P . 15.11 17.30 -39.07
C7 NAG P . 13.16 23.27 -36.75
C8 NAG P . 12.08 24.14 -36.16
N2 NAG P . 12.74 22.05 -37.16
O3 NAG P . 12.85 21.63 -39.95
O4 NAG P . 13.32 18.92 -40.79
O5 NAG P . 14.63 18.91 -37.40
O6 NAG P . 15.26 16.33 -38.06
O7 NAG P . 14.32 23.65 -36.83
C1 NAG Q . 29.64 16.10 -28.68
C2 NAG Q . 31.00 16.75 -28.44
C3 NAG Q . 30.80 18.12 -27.80
C4 NAG Q . 29.84 18.97 -28.63
C5 NAG Q . 28.55 18.18 -28.92
C6 NAG Q . 27.62 18.89 -29.87
C7 NAG Q . 32.66 14.96 -28.07
C8 NAG Q . 33.43 14.19 -27.03
N2 NAG Q . 31.83 15.91 -27.61
O3 NAG Q . 32.05 18.77 -27.70
O4 NAG Q . 29.53 20.14 -27.91
O5 NAG Q . 28.85 16.93 -29.50
O6 NAG Q . 28.34 19.32 -30.99
O7 NAG Q . 32.78 14.71 -29.26
C1 NAG Q . 30.01 21.33 -28.57
C2 NAG Q . 29.48 22.53 -27.78
C3 NAG Q . 29.98 23.83 -28.41
C4 NAG Q . 31.50 23.80 -28.54
C5 NAG Q . 31.94 22.54 -29.29
C6 NAG Q . 33.43 22.37 -29.35
C7 NAG Q . 27.09 22.57 -28.64
C8 NAG Q . 25.68 22.52 -28.11
N2 NAG Q . 28.03 22.52 -27.68
O3 NAG Q . 29.58 24.92 -27.62
O4 NAG Q . 31.95 24.94 -29.24
O5 NAG Q . 31.42 21.38 -28.65
O6 NAG Q . 33.77 21.12 -29.92
O7 NAG Q . 27.29 22.63 -29.85
C1 NAG R . 13.81 -4.31 -29.65
C2 NAG R . 13.54 -5.75 -30.10
C3 NAG R . 14.86 -6.52 -30.20
C4 NAG R . 15.84 -5.76 -31.10
C5 NAG R . 16.00 -4.31 -30.59
C6 NAG R . 16.86 -3.46 -31.48
C7 NAG R . 11.29 -6.39 -29.29
C8 NAG R . 10.56 -7.17 -28.23
N2 NAG R . 12.64 -6.43 -29.20
O3 NAG R . 14.61 -7.79 -30.74
O4 NAG R . 17.11 -6.38 -31.07
O5 NAG R . 14.72 -3.69 -30.53
O6 NAG R . 18.20 -3.57 -31.07
O7 NAG R . 10.69 -5.77 -30.16
C1 NAG R . 17.41 -7.02 -32.33
C2 NAG R . 18.84 -7.58 -32.27
C3 NAG R . 19.18 -8.32 -33.56
C4 NAG R . 18.10 -9.38 -33.85
C5 NAG R . 16.72 -8.73 -33.83
C6 NAG R . 15.60 -9.75 -33.99
C7 NAG R . 20.13 -5.44 -32.71
C8 NAG R . 21.21 -4.60 -32.09
N2 NAG R . 19.82 -6.55 -32.00
O3 NAG R . 20.43 -8.93 -33.43
O4 NAG R . 18.35 -9.96 -35.10
O5 NAG R . 16.50 -8.08 -32.60
O6 NAG R . 15.58 -10.60 -32.86
O7 NAG R . 19.63 -5.10 -33.77
C1 NAG S . 47.54 -3.56 -17.50
C2 NAG S . 47.93 -2.20 -16.90
C3 NAG S . 48.31 -1.22 -18.00
C4 NAG S . 49.39 -1.84 -18.90
C5 NAG S . 48.93 -3.22 -19.39
C6 NAG S . 50.00 -3.95 -20.18
C7 NAG S . 46.67 -1.97 -14.79
C8 NAG S . 45.50 -1.30 -14.15
N2 NAG S . 46.86 -1.66 -16.08
O3 NAG S . 48.77 -0.03 -17.43
O4 NAG S . 49.61 -1.00 -20.01
O5 NAG S . 48.59 -4.05 -18.30
O6 NAG S . 51.12 -4.15 -19.36
O7 NAG S . 47.40 -2.73 -14.16
C1 NAG S . 50.91 -0.39 -19.92
C2 NAG S . 51.29 0.16 -21.31
C3 NAG S . 52.64 0.87 -21.25
C4 NAG S . 52.62 1.93 -20.15
C5 NAG S . 52.18 1.30 -18.81
C6 NAG S . 52.02 2.32 -17.71
C7 NAG S . 50.26 -1.35 -22.99
C8 NAG S . 50.57 -2.46 -23.96
N2 NAG S . 51.33 -0.89 -22.30
O3 NAG S . 52.91 1.47 -22.49
O4 NAG S . 53.91 2.49 -20.00
O5 NAG S . 50.92 0.66 -18.98
O6 NAG S . 51.45 1.69 -16.57
O7 NAG S . 49.12 -0.94 -22.83
C1 NAG T . 10.92 42.24 13.63
C2 NAG T . 10.87 41.80 12.16
C3 NAG T . 11.82 42.66 11.33
C4 NAG T . 11.51 44.14 11.55
C5 NAG T . 11.52 44.46 13.05
C6 NAG T . 11.09 45.88 13.34
C7 NAG T . 10.30 39.48 11.62
C8 NAG T . 10.82 38.07 11.53
N2 NAG T . 11.19 40.41 12.02
O3 NAG T . 11.70 42.31 9.99
O4 NAG T . 12.47 44.93 10.88
O5 NAG T . 10.62 43.61 13.73
O6 NAG T . 10.84 46.03 14.72
O7 NAG T . 9.14 39.75 11.35
C1 NAG T . 11.91 45.55 9.69
C2 NAG T . 12.90 46.59 9.15
C3 NAG T . 12.37 47.20 7.86
C4 NAG T . 12.02 46.10 6.87
C5 NAG T . 11.08 45.08 7.51
C6 NAG T . 10.80 43.89 6.62
C7 NAG T . 12.38 48.50 10.74
C8 NAG T . 13.07 49.41 11.72
N2 NAG T . 13.19 47.61 10.13
O3 NAG T . 13.34 48.06 7.31
O4 NAG T . 11.42 46.66 5.72
O5 NAG T . 11.65 44.57 8.71
O6 NAG T . 10.13 42.90 7.36
O7 NAG T . 11.17 48.61 10.54
C1 NAG U . 6.45 48.02 19.50
C2 NAG U . 5.43 48.68 18.56
C3 NAG U . 5.89 50.08 18.19
C4 NAG U . 6.21 50.89 19.44
C5 NAG U . 7.17 50.11 20.36
C6 NAG U . 7.41 50.80 21.67
C7 NAG U . 4.24 46.95 17.29
C8 NAG U . 4.17 46.21 15.98
N2 NAG U . 5.21 47.88 17.38
O3 NAG U . 4.89 50.71 17.44
O4 NAG U . 6.81 52.11 19.06
O5 NAG U . 6.64 48.83 20.64
O6 NAG U . 6.28 50.66 22.49
O7 NAG U . 3.47 46.70 18.20
C1 NAG U . 5.94 53.26 19.21
C2 NAG U . 6.65 54.50 18.63
C3 NAG U . 5.74 55.72 18.74
C4 NAG U . 4.40 55.42 18.07
C5 NAG U . 3.79 54.14 18.65
C6 NAG U . 2.52 53.72 17.95
C7 NAG U . 9.09 54.19 19.00
C8 NAG U . 10.24 54.62 19.88
N2 NAG U . 7.90 54.74 19.32
O3 NAG U . 6.36 56.81 18.11
O4 NAG U . 3.52 56.50 18.27
O5 NAG U . 4.72 53.07 18.53
O6 NAG U . 2.83 53.23 16.66
O7 NAG U . 9.24 53.42 18.07
C1 NAG V . 5.76 42.07 10.97
C2 NAG V . 6.53 42.52 9.73
C3 NAG V . 7.44 43.71 10.06
C4 NAG V . 6.61 44.82 10.68
C5 NAG V . 5.85 44.26 11.91
C6 NAG V . 4.92 45.25 12.54
C7 NAG V . 7.43 41.17 7.87
C8 NAG V . 8.28 39.97 7.53
N2 NAG V . 7.30 41.43 9.19
O3 NAG V . 8.07 44.15 8.89
O4 NAG V . 7.44 45.89 11.07
O5 NAG V . 5.06 43.16 11.52
O6 NAG V . 4.07 45.80 11.56
O7 NAG V . 6.90 41.84 7.00
C1 NAG V . 7.10 47.09 10.32
C2 NAG V . 7.87 48.26 10.96
C3 NAG V . 7.59 49.55 10.19
C4 NAG V . 7.89 49.35 8.70
C5 NAG V . 7.12 48.13 8.18
C6 NAG V . 7.46 47.80 6.75
C7 NAG V . 8.35 48.82 13.32
C8 NAG V . 7.75 48.90 14.70
N2 NAG V . 7.51 48.42 12.35
O3 NAG V . 8.38 50.59 10.71
O4 NAG V . 7.50 50.50 7.98
O5 NAG V . 7.45 46.98 8.96
O6 NAG V . 8.80 47.38 6.66
O7 NAG V . 9.52 49.10 13.11
C1 NAG W . -9.26 24.76 17.46
C2 NAG W . -9.03 24.76 15.95
C3 NAG W . -10.15 25.53 15.24
C4 NAG W . -11.52 25.00 15.66
C5 NAG W . -11.62 24.98 17.21
C6 NAG W . -12.88 24.35 17.73
C7 NAG W . -6.88 24.76 14.75
C8 NAG W . -5.57 25.51 14.61
N2 NAG W . -7.74 25.29 15.63
O3 NAG W . -9.98 25.41 13.86
O4 NAG W . -12.53 25.82 15.12
O5 NAG W . -10.54 24.25 17.76
O6 NAG W . -13.09 23.12 17.07
O7 NAG W . -7.11 23.75 14.09
C1 NAG W . -13.41 25.05 14.25
C2 NAG W . -14.70 25.87 14.00
C3 NAG W . -15.65 25.05 13.12
C4 NAG W . -14.94 24.62 11.83
C5 NAG W . -13.61 23.91 12.16
C6 NAG W . -12.81 23.61 10.92
C7 NAG W . -15.85 25.51 16.23
C8 NAG W . -16.42 26.33 17.36
N2 NAG W . -15.33 26.26 15.23
O3 NAG W . -16.77 25.84 12.81
O4 NAG W . -15.78 23.73 11.12
O5 NAG W . -12.80 24.72 13.00
O6 NAG W . -13.06 22.30 10.49
O7 NAG W . -15.88 24.29 16.28
C1 BMA W . -16.32 24.31 9.92
C2 BMA W . -16.91 23.16 9.10
C3 BMA W . -17.56 23.74 7.83
C4 BMA W . -18.56 24.85 8.22
C5 BMA W . -17.89 25.91 9.09
C6 BMA W . -18.86 26.96 9.59
O2 BMA W . -17.90 22.50 9.84
O3 BMA W . -18.20 22.73 7.09
O4 BMA W . -19.06 25.45 7.04
O5 BMA W . -17.31 25.27 10.21
O6 BMA W . -19.75 26.33 10.49
C1 MAN W . -17.70 22.72 5.73
C2 MAN W . -18.74 22.02 4.86
C3 MAN W . -18.77 20.52 5.18
C4 MAN W . -17.39 19.91 5.05
C5 MAN W . -16.40 20.67 5.94
C6 MAN W . -14.97 20.22 5.74
O2 MAN W . -18.39 22.25 3.51
O3 MAN W . -19.70 19.92 4.32
O4 MAN W . -17.48 18.55 5.42
O5 MAN W . -16.45 22.07 5.65
O6 MAN W . -14.97 18.84 5.47
C1 NAG X . 23.50 23.56 30.43
C2 NAG X . 24.45 22.41 30.78
C3 NAG X . 25.87 22.94 31.03
C4 NAG X . 26.31 23.76 29.81
C5 NAG X . 25.29 24.88 29.55
C6 NAG X . 25.59 25.70 28.32
C7 NAG X . 23.43 20.43 31.87
C8 NAG X . 22.99 19.88 33.20
N2 NAG X . 23.96 21.67 31.91
O3 NAG X . 26.74 21.85 31.24
O4 NAG X . 27.62 24.29 29.93
O5 NAG X . 24.01 24.29 29.35
O6 NAG X . 25.83 24.84 27.23
O7 NAG X . 23.30 19.79 30.83
C1 NAG X . 28.06 24.86 31.19
C2 NAG X . 29.58 24.95 31.06
C3 NAG X . 30.20 25.55 32.31
C4 NAG X . 29.52 26.88 32.63
C5 NAG X . 28.00 26.71 32.68
C6 NAG X . 27.26 28.01 32.87
C7 NAG X . 30.73 23.35 29.59
C8 NAG X . 31.25 21.94 29.50
N2 NAG X . 30.14 23.66 30.76
O3 NAG X . 31.57 25.73 32.12
O4 NAG X . 29.99 27.37 33.86
O5 NAG X . 27.53 26.14 31.48
O6 NAG X . 25.90 27.77 33.11
O7 NAG X . 30.82 24.12 28.66
C1 NAG Y . -13.66 36.16 19.12
C2 NAG Y . -13.78 37.40 20.00
C3 NAG Y . -14.78 37.14 21.14
C4 NAG Y . -16.11 36.63 20.58
C5 NAG Y . -15.86 35.44 19.65
C6 NAG Y . -17.11 34.96 18.95
C7 NAG Y . -11.59 38.57 19.93
C8 NAG Y . -10.32 38.80 20.72
N2 NAG Y . -12.49 37.77 20.54
O3 NAG Y . -14.96 38.33 21.85
O4 NAG Y . -16.94 36.25 21.64
O5 NAG Y . -14.94 35.78 18.64
O6 NAG Y . -17.25 35.64 17.72
O7 NAG Y . -11.77 39.08 18.84
C1 NAG Y . -18.09 37.13 21.74
C2 NAG Y . -18.95 36.62 22.91
C3 NAG Y . -20.16 37.53 23.11
C4 NAG Y . -19.70 38.99 23.26
C5 NAG Y . -18.80 39.38 22.08
C6 NAG Y . -18.21 40.77 22.23
C7 NAG Y . -20.09 34.69 21.74
C8 NAG Y . -20.28 33.20 21.90
N2 NAG Y . -19.35 35.25 22.73
O3 NAG Y . -20.87 37.12 24.24
O4 NAG Y . -20.82 39.84 23.31
O5 NAG Y . -17.71 38.48 21.98
O6 NAG Y . -17.56 41.14 21.04
O7 NAG Y . -20.58 35.28 20.78
C1 NAG Z . -0.04 28.62 -24.94
C2 NAG Z . 0.64 29.87 -24.35
C3 NAG Z . 0.96 30.88 -25.45
C4 NAG Z . 1.76 30.21 -26.55
C5 NAG Z . 0.97 28.99 -27.07
C6 NAG Z . 1.71 28.22 -28.13
C7 NAG Z . 0.26 31.21 -22.30
C8 NAG Z . -0.82 31.76 -21.40
N2 NAG Z . -0.19 30.48 -23.35
O3 NAG Z . 1.68 31.95 -24.91
O4 NAG Z . 2.02 31.12 -27.60
O5 NAG Z . 0.73 28.10 -26.01
O6 NAG Z . 0.88 27.22 -28.67
O7 NAG Z . 1.45 31.41 -22.09
C1 NAG Z . 3.44 31.42 -27.68
C2 NAG Z . 3.77 31.86 -29.12
C3 NAG Z . 5.25 32.20 -29.22
C4 NAG Z . 5.66 33.22 -28.14
C5 NAG Z . 5.20 32.74 -26.75
C6 NAG Z . 5.44 33.77 -25.68
C7 NAG Z . 2.22 30.82 -30.71
C8 NAG Z . 2.05 29.66 -31.66
N2 NAG Z . 3.40 30.84 -30.06
O3 NAG Z . 5.50 32.70 -30.51
O4 NAG Z . 7.07 33.37 -28.12
O5 NAG Z . 3.81 32.44 -26.76
O6 NAG Z . 5.01 33.26 -24.44
O7 NAG Z . 1.37 31.67 -30.56
C1 BMA Z . 7.58 34.48 -28.88
C2 BMA Z . 8.70 35.16 -28.12
C3 BMA Z . 9.28 36.29 -29.02
C4 BMA Z . 9.69 35.70 -30.38
C5 BMA Z . 8.51 34.97 -31.02
C6 BMA Z . 8.87 34.30 -32.33
O2 BMA Z . 9.74 34.26 -27.86
O3 BMA Z . 10.36 36.96 -28.42
O4 BMA Z . 10.13 36.74 -31.24
O5 BMA Z . 8.06 33.98 -30.11
O6 BMA Z . 8.94 35.29 -33.33
C1 MAN Z . 9.86 37.79 -27.34
C2 MAN Z . 10.31 39.24 -27.60
C3 MAN Z . 11.80 39.46 -27.31
C4 MAN Z . 12.21 38.88 -25.96
C5 MAN Z . 11.77 37.41 -25.90
C6 MAN Z . 12.06 36.79 -24.55
O2 MAN Z . 9.47 40.05 -26.80
O3 MAN Z . 12.05 40.83 -27.38
O4 MAN Z . 13.61 39.02 -25.85
O5 MAN Z . 10.36 37.33 -26.10
O6 MAN Z . 13.46 36.80 -24.34
C1 MAN Z . 8.67 40.97 -27.59
C2 MAN Z . 7.37 41.17 -26.77
C3 MAN Z . 6.28 40.20 -27.19
C4 MAN Z . 5.99 40.41 -28.66
C5 MAN Z . 7.23 39.97 -29.44
C6 MAN Z . 7.17 40.40 -30.90
O2 MAN Z . 6.99 42.50 -26.95
O3 MAN Z . 5.15 40.46 -26.39
O4 MAN Z . 4.86 39.63 -28.98
O5 MAN Z . 8.45 40.47 -28.92
O6 MAN Z . 7.41 41.79 -30.96
C1 MAN Z . 7.64 35.34 -33.97
C2 MAN Z . 7.75 34.61 -35.31
C3 MAN Z . 8.64 35.38 -36.29
C4 MAN Z . 8.23 36.84 -36.39
C5 MAN Z . 8.15 37.46 -34.99
C6 MAN Z . 7.60 38.87 -35.01
O2 MAN Z . 6.44 34.46 -35.81
O3 MAN Z . 8.57 34.73 -37.53
O4 MAN Z . 9.20 37.49 -37.20
O5 MAN Z . 7.28 36.69 -34.18
O6 MAN Z . 6.20 38.82 -35.13
C1 NAG AA . -8.17 37.54 -13.93
C2 NAG AA . -9.39 38.40 -13.59
C3 NAG AA . -10.62 37.84 -14.29
C4 NAG AA . -10.36 37.68 -15.78
C5 NAG AA . -9.05 36.89 -16.03
C6 NAG AA . -8.64 36.86 -17.48
C7 NAG AA . -9.13 39.40 -11.35
C8 NAG AA . -9.53 39.23 -9.90
N2 NAG AA . -9.62 38.46 -12.17
O3 NAG AA . -11.70 38.72 -14.08
O4 NAG AA . -11.44 36.96 -16.34
O5 NAG AA . -7.98 37.49 -15.33
O6 NAG AA . -8.23 38.15 -17.88
O7 NAG AA . -8.42 40.33 -11.72
C1 NAG AA . -12.17 37.71 -17.34
C2 NAG AA . -13.50 36.96 -17.51
C3 NAG AA . -14.35 37.66 -18.58
C4 NAG AA . -14.52 39.14 -18.22
C5 NAG AA . -13.13 39.78 -18.00
C6 NAG AA . -13.19 41.22 -17.53
C7 NAG AA . -12.62 34.99 -18.85
C8 NAG AA . -12.60 33.49 -18.83
N2 NAG AA . -13.27 35.56 -17.82
O3 NAG AA . -15.60 37.03 -18.64
O4 NAG AA . -15.20 39.78 -19.29
O5 NAG AA . -12.41 39.07 -17.01
O6 NAG AA . -13.90 41.28 -16.32
O7 NAG AA . -12.03 35.60 -19.74
C1 BMA AA . -16.41 40.44 -18.85
C2 BMA AA . -16.72 41.49 -19.92
C3 BMA AA . -18.00 42.25 -19.51
C4 BMA AA . -19.14 41.25 -19.30
C5 BMA AA . -18.74 40.21 -18.27
C6 BMA AA . -19.81 39.13 -18.09
O2 BMA AA . -16.86 40.88 -21.18
O3 BMA AA . -18.34 43.18 -20.52
O4 BMA AA . -20.29 41.93 -18.86
O5 BMA AA . -17.53 39.57 -18.68
O6 BMA AA . -19.88 38.32 -19.24
C1 MAN AA . -18.29 44.52 -19.98
C2 MAN AA . -18.99 45.43 -20.99
C3 MAN AA . -18.18 45.41 -22.29
C4 MAN AA . -16.76 45.92 -22.03
C5 MAN AA . -16.10 45.12 -20.91
C6 MAN AA . -14.85 45.80 -20.40
O2 MAN AA . -19.03 46.74 -20.44
O3 MAN AA . -18.86 46.20 -23.22
O4 MAN AA . -16.06 45.80 -23.25
O5 MAN AA . -16.97 44.96 -19.78
O6 MAN AA . -13.91 45.87 -21.45
C1 MAN AA . -20.05 46.83 -19.44
C2 MAN AA . -20.95 48.03 -19.77
C3 MAN AA . -20.16 49.33 -19.64
C4 MAN AA . -19.38 49.43 -18.32
C5 MAN AA . -18.60 48.13 -18.08
C6 MAN AA . -17.95 48.09 -16.72
O2 MAN AA . -22.04 47.98 -18.89
O3 MAN AA . -21.09 50.39 -19.77
O4 MAN AA . -18.54 50.55 -18.42
O5 MAN AA . -19.47 47.02 -18.18
O6 MAN AA . -16.92 47.13 -16.74
C1 MAN AA . -21.28 38.22 -19.59
C2 MAN AA . -21.60 36.77 -19.98
C3 MAN AA . -20.89 36.42 -21.29
C4 MAN AA . -21.19 37.44 -22.38
C5 MAN AA . -20.86 38.84 -21.88
C6 MAN AA . -21.26 39.90 -22.88
O2 MAN AA . -23.00 36.70 -20.12
O3 MAN AA . -21.32 35.13 -21.65
O4 MAN AA . -20.40 37.09 -23.50
O5 MAN AA . -21.56 39.09 -20.66
O6 MAN AA . -21.01 39.37 -24.16
C1 MAN AA . -20.55 40.41 -25.06
C2 MAN AA . -20.69 39.84 -26.47
C3 MAN AA . -19.76 38.64 -26.60
C4 MAN AA . -18.32 39.05 -26.34
C5 MAN AA . -18.21 39.74 -24.97
C6 MAN AA . -16.87 40.44 -24.81
O2 MAN AA . -20.33 40.88 -27.35
O3 MAN AA . -19.93 38.10 -27.89
O4 MAN AA . -17.55 37.87 -26.38
O5 MAN AA . -19.21 40.75 -24.82
O6 MAN AA . -15.91 39.47 -24.41
C1 NAG BA . 14.68 27.32 -6.99
C2 NAG BA . 16.08 27.11 -6.38
C3 NAG BA . 16.41 28.23 -5.40
C4 NAG BA . 16.25 29.59 -6.12
C5 NAG BA . 14.80 29.69 -6.60
C6 NAG BA . 14.52 30.97 -7.33
C7 NAG BA . 16.66 24.71 -6.34
C8 NAG BA . 16.67 23.48 -5.48
N2 NAG BA . 16.18 25.83 -5.75
O3 NAG BA . 17.73 28.08 -4.94
O4 NAG BA . 16.64 30.70 -5.30
O5 NAG BA . 14.55 28.63 -7.49
O6 NAG BA . 13.58 31.72 -6.60
O7 NAG BA . 17.07 24.70 -7.49
C1 NAG BA . 16.08 30.77 -3.96
C2 NAG BA . 17.10 31.46 -3.04
C3 NAG BA . 16.54 31.58 -1.63
C4 NAG BA . 15.18 32.27 -1.67
C5 NAG BA . 14.25 31.56 -2.65
C6 NAG BA . 12.93 32.27 -2.84
C7 NAG BA . 19.37 30.95 -3.89
C8 NAG BA . 20.59 30.08 -3.68
N2 NAG BA . 18.36 30.75 -3.03
O3 NAG BA . 17.44 32.31 -0.84
O4 NAG BA . 14.61 32.26 -0.38
O5 NAG BA . 14.86 31.49 -3.93
O6 NAG BA . 12.34 32.52 -1.57
O7 NAG BA . 19.33 31.77 -4.81
C1 NAG CA . 1.29 3.59 51.75
C2 NAG CA . 0.82 2.16 52.00
C3 NAG CA . -0.24 2.15 53.11
C4 NAG CA . 0.30 2.86 54.36
C5 NAG CA . 0.82 4.29 53.96
C6 NAG CA . 1.51 5.04 55.08
C7 NAG CA . -0.70 1.90 49.98
C8 NAG CA . -0.89 0.99 48.80
N2 NAG CA . 0.32 1.54 50.79
O3 NAG CA . -0.57 0.83 53.38
O4 NAG CA . -0.74 2.97 55.32
O5 NAG CA . 1.78 4.18 52.93
O6 NAG CA . 0.63 5.33 56.15
O7 NAG CA . -1.44 2.86 50.14
C1 NAG CA . -0.50 2.35 56.62
C2 NAG CA . -0.72 0.81 56.58
C3 NAG CA . -0.43 0.21 57.95
C4 NAG CA . 0.98 0.61 58.41
C5 NAG CA . 1.11 2.13 58.38
C6 NAG CA . 2.52 2.60 58.72
C7 NAG CA . -3.25 0.78 56.66
C8 NAG CA . -4.41 0.24 55.86
N2 NAG CA . -2.05 0.48 56.13
O3 NAG CA . -0.52 -1.20 57.86
O4 NAG CA . 1.19 0.14 59.72
O5 NAG CA . 0.82 2.62 57.07
O6 NAG CA . 2.62 3.99 58.50
O7 NAG CA . -3.45 1.43 57.67
C1 NAG DA . -10.27 42.54 14.51
C2 NAG DA . -11.63 42.31 13.83
C3 NAG DA . -11.87 43.38 12.78
C4 NAG DA . -11.71 44.79 13.39
C5 NAG DA . -10.35 44.88 14.10
C6 NAG DA . -10.16 46.19 14.84
C7 NAG DA . -12.05 39.87 13.91
C8 NAG DA . -12.07 38.61 13.10
N2 NAG DA . -11.71 40.99 13.25
O3 NAG DA . -13.17 43.22 12.26
O4 NAG DA . -11.79 45.76 12.37
O5 NAG DA . -10.22 43.85 15.05
O6 NAG DA . -11.02 46.22 15.96
O7 NAG DA . -12.33 39.87 15.10
C1 NAG DA . -13.03 46.49 12.47
C2 NAG DA . -12.91 47.79 11.65
C3 NAG DA . -14.25 48.54 11.68
C4 NAG DA . -15.37 47.61 11.22
C5 NAG DA . -15.37 46.32 12.05
C6 NAG DA . -16.38 45.31 11.56
C7 NAG DA . -10.57 48.57 11.75
C8 NAG DA . -9.64 49.55 12.43
N2 NAG DA . -11.85 48.62 12.15
O3 NAG DA . -14.16 49.66 10.85
O4 NAG DA . -16.61 48.27 11.37
O5 NAG DA . -14.09 45.70 11.97
O6 NAG DA . -16.01 44.85 10.28
O7 NAG DA . -10.15 47.79 10.91
C1 NAG EA . -19.73 34.58 -0.07
C2 NAG EA . -20.88 35.27 0.67
C3 NAG EA . -22.19 34.54 0.43
C4 NAG EA . -22.43 34.38 -1.07
C5 NAG EA . -21.22 33.67 -1.70
C6 NAG EA . -21.34 33.53 -3.20
C7 NAG EA . -20.12 36.46 2.70
C8 NAG EA . -19.93 36.31 4.18
N2 NAG EA . -20.62 35.37 2.07
O3 NAG EA . -23.24 35.26 1.02
O4 NAG EA . -23.60 33.62 -1.31
O5 NAG EA . -20.04 34.43 -1.44
O6 NAG EA . -20.18 32.91 -3.71
O7 NAG EA . -19.84 37.49 2.10
C1 NAG EA . -24.66 34.47 -1.80
C2 NAG EA . -25.66 33.62 -2.58
C3 NAG EA . -26.83 34.49 -3.05
C4 NAG EA . -27.43 35.24 -1.85
C5 NAG EA . -26.34 36.01 -1.11
C6 NAG EA . -26.85 36.67 0.15
C7 NAG EA . -25.35 31.74 -4.14
C8 NAG EA . -24.55 31.26 -5.33
N2 NAG EA . -25.03 32.97 -3.70
O3 NAG EA . -27.80 33.67 -3.66
O4 NAG EA . -28.43 36.14 -2.31
O5 NAG EA . -25.30 35.13 -0.73
O6 NAG EA . -25.79 37.33 0.81
O7 NAG EA . -26.21 31.04 -3.63
C1 NAG FA . -10.82 27.11 25.07
C2 NAG FA . -11.61 25.86 24.67
C3 NAG FA . -12.96 25.84 25.37
C4 NAG FA . -12.76 25.96 26.87
C5 NAG FA . -11.95 27.23 27.17
C6 NAG FA . -11.63 27.40 28.64
C7 NAG FA . -10.98 25.02 22.45
C8 NAG FA . -11.31 25.08 20.99
N2 NAG FA . -11.76 25.78 23.24
O3 NAG FA . -13.63 24.65 25.05
O4 NAG FA . -14.00 26.01 27.53
O5 NAG FA . -10.72 27.19 26.47
O6 NAG FA . -10.55 26.56 28.98
O7 NAG FA . -10.09 24.30 22.88
C1 NAG FA . -14.22 24.82 28.32
C2 NAG FA . -15.20 25.14 29.45
C3 NAG FA . -15.48 23.88 30.26
C4 NAG FA . -15.94 22.75 29.35
C5 NAG FA . -14.93 22.55 28.20
C6 NAG FA . -15.40 21.53 27.18
C7 NAG FA . -14.95 27.50 30.11
C8 NAG FA . -14.32 28.41 31.13
N2 NAG FA . -14.69 26.19 30.29
O3 NAG FA . -16.46 24.17 31.23
O4 NAG FA . -16.07 21.56 30.09
O5 NAG FA . -14.73 23.77 27.51
O6 NAG FA . -14.69 21.72 25.98
O7 NAG FA . -15.65 27.93 29.21
C1 NAG GA . -39.06 -3.53 -21.80
C2 NAG GA . -37.84 -2.72 -22.32
C3 NAG GA . -38.31 -1.36 -22.83
C4 NAG GA . -39.42 -1.55 -23.86
C5 NAG GA . -40.55 -2.39 -23.26
C6 NAG GA . -41.64 -2.70 -24.26
C7 NAG GA . -35.78 -3.38 -21.18
C8 NAG GA . -34.85 -3.05 -20.04
N2 NAG GA . -36.84 -2.57 -21.30
O3 NAG GA . -37.22 -0.69 -23.37
O4 NAG GA . -39.92 -0.28 -24.26
O5 NAG GA . -40.04 -3.62 -22.80
O6 NAG GA . -41.15 -3.56 -25.25
O7 NAG GA . -35.56 -4.33 -21.92
C1 NAG GA . -39.45 0.08 -25.58
C2 NAG GA . -40.34 1.20 -26.14
C3 NAG GA . -39.81 1.65 -27.51
C4 NAG GA . -38.34 2.02 -27.39
C5 NAG GA . -37.54 0.86 -26.77
C6 NAG GA . -36.10 1.23 -26.52
C7 NAG GA . -42.29 -0.21 -26.90
C8 NAG GA . -43.79 -0.31 -26.71
N2 NAG GA . -41.72 0.80 -26.21
O3 NAG GA . -40.56 2.74 -27.95
O4 NAG GA . -37.83 2.31 -28.68
O5 NAG GA . -38.11 0.51 -25.52
O6 NAG GA . -36.01 2.26 -25.57
O7 NAG GA . -41.72 -1.00 -27.64
C1 NAG HA . -44.41 -10.91 -25.58
C2 NAG HA . -43.68 -10.84 -26.93
C3 NAG HA . -44.59 -10.24 -27.99
C4 NAG HA . -45.90 -11.01 -28.05
C5 NAG HA . -46.54 -11.07 -26.64
C6 NAG HA . -47.78 -11.93 -26.59
C7 NAG HA . -41.26 -10.71 -26.65
C8 NAG HA . -40.08 -9.78 -26.53
N2 NAG HA . -42.45 -10.11 -26.80
O3 NAG HA . -43.94 -10.27 -29.23
O4 NAG HA . -46.79 -10.37 -28.96
O5 NAG HA . -45.61 -11.63 -25.72
O6 NAG HA . -47.41 -13.29 -26.71
O7 NAG HA . -41.13 -11.93 -26.61
C1 NAG HA . -47.02 -11.20 -30.12
C2 NAG HA . -47.91 -10.43 -31.11
C3 NAG HA . -48.14 -11.27 -32.37
C4 NAG HA . -46.79 -11.70 -32.95
C5 NAG HA . -45.93 -12.40 -31.87
C6 NAG HA . -44.55 -12.73 -32.36
C7 NAG HA . -49.41 -8.93 -29.84
C8 NAG HA . -50.81 -8.80 -29.29
N2 NAG HA . -49.17 -10.08 -30.50
O3 NAG HA . -48.86 -10.52 -33.30
O4 NAG HA . -47.00 -12.58 -34.03
O5 NAG HA . -45.79 -11.55 -30.75
O6 NAG HA . -43.84 -11.55 -32.64
O7 NAG HA . -48.57 -8.05 -29.68
C1 NAG IA . -35.33 -5.64 -25.77
C2 NAG IA . -35.34 -4.18 -26.25
C3 NAG IA . -36.78 -3.72 -26.49
C4 NAG IA . -37.48 -4.67 -27.45
C5 NAG IA . -37.38 -6.10 -26.91
C6 NAG IA . -37.94 -7.14 -27.86
C7 NAG IA . -33.39 -2.98 -25.36
C8 NAG IA . -32.91 -2.08 -24.26
N2 NAG IA . -34.69 -3.32 -25.30
O3 NAG IA . -36.76 -2.42 -27.01
O4 NAG IA . -38.83 -4.31 -27.60
O5 NAG IA . -36.03 -6.45 -26.71
O6 NAG IA . -37.36 -6.97 -29.13
O7 NAG IA . -32.64 -3.36 -26.25
C1 NAG IA . -39.12 -3.86 -28.95
C2 NAG IA . -40.65 -3.83 -29.10
C3 NAG IA . -41.02 -3.31 -30.50
C4 NAG IA . -40.34 -1.96 -30.74
C5 NAG IA . -38.84 -2.08 -30.51
C6 NAG IA . -38.13 -0.76 -30.63
C7 NAG IA . -41.06 -6.30 -29.51
C8 NAG IA . -41.86 -7.44 -28.94
N2 NAG IA . -41.24 -5.12 -28.86
O3 NAG IA . -42.41 -3.19 -30.58
O4 NAG IA . -40.60 -1.56 -32.07
O5 NAG IA . -38.59 -2.57 -29.20
O6 NAG IA . -37.09 -0.69 -29.68
O7 NAG IA . -40.32 -6.49 -30.46
C1 NAG JA . -20.11 -21.64 -16.73
C2 NAG JA . -19.35 -20.49 -17.41
C3 NAG JA . -19.04 -20.89 -18.85
C4 NAG JA . -18.27 -22.20 -18.85
C5 NAG JA . -19.08 -23.28 -18.11
C6 NAG JA . -18.34 -24.59 -17.97
C7 NAG JA . -19.76 -18.15 -16.73
C8 NAG JA . -20.72 -17.00 -16.88
N2 NAG JA . -20.11 -19.27 -17.40
O3 NAG JA . -18.32 -19.86 -19.46
O4 NAG JA . -18.02 -22.60 -20.19
O5 NAG JA . -19.38 -22.84 -16.80
O6 NAG JA . -17.14 -24.38 -17.28
O7 NAG JA . -18.76 -18.07 -16.05
C1 NAG JA . -16.59 -22.56 -20.42
C2 NAG JA . -16.25 -23.46 -21.63
C3 NAG JA . -14.73 -23.41 -21.87
C4 NAG JA . -14.30 -21.96 -22.06
C5 NAG JA . -14.73 -21.12 -20.85
C6 NAG JA . -14.44 -19.65 -21.04
C7 NAG JA . -17.77 -25.33 -22.05
C8 NAG JA . -18.12 -26.74 -21.68
N2 NAG JA . -16.72 -24.80 -21.40
O3 NAG JA . -14.43 -24.19 -23.00
O4 NAG JA . -12.90 -21.90 -22.14
O5 NAG JA . -16.13 -21.22 -20.64
O6 NAG JA . -14.89 -18.93 -19.93
O7 NAG JA . -18.42 -24.70 -22.89
C1 BMA JA . -12.42 -21.57 -23.46
C2 BMA JA . -10.92 -21.25 -23.30
C3 BMA JA . -10.33 -20.93 -24.69
C4 BMA JA . -10.60 -22.12 -25.62
C5 BMA JA . -12.10 -22.41 -25.69
C6 BMA JA . -12.42 -23.65 -26.51
O2 BMA JA . -10.27 -22.32 -22.69
O3 BMA JA . -8.94 -20.71 -24.55
O4 BMA JA . -10.14 -21.80 -26.93
O5 BMA JA . -12.60 -22.63 -24.37
O6 BMA JA . -11.73 -24.73 -25.93
C1 NAG KA . -26.53 -25.52 -26.32
C2 NAG KA . -27.82 -26.13 -26.88
C3 NAG KA . -27.83 -27.64 -26.65
C4 NAG KA . -26.55 -28.26 -27.21
C5 NAG KA . -25.32 -27.55 -26.62
C6 NAG KA . -24.02 -28.02 -27.21
C7 NAG KA . -29.62 -24.44 -26.78
C8 NAG KA . -30.82 -23.99 -25.97
N2 NAG KA . -28.98 -25.51 -26.29
O3 NAG KA . -28.96 -28.19 -27.27
O4 NAG KA . -26.51 -29.63 -26.87
O5 NAG KA . -25.40 -26.16 -26.89
O6 NAG KA . -23.86 -27.49 -28.50
O7 NAG KA . -29.27 -23.85 -27.78
C1 NAG KA . -26.62 -30.45 -28.06
C2 NAG KA . -26.51 -31.92 -27.64
C3 NAG KA . -26.67 -32.83 -28.85
C4 NAG KA . -27.96 -32.50 -29.59
C5 NAG KA . -28.00 -31.00 -29.92
C6 NAG KA . -29.32 -30.58 -30.55
C7 NAG KA . -23.99 -32.04 -27.36
C8 NAG KA . -22.97 -32.42 -26.30
N2 NAG KA . -25.27 -32.18 -26.93
O3 NAG KA . -26.67 -34.17 -28.43
O4 NAG KA . -28.02 -33.25 -30.78
O5 NAG KA . -27.85 -30.24 -28.74
O6 NAG KA . -29.38 -29.18 -30.66
O7 NAG KA . -23.63 -31.67 -28.46
C1 NAG LA . -3.58 13.23 -36.66
C2 NAG LA . -4.98 13.85 -36.76
C3 NAG LA . -5.12 14.61 -38.08
C4 NAG LA . -4.01 15.65 -38.17
C5 NAG LA . -2.64 14.95 -38.03
C6 NAG LA . -1.48 15.92 -38.01
C7 NAG LA . -6.22 11.75 -37.36
C8 NAG LA . -7.32 10.86 -36.85
N2 NAG LA . -5.96 12.82 -36.56
O3 NAG LA . -6.39 15.20 -38.13
O4 NAG LA . -4.07 16.33 -39.41
O5 NAG LA . -2.59 14.24 -36.81
O6 NAG LA . -1.67 16.84 -36.96
O7 NAG LA . -5.67 11.47 -38.41
C1 NAG LA . -4.41 17.72 -39.20
C2 NAG LA . -3.75 18.54 -40.33
C3 NAG LA . -4.11 20.01 -40.17
C4 NAG LA . -5.64 20.18 -40.09
C5 NAG LA . -6.20 19.29 -38.97
C6 NAG LA . -7.71 19.30 -38.93
C7 NAG LA . -1.68 17.63 -41.26
C8 NAG LA . -0.18 17.55 -41.10
N2 NAG LA . -2.33 18.35 -40.32
O3 NAG LA . -3.55 20.70 -41.26
O4 NAG LA . -5.97 21.51 -39.75
O5 NAG LA . -5.81 17.93 -39.14
O6 NAG LA . -8.18 20.60 -38.73
O7 NAG LA . -2.26 17.07 -42.18
C1 BMA LA . -6.20 22.43 -40.84
C2 BMA LA . -7.37 21.96 -41.72
C3 BMA LA . -7.63 23.00 -42.83
C4 BMA LA . -7.87 24.37 -42.16
C5 BMA LA . -6.69 24.75 -41.27
C6 BMA LA . -6.93 26.04 -40.50
O2 BMA LA . -8.52 21.76 -40.94
O3 BMA LA . -8.74 22.61 -43.59
O4 BMA LA . -8.03 25.37 -43.16
O5 BMA LA . -6.47 23.72 -40.32
O6 BMA LA . -8.31 26.31 -40.45
C1 MAN LA . -8.54 27.39 -39.52
C2 MAN LA . -8.47 26.81 -38.09
C3 MAN LA . -9.64 25.88 -37.84
C4 MAN LA . -10.97 26.59 -38.11
C5 MAN LA . -10.96 27.13 -39.55
C6 MAN LA . -12.18 27.97 -39.83
O2 MAN LA . -8.45 27.90 -37.21
O3 MAN LA . -9.55 25.42 -36.51
O4 MAN LA . -11.99 25.64 -37.91
O5 MAN LA . -9.81 27.96 -39.74
O6 MAN LA . -13.32 27.17 -39.68
C1 NAG MA . -11.55 0.80 -40.96
C2 NAG MA . -11.56 -0.42 -41.90
C3 NAG MA . -10.15 -0.68 -42.40
C4 NAG MA . -9.59 0.58 -43.05
C5 NAG MA . -9.65 1.74 -42.05
C6 NAG MA . -9.23 3.06 -42.65
C7 NAG MA . -13.30 -2.14 -41.45
C8 NAG MA . -13.58 -3.35 -40.59
N2 NAG MA . -12.10 -1.57 -41.23
O3 NAG MA . -10.18 -1.76 -43.31
O4 NAG MA . -8.25 0.33 -43.42
O5 NAG MA . -10.99 1.93 -41.60
O6 NAG MA . -10.05 3.37 -43.75
O7 NAG MA . -14.12 -1.72 -42.26
C1 NAG MA . -8.03 0.44 -44.85
C2 NAG MA . -6.57 0.02 -45.11
C3 NAG MA . -6.30 0.07 -46.62
C4 NAG MA . -7.30 -0.78 -47.38
C5 NAG MA . -8.73 -0.31 -47.01
C6 NAG MA . -9.80 -1.19 -47.63
C7 NAG MA . -5.21 2.14 -44.27
C8 NAG MA . -5.86 3.29 -45.01
N2 NAG MA . -5.59 0.83 -44.40
O3 NAG MA . -4.98 -0.34 -46.84
O4 NAG MA . -7.12 -0.60 -48.77
O5 NAG MA . -8.92 -0.36 -45.61
O6 NAG MA . -9.74 -1.13 -49.04
O7 NAG MA . -4.27 2.40 -43.52
C1 BMA MA . -6.50 -1.74 -49.40
C2 BMA MA . -6.71 -1.58 -50.90
C3 BMA MA . -5.99 -2.73 -51.65
C4 BMA MA . -4.51 -2.75 -51.23
C5 BMA MA . -4.39 -2.85 -49.72
C6 BMA MA . -2.95 -2.75 -49.24
O2 BMA MA . -6.24 -0.31 -51.32
O3 BMA MA . -6.12 -2.53 -53.03
O4 BMA MA . -3.86 -3.85 -51.84
O5 BMA MA . -5.12 -1.81 -49.10
O6 BMA MA . -2.22 -3.80 -49.84
C1 NAG NA . -19.27 12.50 -18.89
C2 NAG NA . -20.13 13.29 -17.90
C3 NAG NA . -21.51 12.67 -17.78
C4 NAG NA . -22.14 12.53 -19.18
C5 NAG NA . -21.17 11.75 -20.10
C6 NAG NA . -21.65 11.66 -21.53
C7 NAG NA . -18.66 14.31 -16.18
C8 NAG NA . -18.14 14.12 -14.77
N2 NAG NA . -19.50 13.35 -16.60
O3 NAG NA . -22.32 13.47 -16.96
O4 NAG NA . -23.37 11.84 -19.06
O5 NAG NA . -19.92 12.41 -20.13
O6 NAG NA . -22.53 10.57 -21.66
O7 NAG NA . -18.32 15.27 -16.86
C1 NAG NA . -24.50 12.60 -19.55
C2 NAG NA . -25.78 11.84 -19.10
C3 NAG NA . -27.02 12.59 -19.57
C4 NAG NA . -26.96 14.05 -19.10
C5 NAG NA . -25.64 14.70 -19.54
C6 NAG NA . -25.48 16.11 -19.02
C7 NAG NA . -25.75 9.99 -20.83
C8 NAG NA . -25.74 8.48 -20.89
N2 NAG NA . -25.76 10.48 -19.57
O3 NAG NA . -28.16 11.96 -19.06
O4 NAG NA . -28.05 14.76 -19.65
O5 NAG NA . -24.55 13.93 -19.06
O6 NAG NA . -25.39 16.08 -17.61
O7 NAG NA . -25.72 10.66 -21.86
C1 NAG OA . -24.09 5.83 -38.99
C2 NAG OA . -25.28 6.20 -39.88
C3 NAG OA . -26.11 7.28 -39.20
C4 NAG OA . -26.51 6.83 -37.79
C5 NAG OA . -25.27 6.41 -37.00
C6 NAG OA . -25.59 5.83 -35.64
C7 NAG OA . -24.65 5.83 -42.24
C8 NAG OA . -24.19 6.53 -43.50
N2 NAG OA . -24.84 6.64 -41.18
O3 NAG OA . -27.27 7.52 -39.98
O4 NAG OA . -27.15 7.90 -37.12
O5 NAG OA . -24.55 5.41 -37.72
O6 NAG OA . -24.64 6.27 -34.69
O7 NAG OA . -24.83 4.62 -42.22
C1 NAG OA . -28.56 7.63 -36.93
C2 NAG OA . -29.19 8.86 -36.25
C3 NAG OA . -30.69 8.64 -36.06
C4 NAG OA . -31.33 8.28 -37.41
C5 NAG OA . -30.59 7.08 -38.03
C6 NAG OA . -31.10 6.74 -39.41
C7 NAG OA . -28.43 8.41 -33.87
C8 NAG OA . -27.66 9.09 -32.76
N2 NAG OA . -28.54 9.16 -35.00
O3 NAG OA . -31.27 9.81 -35.56
O4 NAG OA . -32.69 7.95 -37.20
O5 NAG OA . -29.21 7.37 -38.15
O6 NAG OA . -30.68 7.73 -40.33
O7 NAG OA . -28.88 7.28 -33.71
C1 NAG PA . -29.65 -19.90 -31.64
C2 NAG PA . -28.47 -20.57 -32.36
C3 NAG PA . -28.40 -20.07 -33.80
C4 NAG PA . -29.76 -20.28 -34.49
C5 NAG PA . -30.88 -19.64 -33.65
C6 NAG PA . -32.26 -19.93 -34.20
C7 NAG PA . -26.75 -21.09 -30.67
C8 NAG PA . -25.43 -20.67 -30.08
N2 NAG PA . -27.22 -20.32 -31.67
O3 NAG PA . -27.39 -20.77 -34.48
O4 NAG PA . -29.74 -19.67 -35.76
O5 NAG PA . -30.85 -20.16 -32.33
O6 NAG PA . -32.48 -21.32 -34.20
O7 NAG PA . -27.34 -22.08 -30.27
C1 NAG PA . -29.67 -20.67 -36.80
C2 NAG PA . -30.20 -20.07 -38.11
C3 NAG PA . -30.06 -21.09 -39.24
C4 NAG PA . -28.62 -21.57 -39.33
C5 NAG PA . -28.16 -22.10 -37.97
C6 NAG PA . -26.69 -22.48 -37.94
C7 NAG PA . -31.96 -18.39 -37.70
C8 NAG PA . -33.45 -18.20 -37.59
N2 NAG PA . -31.57 -19.65 -37.96
O3 NAG PA . -30.46 -20.49 -40.45
O4 NAG PA . -28.53 -22.61 -40.29
O5 NAG PA . -28.33 -21.10 -36.97
O6 NAG PA . -26.28 -22.72 -36.62
O7 NAG PA . -31.19 -17.46 -37.58
C1 NAG QA . -11.86 -17.07 -37.76
C2 NAG QA . -12.10 -18.37 -38.54
C3 NAG QA . -10.79 -19.15 -38.63
C4 NAG QA . -9.68 -18.27 -39.22
C5 NAG QA . -9.60 -16.93 -38.45
C6 NAG QA . -8.64 -15.95 -39.08
C7 NAG QA . -13.24 -19.71 -36.71
C8 NAG QA . -14.52 -20.47 -36.48
N2 NAG QA . -13.15 -19.16 -37.94
O3 NAG QA . -10.99 -20.28 -39.44
O4 NAG QA . -8.44 -18.94 -39.10
O5 NAG QA . -10.86 -16.30 -38.40
O6 NAG QA . -7.33 -16.45 -39.12
O7 NAG QA . -12.39 -19.63 -35.82
C1 NAG QA . -7.96 -19.41 -40.38
C2 NAG QA . -6.55 -19.99 -40.18
C3 NAG QA . -6.01 -20.56 -41.49
C4 NAG QA . -7.01 -21.56 -42.07
C5 NAG QA . -8.39 -20.92 -42.19
C6 NAG QA . -9.45 -21.89 -42.63
C7 NAG QA . -5.39 -18.80 -38.35
C8 NAG QA . -4.41 -17.70 -38.04
N2 NAG QA . -5.64 -18.99 -39.65
O3 NAG QA . -4.77 -21.16 -41.26
O4 NAG QA . -6.57 -21.99 -43.33
O5 NAG QA . -8.80 -20.41 -40.92
O6 NAG QA . -9.63 -22.90 -41.65
O7 NAG QA . -5.90 -19.46 -37.46
C1 NAG RA . -38.88 -18.59 6.70
C2 NAG RA . -40.02 -17.57 6.65
C3 NAG RA . -40.21 -16.95 8.03
C4 NAG RA . -40.36 -18.04 9.10
C5 NAG RA . -39.23 -19.09 8.98
C6 NAG RA . -39.46 -20.28 9.88
C7 NAG RA . -40.20 -16.62 4.38
C8 NAG RA . -39.84 -15.43 3.53
N2 NAG RA . -39.79 -16.55 5.66
O3 NAG RA . -41.34 -16.12 8.01
O4 NAG RA . -40.28 -17.43 10.37
O5 NAG RA . -39.16 -19.59 7.65
O6 NAG RA . -40.71 -20.86 9.62
O7 NAG RA . -40.81 -17.57 3.92
C1 NAG RA . -41.55 -17.45 11.05
C2 NAG RA . -41.35 -16.82 12.44
C3 NAG RA . -42.69 -16.76 13.18
C4 NAG RA . -43.73 -16.04 12.32
C5 NAG RA . -43.81 -16.69 10.94
C6 NAG RA . -44.73 -15.95 10.00
C7 NAG RA . -39.05 -17.32 13.22
C8 NAG RA . -38.24 -18.24 14.11
N2 NAG RA . -40.38 -17.56 13.20
O3 NAG RA . -42.51 -16.10 14.41
O4 NAG RA . -44.99 -16.11 12.95
O5 NAG RA . -42.53 -16.72 10.34
O6 NAG RA . -44.95 -16.72 8.84
O7 NAG RA . -38.53 -16.43 12.57
C1 NAG SA . 41.45 -11.21 -1.93
C2 NAG SA . 42.54 -10.59 -1.06
C3 NAG SA . 42.10 -10.60 0.41
C4 NAG SA . 40.75 -9.91 0.54
C5 NAG SA . 39.73 -10.54 -0.43
C6 NAG SA . 38.41 -9.82 -0.44
C7 NAG SA . 44.80 -10.80 -1.98
C8 NAG SA . 46.05 -11.66 -2.03
N2 NAG SA . 43.79 -11.27 -1.22
O3 NAG SA . 43.06 -9.95 1.19
O4 NAG SA . 40.28 -10.04 1.87
O5 NAG SA . 40.24 -10.50 -1.76
O6 NAG SA . 38.50 -8.68 -1.27
O7 NAG SA . 44.74 -9.75 -2.59
C1 NAG TA . 30.83 5.57 -37.32
C2 NAG TA . 30.03 6.05 -38.53
C3 NAG TA . 29.34 4.86 -39.20
C4 NAG TA . 30.37 3.78 -39.52
C5 NAG TA . 31.17 3.42 -38.27
C6 NAG TA . 32.30 2.44 -38.56
C7 NAG TA . 29.30 8.39 -38.20
C8 NAG TA . 28.14 9.25 -37.76
N2 NAG TA . 29.08 7.06 -38.17
O3 NAG TA . 28.70 5.30 -40.36
O4 NAG TA . 29.69 2.63 -40.00
O5 NAG TA . 31.76 4.58 -37.72
O6 NAG TA . 33.18 2.41 -37.47
O7 NAG TA . 30.37 8.87 -38.56
C1 NAG UA . 31.69 -39.69 20.79
C2 NAG UA . 31.14 -39.40 22.20
C3 NAG UA . 32.23 -39.64 23.24
C4 NAG UA . 32.79 -41.06 23.08
C5 NAG UA . 33.25 -41.28 21.64
C6 NAG UA . 33.70 -42.71 21.38
C7 NAG UA . 31.23 -36.86 22.13
C8 NAG UA . 30.32 -35.67 22.33
N2 NAG UA . 30.61 -38.06 22.29
O3 NAG UA . 31.69 -39.48 24.52
O4 NAG UA . 33.87 -41.24 23.97
O5 NAG UA . 32.19 -41.00 20.74
O6 NAG UA . 34.72 -43.04 22.27
O7 NAG UA . 32.41 -36.69 21.86
C1 NAG VA . 52.79 -22.87 -17.52
C2 NAG VA . 53.48 -22.36 -18.79
C3 NAG VA . 54.00 -23.53 -19.61
C4 NAG VA . 54.88 -24.42 -18.73
C5 NAG VA . 54.13 -24.83 -17.47
C6 NAG VA . 54.98 -25.61 -16.49
C7 NAG VA . 52.55 -20.20 -19.53
C8 NAG VA . 51.54 -19.56 -20.45
N2 NAG VA . 52.59 -21.54 -19.57
O3 NAG VA . 54.73 -23.04 -20.70
O4 NAG VA . 55.25 -25.58 -19.46
O5 NAG VA . 53.67 -23.68 -16.78
O6 NAG VA . 54.23 -25.99 -15.37
O7 NAG VA . 53.27 -19.52 -18.81
C1 NAG WA . 40.86 13.14 -15.28
C2 NAG WA . 41.75 13.21 -16.55
C3 NAG WA . 42.87 14.24 -16.31
C4 NAG WA . 42.29 15.58 -15.84
C5 NAG WA . 41.32 15.37 -14.66
C6 NAG WA . 40.59 16.64 -14.28
C7 NAG WA . 42.78 11.54 -18.07
C8 NAG WA . 43.29 10.12 -18.14
N2 NAG WA . 42.29 11.92 -16.87
O3 NAG WA . 43.59 14.42 -17.50
O4 NAG WA . 43.34 16.42 -15.43
O5 NAG WA . 40.33 14.41 -15.00
O6 NAG WA . 39.32 16.31 -13.77
O7 NAG WA . 42.83 12.28 -19.05
C1 NAG XA . 31.05 -36.54 -3.55
C2 NAG XA . 30.73 -37.41 -4.78
C3 NAG XA . 29.90 -38.62 -4.36
C4 NAG XA . 30.61 -39.38 -3.25
C5 NAG XA . 30.94 -38.41 -2.09
C6 NAG XA . 31.76 -39.09 -1.00
C7 NAG XA . 30.63 -35.96 -6.77
C8 NAG XA . 29.69 -35.26 -7.71
N2 NAG XA . 30.04 -36.65 -5.79
O3 NAG XA . 29.71 -39.46 -5.48
O4 NAG XA . 29.78 -40.41 -2.77
O5 NAG XA . 31.71 -37.33 -2.59
O6 NAG XA . 32.12 -38.13 -0.03
O7 NAG XA . 31.84 -35.89 -6.92
C1 NAG YA . 12.08 36.84 44.25
C2 NAG YA . 12.68 36.26 45.55
C3 NAG YA . 11.73 35.22 46.13
C4 NAG YA . 10.34 35.83 46.31
C5 NAG YA . 9.85 36.42 44.98
C6 NAG YA . 8.53 37.14 45.11
C7 NAG YA . 15.15 36.34 45.37
C8 NAG YA . 16.37 35.50 45.08
N2 NAG YA . 13.97 35.68 45.30
O3 NAG YA . 12.24 34.78 47.36
O4 NAG YA . 9.44 34.83 46.76
O5 NAG YA . 10.79 37.37 44.50
O6 NAG YA . 7.62 36.34 45.83
O7 NAG YA . 15.24 37.52 45.66
C1 NAG ZA . 2.66 44.63 -9.44
C2 NAG ZA . 3.35 45.66 -10.36
C3 NAG ZA . 4.84 45.74 -10.03
C4 NAG ZA . 5.02 46.02 -8.54
C5 NAG ZA . 4.25 44.99 -7.70
C6 NAG ZA . 4.29 45.28 -6.22
C7 NAG ZA . 2.12 45.70 -12.51
C8 NAG ZA . 2.16 45.21 -13.94
N2 NAG ZA . 3.15 45.32 -11.75
O3 NAG ZA . 5.42 46.75 -10.80
O4 NAG ZA . 6.39 45.96 -8.21
O5 NAG ZA . 2.89 44.98 -8.09
O6 NAG ZA . 3.48 46.41 -5.95
O7 NAG ZA . 1.20 46.39 -12.10
C1 NAG AB . 0.59 45.67 30.40
C2 NAG AB . 1.31 46.79 29.64
C3 NAG AB . 2.17 47.60 30.61
C4 NAG AB . 1.33 48.09 31.77
C5 NAG AB . 0.59 46.92 32.43
C6 NAG AB . -0.36 47.36 33.52
C7 NAG AB . 1.70 46.16 27.29
C8 NAG AB . 2.71 45.56 26.34
N2 NAG AB . 2.11 46.24 28.57
O3 NAG AB . 2.74 48.68 29.92
O4 NAG AB . 2.16 48.72 32.72
O5 NAG AB . -0.17 46.23 31.46
O6 NAG AB . 0.35 48.05 34.52
O7 NAG AB . 0.60 46.53 26.91
C1 NAG BB . 13.30 21.65 36.74
C2 NAG BB . 14.48 20.89 37.33
C3 NAG BB . 15.74 21.75 37.21
C4 NAG BB . 15.96 22.13 35.75
C5 NAG BB . 14.72 22.84 35.23
C6 NAG BB . 14.80 23.17 33.75
C7 NAG BB . 14.07 19.25 39.08
C8 NAG BB . 14.38 18.21 38.05
N2 NAG BB . 14.25 20.52 38.70
O3 NAG BB . 16.85 21.03 37.71
O4 NAG BB . 17.08 23.01 35.65
O5 NAG BB . 13.55 22.01 35.39
O6 NAG BB . 13.58 23.74 33.29
O7 NAG BB . 13.68 18.96 40.21
C1 NAG CB . 27.34 -17.07 46.88
C2 NAG CB . 27.97 -18.45 46.67
C3 NAG CB . 29.49 -18.34 46.72
C4 NAG CB . 29.98 -17.27 45.73
C5 NAG CB . 29.26 -15.95 46.01
C6 NAG CB . 29.60 -14.87 45.00
C7 NAG CB . 26.43 -20.20 47.49
C8 NAG CB . 26.13 -21.10 48.65
N2 NAG CB . 27.49 -19.39 47.65
O3 NAG CB . 30.05 -19.59 46.41
O4 NAG CB . 31.38 -17.10 45.87
O5 NAG CB . 27.86 -16.15 45.94
O6 NAG CB . 29.05 -13.65 45.41
O7 NAG CB . 25.74 -20.22 46.47
C1 NAG DB . -24.37 -26.98 -15.15
C2 NAG DB . -24.35 -28.51 -15.21
C3 NAG DB . -23.21 -29.05 -14.34
C4 NAG DB . -21.89 -28.39 -14.74
C5 NAG DB . -22.03 -26.87 -14.71
C6 NAG DB . -20.79 -26.17 -15.22
C7 NAG DB . -26.08 -30.28 -15.15
C8 NAG DB . -27.43 -30.65 -14.61
N2 NAG DB . -25.62 -29.05 -14.79
O3 NAG DB . -23.12 -30.44 -14.49
O4 NAG DB . -20.88 -28.79 -13.85
O5 NAG DB . -23.11 -26.47 -15.54
O6 NAG DB . -21.01 -24.78 -15.28
O7 NAG DB . -25.45 -31.03 -15.87
C1 NAG EB . -40.70 -6.98 7.05
C2 NAG EB . -41.99 -6.13 7.23
C3 NAG EB . -41.75 -4.99 8.24
C4 NAG EB . -41.17 -5.54 9.53
C5 NAG EB . -39.88 -6.29 9.20
C6 NAG EB . -39.24 -6.92 10.43
C7 NAG EB . -43.57 -4.93 5.65
C8 NAG EB . -43.71 -4.54 4.21
N2 NAG EB . -42.44 -5.62 5.96
O3 NAG EB . -42.95 -4.33 8.52
O4 NAG EB . -40.90 -4.48 10.43
O5 NAG EB . -40.16 -7.33 8.30
O6 NAG EB . -37.93 -7.33 10.13
O7 NAG EB . -44.45 -4.65 6.46
C1 NAG FB . -53.28 -23.99 -2.83
C2 NAG FB . -53.76 -24.50 -1.46
C3 NAG FB . -52.86 -25.65 -1.00
C4 NAG FB . -52.80 -26.73 -2.08
C5 NAG FB . -52.38 -26.11 -3.41
C6 NAG FB . -52.41 -27.11 -4.55
C7 NAG FB . -54.80 -22.62 -0.23
C8 NAG FB . -54.55 -21.59 0.84
N2 NAG FB . -53.76 -23.44 -0.48
O3 NAG FB . -53.38 -26.18 0.19
O4 NAG FB . -51.87 -27.72 -1.70
O5 NAG FB . -53.26 -25.05 -3.76
O6 NAG FB . -52.03 -26.48 -5.75
O7 NAG FB . -55.86 -22.67 -0.83
C1 NAG GB . -30.07 -37.58 20.42
C2 NAG GB . -28.99 -38.28 21.24
C3 NAG GB . -29.32 -39.77 21.40
C4 NAG GB . -30.73 -39.92 21.97
C5 NAG GB . -31.74 -39.14 21.11
C6 NAG GB . -33.13 -39.15 21.69
C7 NAG GB . -27.18 -38.47 19.46
C8 NAG GB . -25.74 -38.08 19.25
N2 NAG GB . -27.67 -38.09 20.67
O3 NAG GB . -28.38 -40.36 22.24
O4 NAG GB . -31.08 -41.28 22.00
O5 NAG GB . -31.34 -37.78 21.01
O6 NAG GB . -33.15 -38.44 22.90
O7 NAG GB . -27.81 -39.06 18.59
C1 NAG HB . -45.82 -22.34 -22.06
C2 NAG HB . -46.49 -22.93 -23.30
C3 NAG HB . -47.76 -22.16 -23.64
C4 NAG HB . -48.68 -22.12 -22.42
C5 NAG HB . -47.91 -21.57 -21.20
C6 NAG HB . -48.73 -21.61 -19.94
C7 NAG HB . -44.78 -23.94 -24.79
C8 NAG HB . -43.94 -23.69 -26.00
N2 NAG HB . -45.59 -22.92 -24.44
O3 NAG HB . -48.42 -22.78 -24.72
O4 NAG HB . -49.79 -21.30 -22.69
O5 NAG HB . -46.75 -22.34 -20.98
O6 NAG HB . -48.98 -22.95 -19.58
O7 NAG HB . -44.73 -24.99 -24.17
C1 NAG IB . -28.52 -12.48 33.72
C2 NAG IB . -29.37 -11.25 34.10
C3 NAG IB . -30.82 -11.65 34.32
C4 NAG IB . -31.35 -12.41 33.09
C5 NAG IB . -30.41 -13.58 32.76
C6 NAG IB . -30.80 -14.29 31.48
C7 NAG IB . -28.63 -11.04 36.51
C8 NAG IB . -28.03 -10.02 37.44
N2 NAG IB . -28.82 -10.58 35.25
O3 NAG IB . -31.59 -10.50 34.54
O4 NAG IB . -32.64 -12.90 33.35
O5 NAG IB . -29.09 -13.11 32.59
O6 NAG IB . -30.35 -13.56 30.37
O7 NAG IB . -28.92 -12.15 36.92
C1 NAG JB . -33.57 -32.95 42.16
C2 NAG JB . -34.63 -31.91 41.72
C3 NAG JB . -36.00 -32.58 41.59
C4 NAG JB . -35.88 -33.80 40.66
C5 NAG JB . -34.77 -34.73 41.14
C6 NAG JB . -34.53 -35.90 40.21
C7 NAG JB . -34.05 -29.64 42.51
C8 NAG JB . -34.27 -28.65 43.63
N2 NAG JB . -34.69 -30.81 42.65
O3 NAG JB . -36.91 -31.65 41.07
O4 NAG JB . -37.11 -34.49 40.65
O5 NAG JB . -33.55 -34.02 41.23
O6 NAG JB . -33.86 -36.93 40.90
O7 NAG JB . -33.33 -29.36 41.56
#